data_4R28
#
_entry.id   4R28
#
_cell.length_a   88.544
_cell.length_b   88.544
_cell.length_c   511.971
_cell.angle_alpha   90.00
_cell.angle_beta   90.00
_cell.angle_gamma   120.00
#
_symmetry.space_group_name_H-M   'P 61'
#
loop_
_entity.id
_entity.type
_entity.pdbx_description
1 polymer 'Restriction endonuclease'
2 polymer 'DNA (25-MER)'
3 polymer 'DNA (26-MER)'
#
loop_
_entity_poly.entity_id
_entity_poly.type
_entity_poly.pdbx_seq_one_letter_code
_entity_poly.pdbx_strand_id
1 'polypeptide(L)'
;MNGPKADIAWAASAEVANKPRLVFVGDELRYAQGANQRDVELDGFVNYHWLTSPGGLGLPKVMLEAGINAPAEVVGPDRS
RRALIAIRSSPWKAGHETNPWHDEFDLDHGHVRYFGDHKPSTVGLPGETKGNRLLLEAARLHAGTTREERLLAPPLFLFR
AVTVHRAGRAVVKGHVEFCGAAIIERLEHVVQRDPETGRSFPNLSLDLAVVSGGEIDGVDFRWIDDRRNAALAAGETLRH
APESWIRWVRQGRLAIPGIRRRVLASAVQSSKEQQPASGSAEAATLQTLYKFYDGRKHAFELLASRVAAEVFRESGARYK
EGWLSRSSGDGGVDFIGRIDMGSLKASTPVVVLGQAKCIQPTSSVSPEQVARVVARLRRGWIGVYVTTGSFSRQAQVEII
DDQYPVVLIAGGTLAATVRRMVQANYGGDLDALLASTVDEYGAAVTHRRPEEVISL
;
A,B,C,D
2 'polydeoxyribonucleotide'
;(DA)(DG)(DC)(DC)(5CM)(DG)(DG)(DG)(DA)(DA)(DA)(DT)(DC)(DT)(DC)(DT)(DG)(DC)(DT)
(DG)(DC)(DA)(DG)(DA)(DA)(DG)(DG)
;
X
3 'polydeoxyribonucleotide'
;(DC)(DC)(DT)(DT)(DC)(DT)(DG)(DC)(DA)(DG)(DC)(DA)(DG)(DA)(DG)(DA)(DT)(DT)(DT)(DC)
(DC)(DC)(DG)(DG)(DG)(DC)(DT)
;
Y
#
loop_
_chem_comp.id
_chem_comp.type
_chem_comp.name
_chem_comp.formula
5CM DNA linking 5-METHYL-2'-DEOXY-CYTIDINE-5'-MONOPHOSPHATE 'C10 H16 N3 O7 P'
DA DNA linking 2'-DEOXYADENOSINE-5'-MONOPHOSPHATE 'C10 H14 N5 O6 P'
DC DNA linking 2'-DEOXYCYTIDINE-5'-MONOPHOSPHATE 'C9 H14 N3 O7 P'
DG DNA linking 2'-DEOXYGUANOSINE-5'-MONOPHOSPHATE 'C10 H14 N5 O7 P'
DT DNA linking THYMIDINE-5'-MONOPHOSPHATE 'C10 H15 N2 O8 P'
#
# COMPACT_ATOMS: atom_id res chain seq x y z
N ILE A 8 -12.82 -60.82 13.72
CA ILE A 8 -11.39 -60.89 13.44
C ILE A 8 -10.92 -59.64 12.71
N ALA A 9 -11.46 -58.48 13.10
CA ALA A 9 -11.10 -57.22 12.46
C ALA A 9 -10.08 -56.45 13.30
N TRP A 10 -9.60 -57.07 14.36
CA TRP A 10 -8.64 -56.44 15.26
C TRP A 10 -7.24 -56.44 14.66
N ALA A 11 -6.82 -57.58 14.12
CA ALA A 11 -5.49 -57.73 13.54
C ALA A 11 -5.30 -56.78 12.37
N ALA A 12 -6.34 -56.64 11.55
CA ALA A 12 -6.29 -55.73 10.40
C ALA A 12 -6.17 -54.29 10.89
N SER A 13 -6.82 -53.98 12.00
CA SER A 13 -6.76 -52.65 12.59
C SER A 13 -5.35 -52.33 13.10
N ALA A 14 -4.74 -53.31 13.77
CA ALA A 14 -3.37 -53.17 14.24
C ALA A 14 -2.43 -52.98 13.06
N GLU A 15 -2.69 -53.74 11.99
CA GLU A 15 -1.96 -53.60 10.74
C GLU A 15 -2.05 -52.18 10.21
N VAL A 16 -3.26 -51.62 10.23
CA VAL A 16 -3.50 -50.26 9.79
C VAL A 16 -2.72 -49.27 10.65
N ALA A 17 -2.70 -49.51 11.95
CA ALA A 17 -2.04 -48.60 12.89
C ALA A 17 -0.53 -48.64 12.78
N ASN A 18 0.03 -49.79 12.43
CA ASN A 18 1.48 -49.93 12.35
C ASN A 18 2.08 -49.27 11.11
N LYS A 19 1.48 -49.51 9.96
CA LYS A 19 1.98 -48.96 8.71
C LYS A 19 1.29 -47.65 8.34
N PRO A 20 2.09 -46.63 7.99
CA PRO A 20 1.59 -45.30 7.62
C PRO A 20 0.69 -45.32 6.39
N ARG A 21 -0.45 -44.63 6.48
CA ARG A 21 -1.37 -44.49 5.36
C ARG A 21 -1.48 -43.03 4.95
N LEU A 22 -0.87 -42.69 3.81
CA LEU A 22 -0.73 -41.29 3.41
C LEU A 22 -1.49 -40.96 2.12
N VAL A 23 -2.04 -39.76 2.06
CA VAL A 23 -2.61 -39.21 0.84
C VAL A 23 -1.84 -37.95 0.49
N PHE A 24 -1.75 -37.63 -0.80
CA PHE A 24 -0.97 -36.48 -1.25
C PHE A 24 -1.82 -35.53 -2.10
N VAL A 25 -1.53 -34.24 -1.98
CA VAL A 25 -2.24 -33.22 -2.75
C VAL A 25 -1.84 -33.26 -4.22
N GLY A 26 -2.83 -33.40 -5.10
CA GLY A 26 -2.58 -33.46 -6.52
C GLY A 26 -2.66 -34.88 -7.06
N ASP A 27 -2.97 -35.82 -6.18
CA ASP A 27 -3.07 -37.23 -6.57
C ASP A 27 -4.44 -37.51 -7.19
N GLU A 28 -4.45 -38.41 -8.17
CA GLU A 28 -5.69 -38.78 -8.85
C GLU A 28 -6.25 -40.08 -8.28
N LEU A 29 -7.49 -40.00 -7.79
CA LEU A 29 -8.11 -41.14 -7.12
C LEU A 29 -9.34 -41.65 -7.88
N ARG A 30 -9.56 -42.95 -7.84
CA ARG A 30 -10.71 -43.58 -8.48
C ARG A 30 -11.87 -43.71 -7.50
N TYR A 31 -13.00 -43.11 -7.84
CA TYR A 31 -14.18 -43.17 -6.99
C TYR A 31 -15.34 -43.87 -7.69
N ALA A 32 -15.83 -44.95 -7.08
CA ALA A 32 -16.96 -45.69 -7.62
C ALA A 32 -18.03 -45.90 -6.55
N GLN A 33 -19.28 -45.70 -6.92
CA GLN A 33 -20.39 -45.82 -5.97
C GLN A 33 -20.65 -47.27 -5.59
N GLY A 34 -20.33 -48.19 -6.50
CA GLY A 34 -20.56 -49.60 -6.26
C GLY A 34 -19.28 -50.37 -5.95
N ALA A 35 -18.25 -49.65 -5.52
CA ALA A 35 -16.98 -50.27 -5.20
C ALA A 35 -17.00 -50.91 -3.81
N ASN A 36 -15.87 -51.47 -3.40
CA ASN A 36 -15.77 -52.11 -2.10
C ASN A 36 -14.63 -51.51 -1.26
N GLN A 37 -14.64 -51.80 0.04
CA GLN A 37 -13.62 -51.31 0.94
C GLN A 37 -12.43 -52.26 0.99
N ARG A 38 -12.52 -53.35 0.24
CA ARG A 38 -11.49 -54.38 0.25
C ARG A 38 -10.32 -54.06 -0.66
N ASP A 39 -10.61 -53.87 -1.95
CA ASP A 39 -9.57 -53.61 -2.94
C ASP A 39 -8.78 -52.34 -2.64
N VAL A 40 -7.46 -52.46 -2.66
CA VAL A 40 -6.58 -51.33 -2.35
C VAL A 40 -6.58 -50.30 -3.48
N GLU A 41 -6.39 -50.76 -4.71
CA GLU A 41 -6.37 -49.88 -5.87
C GLU A 41 -7.23 -50.41 -7.01
N LEU A 42 -7.82 -49.51 -7.78
CA LEU A 42 -8.65 -49.90 -8.91
C LEU A 42 -8.19 -49.23 -10.20
N ASP A 43 -8.00 -50.04 -11.24
CA ASP A 43 -7.57 -49.57 -12.56
C ASP A 43 -6.27 -48.79 -12.50
N GLY A 44 -5.35 -49.23 -11.64
CA GLY A 44 -4.05 -48.59 -11.51
C GLY A 44 -4.03 -47.48 -10.48
N PHE A 45 -5.20 -46.92 -10.19
CA PHE A 45 -5.31 -45.83 -9.23
C PHE A 45 -5.81 -46.34 -7.88
N VAL A 46 -5.28 -45.77 -6.79
CA VAL A 46 -5.69 -46.17 -5.45
C VAL A 46 -7.14 -45.81 -5.19
N ASN A 47 -7.83 -46.67 -4.45
CA ASN A 47 -9.26 -46.52 -4.20
C ASN A 47 -9.59 -45.50 -3.12
N TYR A 48 -10.68 -44.78 -3.30
CA TYR A 48 -11.13 -43.77 -2.35
C TYR A 48 -11.63 -44.40 -1.05
N HIS A 49 -12.54 -45.36 -1.18
CA HIS A 49 -13.14 -46.01 -0.02
C HIS A 49 -12.11 -46.76 0.81
N TRP A 50 -11.16 -47.39 0.13
CA TRP A 50 -10.09 -48.12 0.81
C TRP A 50 -9.25 -47.20 1.68
N LEU A 51 -9.02 -45.99 1.18
CA LEU A 51 -8.23 -45.00 1.91
C LEU A 51 -9.04 -44.38 3.05
N THR A 52 -10.33 -44.16 2.80
CA THR A 52 -11.20 -43.55 3.80
C THR A 52 -11.39 -44.49 4.99
N SER A 53 -11.78 -45.73 4.70
CA SER A 53 -11.95 -46.75 5.74
C SER A 53 -11.73 -48.14 5.16
N PRO A 54 -10.77 -48.89 5.72
CA PRO A 54 -10.48 -50.25 5.27
C PRO A 54 -11.59 -51.22 5.63
N GLY A 55 -11.63 -52.38 4.97
CA GLY A 55 -12.64 -53.38 5.22
C GLY A 55 -12.44 -54.06 6.57
N GLY A 56 -11.22 -53.97 7.10
CA GLY A 56 -10.89 -54.57 8.38
C GLY A 56 -11.11 -53.63 9.54
N LEU A 57 -11.65 -52.45 9.25
CA LEU A 57 -11.93 -51.46 10.28
C LEU A 57 -13.28 -51.72 10.94
N GLY A 58 -14.23 -52.20 10.14
CA GLY A 58 -15.58 -52.45 10.62
C GLY A 58 -16.46 -51.23 10.52
N LEU A 59 -15.89 -50.15 9.99
CA LEU A 59 -16.63 -48.89 9.83
C LEU A 59 -17.55 -48.95 8.62
N PRO A 60 -18.77 -48.41 8.76
CA PRO A 60 -19.77 -48.36 7.68
C PRO A 60 -19.26 -47.64 6.44
N LYS A 61 -19.85 -47.95 5.29
CA LYS A 61 -19.43 -47.33 4.03
C LYS A 61 -19.82 -45.86 3.98
N VAL A 62 -18.82 -45.01 3.77
CA VAL A 62 -19.04 -43.57 3.68
C VAL A 62 -19.40 -43.15 2.25
N MET A 63 -20.50 -42.42 2.11
CA MET A 63 -20.97 -41.99 0.80
C MET A 63 -20.45 -40.60 0.45
N LEU A 64 -20.20 -40.36 -0.83
CA LEU A 64 -19.68 -39.08 -1.30
C LEU A 64 -20.26 -38.70 -2.66
N GLU A 65 -21.02 -37.62 -2.70
CA GLU A 65 -21.62 -37.15 -3.94
C GLU A 65 -21.38 -35.66 -4.16
N ALA A 66 -21.94 -35.11 -5.23
CA ALA A 66 -21.76 -33.71 -5.58
C ALA A 66 -22.25 -32.77 -4.47
N GLY A 67 -21.43 -31.77 -4.16
CA GLY A 67 -21.77 -30.83 -3.10
C GLY A 67 -21.22 -31.26 -1.76
N ILE A 68 -21.91 -30.88 -0.69
CA ILE A 68 -21.47 -31.21 0.66
C ILE A 68 -21.94 -32.60 1.08
N ASN A 69 -21.02 -33.41 1.57
CA ASN A 69 -21.33 -34.75 2.06
C ASN A 69 -20.76 -35.00 3.45
N ALA A 70 -21.63 -35.27 4.40
CA ALA A 70 -21.21 -35.48 5.78
C ALA A 70 -21.62 -36.87 6.28
N PRO A 71 -20.64 -37.65 6.77
CA PRO A 71 -20.90 -38.97 7.33
C PRO A 71 -21.67 -38.88 8.66
N ALA A 72 -22.13 -40.01 9.16
CA ALA A 72 -22.92 -40.05 10.40
C ALA A 72 -22.11 -39.53 11.58
N GLU A 73 -22.81 -38.98 12.57
CA GLU A 73 -22.17 -38.43 13.76
C GLU A 73 -21.54 -39.52 14.61
N VAL A 74 -20.53 -39.16 15.39
CA VAL A 74 -19.80 -40.11 16.22
C VAL A 74 -19.79 -39.64 17.68
N VAL A 75 -19.84 -40.58 18.61
CA VAL A 75 -19.77 -40.24 20.02
C VAL A 75 -18.44 -40.64 20.64
N GLY A 76 -17.59 -39.66 20.90
CA GLY A 76 -16.38 -39.89 21.65
C GLY A 76 -16.74 -40.04 23.12
N PRO A 77 -15.92 -40.77 23.89
CA PRO A 77 -16.18 -41.00 25.31
C PRO A 77 -16.36 -39.70 26.07
N ASP A 78 -15.52 -38.71 25.75
CA ASP A 78 -15.61 -37.39 26.35
C ASP A 78 -16.90 -36.68 25.92
N ARG A 79 -17.18 -36.69 24.62
CA ARG A 79 -18.37 -36.05 24.09
C ARG A 79 -18.67 -36.51 22.66
N SER A 80 -19.91 -36.32 22.23
CA SER A 80 -20.30 -36.62 20.86
C SER A 80 -19.53 -35.71 19.90
N ARG A 81 -18.98 -36.29 18.84
CA ARG A 81 -18.10 -35.53 17.96
C ARG A 81 -18.41 -35.72 16.47
N ARG A 82 -18.10 -34.70 15.68
CA ARG A 82 -18.18 -34.80 14.24
C ARG A 82 -16.79 -35.12 13.69
N ALA A 83 -16.67 -36.27 13.05
CA ALA A 83 -15.38 -36.75 12.55
C ALA A 83 -14.84 -35.85 11.44
N LEU A 84 -15.44 -35.96 10.26
CA LEU A 84 -14.98 -35.20 9.10
C LEU A 84 -16.13 -34.66 8.26
N ILE A 85 -15.80 -33.83 7.28
CA ILE A 85 -16.77 -33.39 6.29
C ILE A 85 -16.16 -33.48 4.89
N ALA A 86 -16.72 -34.36 4.06
CA ALA A 86 -16.23 -34.51 2.69
C ALA A 86 -16.95 -33.52 1.77
N ILE A 87 -16.21 -32.94 0.84
CA ILE A 87 -16.79 -31.93 -0.04
C ILE A 87 -16.43 -32.17 -1.50
N ARG A 88 -17.42 -32.51 -2.32
CA ARG A 88 -17.18 -32.68 -3.75
C ARG A 88 -17.51 -31.42 -4.54
N SER A 89 -16.51 -30.86 -5.20
CA SER A 89 -16.71 -29.68 -6.03
C SER A 89 -16.43 -29.99 -7.50
N SER A 90 -17.46 -29.91 -8.33
CA SER A 90 -17.30 -30.06 -9.77
C SER A 90 -18.09 -28.97 -10.49
N PRO A 91 -17.43 -28.25 -11.41
CA PRO A 91 -18.10 -27.18 -12.17
C PRO A 91 -19.29 -27.69 -12.97
N TRP A 92 -19.23 -28.97 -13.34
CA TRP A 92 -20.23 -29.60 -14.21
C TRP A 92 -20.34 -28.85 -15.53
N LYS A 93 -19.31 -28.08 -15.83
CA LYS A 93 -19.38 -27.16 -16.96
C LYS A 93 -19.15 -27.89 -18.28
N ALA A 94 -18.16 -28.77 -18.28
CA ALA A 94 -17.58 -29.31 -19.51
C ALA A 94 -17.07 -28.14 -20.34
N GLY A 95 -16.65 -27.09 -19.64
CA GLY A 95 -16.15 -25.89 -20.28
C GLY A 95 -17.23 -24.88 -20.63
N HIS A 96 -18.45 -25.15 -20.21
CA HIS A 96 -19.59 -24.33 -20.60
C HIS A 96 -20.24 -23.61 -19.42
N GLU A 97 -19.49 -23.45 -18.33
CA GLU A 97 -20.03 -22.79 -17.15
C GLU A 97 -20.33 -21.32 -17.39
N THR A 98 -21.51 -20.89 -16.96
CA THR A 98 -21.86 -19.48 -16.97
C THR A 98 -22.17 -19.05 -15.54
N ASN A 99 -22.01 -19.99 -14.62
CA ASN A 99 -22.28 -19.76 -13.21
C ASN A 99 -21.19 -18.90 -12.59
N PRO A 100 -21.52 -17.65 -12.24
CA PRO A 100 -20.55 -16.70 -11.69
C PRO A 100 -20.16 -17.05 -10.26
N TRP A 101 -21.11 -17.60 -9.51
CA TRP A 101 -20.88 -17.99 -8.13
C TRP A 101 -20.34 -19.41 -8.03
N HIS A 102 -19.74 -19.90 -9.11
CA HIS A 102 -19.10 -21.19 -9.08
C HIS A 102 -17.88 -21.11 -8.17
N ASP A 103 -17.54 -22.22 -7.53
CA ASP A 103 -16.46 -22.25 -6.55
C ASP A 103 -15.11 -21.97 -7.20
N GLU A 104 -14.24 -21.27 -6.49
CA GLU A 104 -12.94 -20.90 -7.03
C GLU A 104 -11.80 -21.51 -6.21
N PHE A 105 -10.71 -21.87 -6.89
CA PHE A 105 -9.58 -22.48 -6.22
C PHE A 105 -8.26 -21.78 -6.54
N ASP A 106 -7.52 -21.39 -5.50
CA ASP A 106 -6.14 -20.97 -5.68
C ASP A 106 -5.26 -21.67 -4.66
N LEU A 107 -4.58 -22.71 -5.09
CA LEU A 107 -3.79 -23.55 -4.19
C LEU A 107 -2.35 -23.04 -4.09
N ASP A 108 -2.00 -22.10 -4.96
CA ASP A 108 -0.68 -21.48 -4.91
C ASP A 108 -0.54 -20.63 -3.66
N HIS A 109 -1.63 -19.96 -3.29
CA HIS A 109 -1.65 -19.14 -2.08
C HIS A 109 -2.46 -19.81 -0.98
N GLY A 110 -3.14 -20.90 -1.34
CA GLY A 110 -3.85 -21.71 -0.36
C GLY A 110 -5.22 -21.20 0.02
N HIS A 111 -5.82 -20.37 -0.83
CA HIS A 111 -7.16 -19.86 -0.57
C HIS A 111 -8.19 -20.52 -1.50
N VAL A 112 -9.35 -20.85 -0.93
CA VAL A 112 -10.43 -21.48 -1.68
C VAL A 112 -11.79 -20.85 -1.36
N ARG A 113 -12.51 -20.50 -2.41
CA ARG A 113 -13.87 -19.98 -2.31
C ARG A 113 -14.88 -21.09 -2.55
N TYR A 114 -15.58 -21.50 -1.50
CA TYR A 114 -16.60 -22.54 -1.62
C TYR A 114 -18.00 -21.96 -1.49
N PHE A 115 -19.00 -22.65 -2.04
CA PHE A 115 -20.37 -22.19 -2.02
C PHE A 115 -21.34 -23.27 -1.53
N GLY A 116 -22.40 -22.85 -0.86
CA GLY A 116 -23.34 -23.77 -0.24
C GLY A 116 -24.17 -24.59 -1.20
N ASP A 117 -24.93 -25.53 -0.65
CA ASP A 117 -25.78 -26.41 -1.44
C ASP A 117 -27.22 -25.91 -1.51
N HIS A 118 -27.43 -24.66 -1.11
CA HIS A 118 -28.77 -24.08 -1.12
C HIS A 118 -29.31 -23.99 -2.54
N LYS A 119 -30.61 -24.25 -2.69
CA LYS A 119 -31.23 -24.29 -4.00
C LYS A 119 -32.34 -23.24 -4.11
N PRO A 120 -32.66 -22.81 -5.35
CA PRO A 120 -33.74 -21.86 -5.58
C PRO A 120 -35.10 -22.34 -5.04
N SER A 121 -35.42 -23.61 -5.28
CA SER A 121 -36.69 -24.17 -4.85
C SER A 121 -36.68 -24.42 -3.35
N THR A 122 -35.49 -24.52 -2.76
CA THR A 122 -35.35 -24.66 -1.32
C THR A 122 -35.86 -23.38 -0.64
N VAL A 123 -36.90 -23.53 0.16
CA VAL A 123 -37.58 -22.38 0.77
C VAL A 123 -36.98 -21.99 2.12
N GLY A 124 -37.57 -20.99 2.75
CA GLY A 124 -37.12 -20.51 4.04
C GLY A 124 -35.79 -19.77 3.94
N LEU A 125 -35.31 -19.29 5.09
CA LEU A 125 -34.02 -18.61 5.14
C LEU A 125 -32.89 -19.65 5.14
N PRO A 126 -31.80 -19.35 4.42
CA PRO A 126 -30.66 -20.27 4.33
C PRO A 126 -29.95 -20.45 5.66
N GLY A 127 -29.55 -21.68 5.96
CA GLY A 127 -29.79 -22.80 5.08
C GLY A 127 -30.89 -23.72 5.56
N GLU A 128 -31.74 -24.15 4.63
CA GLU A 128 -32.79 -25.11 4.93
C GLU A 128 -32.39 -26.50 4.45
N THR A 129 -31.18 -26.60 3.92
CA THR A 129 -30.67 -27.87 3.42
C THR A 129 -29.66 -28.46 4.39
N LYS A 130 -29.40 -29.76 4.27
CA LYS A 130 -28.47 -30.47 5.13
C LYS A 130 -27.08 -29.83 5.13
N GLY A 131 -26.49 -29.76 3.95
CA GLY A 131 -25.14 -29.27 3.77
C GLY A 131 -24.88 -27.93 4.42
N ASN A 132 -25.75 -26.96 4.17
CA ASN A 132 -25.61 -25.63 4.76
C ASN A 132 -25.64 -25.62 6.28
N ARG A 133 -26.58 -26.38 6.85
CA ARG A 133 -26.74 -26.43 8.30
C ARG A 133 -25.55 -27.10 8.98
N LEU A 134 -25.15 -28.26 8.47
CA LEU A 134 -24.00 -28.97 9.03
C LEU A 134 -22.72 -28.17 8.78
N LEU A 135 -22.77 -27.28 7.79
CA LEU A 135 -21.65 -26.38 7.51
C LEU A 135 -21.67 -25.22 8.48
N LEU A 136 -22.84 -24.91 9.03
CA LEU A 136 -22.96 -23.89 10.06
C LEU A 136 -22.43 -24.45 11.38
N GLU A 137 -22.73 -25.72 11.62
CA GLU A 137 -22.17 -26.42 12.79
C GLU A 137 -20.66 -26.51 12.66
N ALA A 138 -20.20 -26.89 11.46
CA ALA A 138 -18.78 -27.01 11.16
C ALA A 138 -18.06 -25.68 11.35
N ALA A 139 -18.65 -24.60 10.86
CA ALA A 139 -18.07 -23.27 10.99
C ALA A 139 -18.07 -22.83 12.45
N ARG A 140 -19.12 -23.20 13.17
CA ARG A 140 -19.22 -22.93 14.60
C ARG A 140 -18.05 -23.56 15.33
N LEU A 141 -17.72 -24.80 14.97
CA LEU A 141 -16.57 -25.48 15.55
C LEU A 141 -15.26 -24.91 15.04
N HIS A 142 -15.29 -24.34 13.83
CA HIS A 142 -14.08 -23.81 13.21
C HIS A 142 -13.61 -22.53 13.89
N ALA A 143 -14.49 -21.53 13.95
CA ALA A 143 -14.17 -20.32 14.69
C ALA A 143 -13.96 -20.68 16.15
N GLY A 144 -15.03 -21.15 16.80
CA GLY A 144 -14.93 -21.78 18.10
C GLY A 144 -14.35 -20.95 19.22
N THR A 145 -14.12 -21.61 20.36
CA THR A 145 -13.51 -20.98 21.52
C THR A 145 -12.89 -22.03 22.44
N THR A 146 -11.78 -21.68 23.08
CA THR A 146 -11.00 -22.60 23.92
C THR A 146 -10.40 -23.72 23.10
N ARG A 147 -9.46 -24.46 23.68
CA ARG A 147 -8.79 -25.54 22.99
C ARG A 147 -9.69 -26.76 22.82
N GLU A 148 -10.54 -27.00 23.82
CA GLU A 148 -11.38 -28.19 23.85
C GLU A 148 -12.29 -28.26 22.62
N GLU A 149 -12.79 -27.10 22.19
CA GLU A 149 -13.64 -27.02 21.02
C GLU A 149 -12.84 -27.22 19.74
N ARG A 150 -11.60 -26.76 19.75
CA ARG A 150 -10.71 -26.90 18.60
C ARG A 150 -10.34 -28.36 18.37
N LEU A 151 -10.21 -29.11 19.45
CA LEU A 151 -9.94 -30.54 19.35
C LEU A 151 -11.06 -31.29 18.66
N LEU A 152 -12.29 -30.93 19.00
CA LEU A 152 -13.46 -31.62 18.49
C LEU A 152 -13.96 -31.02 17.18
N ALA A 153 -13.27 -29.99 16.71
CA ALA A 153 -13.66 -29.32 15.47
C ALA A 153 -13.41 -30.20 14.25
N PRO A 154 -14.48 -30.54 13.53
CA PRO A 154 -14.39 -31.45 12.37
C PRO A 154 -13.67 -30.82 11.16
N PRO A 155 -12.62 -31.49 10.67
CA PRO A 155 -11.90 -31.06 9.47
C PRO A 155 -12.75 -31.17 8.21
N LEU A 156 -12.50 -30.28 7.26
CA LEU A 156 -13.18 -30.30 5.97
C LEU A 156 -12.22 -30.67 4.87
N PHE A 157 -12.52 -31.76 4.16
CA PHE A 157 -11.65 -32.24 3.09
C PHE A 157 -12.25 -31.99 1.72
N LEU A 158 -11.43 -31.43 0.83
CA LEU A 158 -11.87 -31.02 -0.49
C LEU A 158 -11.50 -32.04 -1.56
N PHE A 159 -12.50 -32.44 -2.35
CA PHE A 159 -12.32 -33.37 -3.45
C PHE A 159 -12.85 -32.72 -4.73
N ARG A 160 -12.02 -32.67 -5.76
CA ARG A 160 -12.42 -31.98 -6.99
C ARG A 160 -12.32 -32.87 -8.23
N ALA A 161 -13.41 -32.94 -8.99
CA ALA A 161 -13.45 -33.72 -10.21
C ALA A 161 -12.40 -33.25 -11.21
N VAL A 162 -11.55 -34.17 -11.65
CA VAL A 162 -10.46 -33.83 -12.56
C VAL A 162 -10.38 -34.75 -13.76
N THR A 163 -9.71 -34.29 -14.81
CA THR A 163 -9.52 -35.07 -16.02
C THR A 163 -8.20 -35.83 -15.95
N VAL A 164 -8.27 -37.15 -16.07
CA VAL A 164 -7.09 -37.99 -15.97
C VAL A 164 -6.82 -38.76 -17.27
N HIS A 165 -5.70 -39.49 -17.29
CA HIS A 165 -5.33 -40.29 -18.45
C HIS A 165 -4.92 -41.70 -18.03
N ARG A 166 -5.59 -42.70 -18.60
CA ARG A 166 -5.32 -44.09 -18.22
C ARG A 166 -5.14 -45.00 -19.43
N ALA A 167 -3.90 -45.43 -19.63
CA ALA A 167 -3.55 -46.39 -20.68
C ALA A 167 -4.00 -45.94 -22.08
N GLY A 168 -3.52 -44.78 -22.51
CA GLY A 168 -3.84 -44.26 -23.82
C GLY A 168 -5.27 -43.80 -23.97
N ARG A 169 -5.99 -43.75 -22.85
CA ARG A 169 -7.38 -43.33 -22.85
C ARG A 169 -7.62 -42.29 -21.76
N ALA A 170 -8.49 -41.33 -22.04
CA ALA A 170 -8.76 -40.25 -21.10
C ALA A 170 -10.25 -39.97 -20.95
N VAL A 171 -10.75 -40.10 -19.73
CA VAL A 171 -12.14 -39.78 -19.42
C VAL A 171 -12.21 -38.83 -18.23
N VAL A 172 -12.95 -37.75 -18.39
CA VAL A 172 -13.04 -36.71 -17.35
C VAL A 172 -13.69 -37.23 -16.07
N LYS A 173 -14.88 -37.82 -16.19
CA LYS A 173 -15.59 -38.32 -15.03
C LYS A 173 -15.09 -39.70 -14.61
N GLY A 174 -15.27 -40.02 -13.33
CA GLY A 174 -14.83 -41.30 -12.81
C GLY A 174 -13.70 -41.18 -11.81
N HIS A 175 -13.08 -40.00 -11.76
CA HIS A 175 -11.98 -39.75 -10.84
C HIS A 175 -12.22 -38.52 -9.98
N VAL A 176 -11.30 -38.27 -9.05
CA VAL A 176 -11.38 -37.11 -8.17
C VAL A 176 -9.99 -36.77 -7.64
N GLU A 177 -9.80 -35.54 -7.16
CA GLU A 177 -8.50 -35.12 -6.65
C GLU A 177 -8.60 -34.63 -5.21
N PHE A 178 -7.51 -34.80 -4.47
CA PHE A 178 -7.41 -34.41 -3.07
C PHE A 178 -6.80 -33.01 -2.96
N CYS A 179 -7.60 -32.05 -2.53
CA CYS A 179 -7.15 -30.66 -2.46
C CYS A 179 -6.65 -30.28 -1.08
N GLY A 180 -6.75 -31.21 -0.13
CA GLY A 180 -6.25 -30.97 1.22
C GLY A 180 -7.32 -30.64 2.23
N ALA A 181 -6.94 -30.65 3.51
CA ALA A 181 -7.85 -30.29 4.59
C ALA A 181 -7.83 -28.79 4.83
N ALA A 182 -9.00 -28.16 4.87
CA ALA A 182 -9.08 -26.72 5.01
C ALA A 182 -9.94 -26.30 6.20
N ILE A 183 -9.76 -25.06 6.64
CA ILE A 183 -10.54 -24.48 7.72
C ILE A 183 -11.24 -23.22 7.24
N ILE A 184 -12.53 -23.09 7.56
CA ILE A 184 -13.31 -21.94 7.13
C ILE A 184 -12.85 -20.66 7.81
N GLU A 185 -12.38 -19.70 7.02
CA GLU A 185 -11.96 -18.41 7.55
C GLU A 185 -13.17 -17.52 7.81
N ARG A 186 -13.94 -17.24 6.78
CA ARG A 186 -15.11 -16.38 6.94
C ARG A 186 -16.32 -16.86 6.13
N LEU A 187 -17.51 -16.47 6.58
CA LEU A 187 -18.76 -16.86 5.94
C LEU A 187 -19.66 -15.64 5.73
N GLU A 188 -20.09 -15.43 4.48
CA GLU A 188 -20.93 -14.29 4.14
C GLU A 188 -22.24 -14.72 3.50
N HIS A 189 -23.18 -13.78 3.42
CA HIS A 189 -24.44 -14.02 2.73
C HIS A 189 -24.43 -13.39 1.34
N VAL A 190 -24.88 -14.14 0.35
CA VAL A 190 -24.86 -13.67 -1.03
C VAL A 190 -26.10 -14.11 -1.79
N VAL A 191 -26.43 -13.40 -2.87
CA VAL A 191 -27.58 -13.75 -3.70
C VAL A 191 -27.10 -14.23 -5.07
N GLN A 192 -27.55 -15.41 -5.48
CA GLN A 192 -27.12 -15.99 -6.74
C GLN A 192 -28.26 -16.02 -7.76
N ARG A 193 -27.89 -16.04 -9.04
CA ARG A 193 -28.86 -16.01 -10.13
C ARG A 193 -28.47 -16.94 -11.29
N ASP A 194 -29.45 -17.67 -11.81
CA ASP A 194 -29.24 -18.49 -12.99
C ASP A 194 -29.09 -17.61 -14.22
N PRO A 195 -27.97 -17.77 -14.96
CA PRO A 195 -27.65 -16.98 -16.14
C PRO A 195 -28.66 -17.15 -17.27
N GLU A 196 -29.01 -18.39 -17.59
CA GLU A 196 -29.94 -18.67 -18.67
C GLU A 196 -31.34 -18.13 -18.39
N THR A 197 -31.90 -18.52 -17.26
CA THR A 197 -33.24 -18.07 -16.89
C THR A 197 -33.20 -17.13 -15.70
N GLY A 198 -33.78 -15.94 -15.88
CA GLY A 198 -33.75 -14.90 -14.86
C GLY A 198 -34.46 -15.27 -13.57
N ARG A 199 -33.67 -15.38 -12.50
CA ARG A 199 -34.20 -15.67 -11.17
C ARG A 199 -33.22 -15.21 -10.11
N SER A 200 -33.51 -15.49 -8.85
CA SER A 200 -32.63 -15.12 -7.75
C SER A 200 -32.92 -15.94 -6.50
N PHE A 201 -31.86 -16.38 -5.82
CA PHE A 201 -32.01 -17.13 -4.59
C PHE A 201 -30.86 -16.87 -3.62
N PRO A 202 -31.17 -16.83 -2.31
CA PRO A 202 -30.16 -16.61 -1.28
C PRO A 202 -29.27 -17.84 -1.06
N ASN A 203 -28.00 -17.60 -0.75
CA ASN A 203 -27.05 -18.68 -0.50
C ASN A 203 -25.85 -18.15 0.29
N LEU A 204 -25.18 -19.04 1.02
CA LEU A 204 -24.02 -18.65 1.81
C LEU A 204 -22.72 -18.90 1.05
N SER A 205 -21.80 -17.94 1.15
CA SER A 205 -20.50 -18.05 0.49
C SER A 205 -19.38 -18.13 1.51
N LEU A 206 -18.46 -19.08 1.32
CA LEU A 206 -17.40 -19.32 2.29
C LEU A 206 -16.01 -19.06 1.73
N ASP A 207 -15.24 -18.25 2.45
CA ASP A 207 -13.83 -18.06 2.14
C ASP A 207 -13.01 -18.87 3.14
N LEU A 208 -12.32 -19.90 2.64
CA LEU A 208 -11.55 -20.78 3.52
C LEU A 208 -10.13 -20.99 3.00
N ALA A 209 -9.31 -21.66 3.80
CA ALA A 209 -7.91 -21.86 3.45
C ALA A 209 -7.42 -23.25 3.83
N VAL A 210 -6.65 -23.87 2.93
CA VAL A 210 -6.11 -25.20 3.15
C VAL A 210 -4.79 -25.14 3.93
N VAL A 211 -4.66 -26.00 4.92
CA VAL A 211 -3.46 -26.05 5.75
C VAL A 211 -2.31 -26.73 5.01
N SER A 212 -1.17 -26.86 5.71
CA SER A 212 0.00 -27.53 5.13
C SER A 212 0.21 -28.89 5.79
N GLY A 213 0.78 -29.83 5.02
CA GLY A 213 0.97 -31.18 5.51
C GLY A 213 2.27 -31.40 6.26
N GLY A 214 2.92 -30.32 6.65
CA GLY A 214 4.16 -30.41 7.40
C GLY A 214 5.33 -30.88 6.55
N GLU A 215 5.92 -32.00 6.94
CA GLU A 215 7.03 -32.57 6.19
C GLU A 215 6.61 -32.98 4.80
N ILE A 216 5.42 -33.57 4.70
CA ILE A 216 4.88 -34.02 3.42
C ILE A 216 3.87 -33.03 2.88
N ASP A 217 3.40 -33.26 1.66
CA ASP A 217 2.31 -32.48 1.10
C ASP A 217 1.07 -33.37 0.96
N GLY A 218 0.20 -33.33 1.96
CA GLY A 218 -0.99 -34.17 1.98
C GLY A 218 -1.44 -34.43 3.40
N VAL A 219 -2.12 -35.56 3.62
CA VAL A 219 -2.64 -35.88 4.94
C VAL A 219 -2.43 -37.34 5.30
N ASP A 220 -2.08 -37.59 6.56
CA ASP A 220 -1.96 -38.95 7.07
C ASP A 220 -3.34 -39.46 7.46
N PHE A 221 -3.79 -40.48 6.75
CA PHE A 221 -5.14 -41.02 6.98
C PHE A 221 -5.17 -42.01 8.14
N ARG A 222 -4.01 -42.29 8.72
CA ARG A 222 -3.98 -43.09 9.94
C ARG A 222 -4.53 -42.24 11.09
N TRP A 223 -4.17 -40.97 11.09
CA TRP A 223 -4.73 -40.01 12.04
C TRP A 223 -6.25 -39.89 11.82
N ILE A 224 -6.67 -39.98 10.57
CA ILE A 224 -8.09 -39.97 10.26
C ILE A 224 -8.79 -41.13 10.95
N ASP A 225 -8.17 -42.31 10.87
CA ASP A 225 -8.71 -43.49 11.54
C ASP A 225 -8.70 -43.28 13.05
N ASP A 226 -7.69 -42.59 13.56
CA ASP A 226 -7.59 -42.31 14.99
C ASP A 226 -8.72 -41.41 15.46
N ARG A 227 -9.09 -40.45 14.62
CA ARG A 227 -10.14 -39.48 14.95
C ARG A 227 -11.52 -40.09 14.71
N ARG A 228 -11.62 -40.95 13.69
CA ARG A 228 -12.88 -41.59 13.36
C ARG A 228 -13.24 -42.68 14.37
N ASN A 229 -12.32 -42.97 15.28
CA ASN A 229 -12.54 -43.97 16.31
C ASN A 229 -13.63 -43.54 17.29
N ALA A 230 -14.47 -44.49 17.68
CA ALA A 230 -15.56 -44.20 18.62
C ALA A 230 -15.02 -43.88 20.01
N ALA A 231 -14.20 -44.78 20.55
CA ALA A 231 -13.65 -44.62 21.88
C ALA A 231 -12.21 -44.13 21.84
N LEU A 232 -12.01 -42.84 22.04
CA LEU A 232 -10.67 -42.25 22.01
C LEU A 232 -10.56 -41.07 22.97
N ALA A 233 -9.33 -40.70 23.30
CA ALA A 233 -9.07 -39.59 24.22
C ALA A 233 -9.28 -38.24 23.54
N ALA A 234 -8.96 -37.17 24.25
CA ALA A 234 -9.15 -35.81 23.74
C ALA A 234 -7.97 -35.36 22.89
N GLY A 235 -6.82 -35.17 23.53
CA GLY A 235 -5.63 -34.71 22.84
C GLY A 235 -4.75 -35.84 22.34
N GLU A 236 -5.05 -37.05 22.77
CA GLU A 236 -4.27 -38.22 22.39
C GLU A 236 -4.79 -38.82 21.09
N THR A 237 -5.81 -38.18 20.51
CA THR A 237 -6.41 -38.65 19.27
C THR A 237 -5.45 -38.51 18.09
N LEU A 238 -4.51 -37.59 18.16
CA LEU A 238 -3.66 -37.31 17.01
C LEU A 238 -2.18 -37.39 17.40
N ARG A 239 -1.47 -38.35 16.81
CA ARG A 239 -0.04 -38.53 17.01
C ARG A 239 0.67 -38.47 15.65
N HIS A 240 -0.07 -38.84 14.62
CA HIS A 240 0.44 -38.83 13.25
C HIS A 240 -0.09 -37.63 12.48
N ALA A 241 -0.93 -36.83 13.14
CA ALA A 241 -1.51 -35.64 12.52
C ALA A 241 -0.43 -34.66 12.08
N PRO A 242 -0.70 -33.89 11.00
CA PRO A 242 0.25 -32.87 10.56
C PRO A 242 0.46 -31.80 11.63
N GLU A 243 1.68 -31.31 11.75
CA GLU A 243 2.03 -30.34 12.80
C GLU A 243 1.27 -29.03 12.68
N SER A 244 0.87 -28.68 11.46
CA SER A 244 0.16 -27.43 11.21
C SER A 244 -1.18 -27.40 11.92
N TRP A 245 -1.90 -28.53 11.88
CA TRP A 245 -3.22 -28.61 12.49
C TRP A 245 -3.12 -28.57 14.00
N ILE A 246 -2.05 -29.14 14.54
CA ILE A 246 -1.78 -29.10 15.97
C ILE A 246 -1.46 -27.66 16.39
N ARG A 247 -0.72 -26.97 15.54
CA ARG A 247 -0.40 -25.57 15.76
C ARG A 247 -1.66 -24.72 15.78
N TRP A 248 -2.57 -25.01 14.86
CA TRP A 248 -3.88 -24.36 14.85
C TRP A 248 -4.67 -24.68 16.12
N VAL A 249 -4.54 -25.93 16.56
CA VAL A 249 -5.23 -26.40 17.75
C VAL A 249 -4.78 -25.63 18.99
N ARG A 250 -3.47 -25.42 19.13
CA ARG A 250 -2.92 -24.72 20.28
C ARG A 250 -3.12 -23.20 20.20
N GLN A 251 -2.98 -22.66 19.00
CA GLN A 251 -3.03 -21.20 18.82
C GLN A 251 -4.43 -20.68 18.53
N GLY A 252 -5.17 -21.38 17.68
CA GLY A 252 -6.48 -20.91 17.26
C GLY A 252 -6.39 -20.19 15.94
N ARG A 253 -7.16 -19.10 15.82
CA ARG A 253 -7.15 -18.31 14.59
C ARG A 253 -5.83 -17.56 14.39
N LEU A 254 -5.06 -17.44 15.46
CA LEU A 254 -3.80 -16.71 15.43
C LEU A 254 -2.78 -17.36 14.48
N ALA A 255 -2.97 -18.65 14.21
CA ALA A 255 -2.04 -19.39 13.35
C ALA A 255 -2.58 -19.58 11.94
N ILE A 256 -3.79 -19.09 11.69
CA ILE A 256 -4.40 -19.21 10.37
C ILE A 256 -3.56 -18.57 9.25
N PRO A 257 -3.06 -17.34 9.44
CA PRO A 257 -2.25 -16.80 8.35
C PRO A 257 -0.93 -17.54 8.15
N GLY A 258 -0.45 -18.23 9.18
CA GLY A 258 0.83 -18.91 9.10
C GLY A 258 0.76 -20.33 8.53
N ILE A 259 -0.41 -20.95 8.63
CA ILE A 259 -0.57 -22.33 8.18
C ILE A 259 -1.13 -22.42 6.76
N ARG A 260 -1.22 -21.28 6.08
CA ARG A 260 -1.73 -21.25 4.71
C ARG A 260 -0.83 -22.06 3.78
N ARG A 261 -1.44 -22.89 2.94
CA ARG A 261 -0.68 -23.72 2.00
C ARG A 261 -0.04 -22.85 0.92
N ARG A 262 1.27 -22.98 0.75
CA ARG A 262 2.01 -22.16 -0.20
C ARG A 262 2.79 -23.02 -1.19
N VAL A 263 2.59 -22.76 -2.48
CA VAL A 263 3.31 -23.46 -3.53
C VAL A 263 4.18 -22.48 -4.33
N LEU A 264 5.48 -22.73 -4.32
CA LEU A 264 6.43 -21.85 -5.00
C LEU A 264 6.39 -22.03 -6.52
N ALA A 265 5.99 -20.98 -7.22
CA ALA A 265 5.93 -20.99 -8.68
C ALA A 265 6.01 -19.58 -9.24
N SER A 266 6.30 -19.48 -10.53
CA SER A 266 6.39 -18.18 -11.20
C SER A 266 5.00 -17.54 -11.29
N ALA A 267 4.90 -16.29 -10.84
CA ALA A 267 3.64 -15.57 -10.85
C ALA A 267 3.32 -15.06 -12.26
N VAL A 268 4.26 -15.21 -13.17
CA VAL A 268 4.07 -14.77 -14.55
C VAL A 268 3.04 -15.62 -15.27
N GLN A 269 2.03 -14.97 -15.83
CA GLN A 269 0.99 -15.67 -16.57
C GLN A 269 1.05 -15.35 -18.07
N SER A 270 0.83 -16.36 -18.90
CA SER A 270 0.86 -16.18 -20.35
C SER A 270 -0.44 -15.59 -20.87
N SER A 271 -0.53 -15.42 -22.18
CA SER A 271 -1.71 -14.88 -22.81
C SER A 271 -2.90 -15.82 -22.65
N LYS A 272 -2.65 -17.11 -22.89
CA LYS A 272 -3.69 -18.12 -22.80
C LYS A 272 -4.18 -18.30 -21.37
N GLU A 273 -3.28 -18.16 -20.41
CA GLU A 273 -3.61 -18.35 -19.01
C GLU A 273 -4.50 -17.24 -18.47
N GLN A 274 -4.28 -16.01 -18.94
CA GLN A 274 -5.05 -14.86 -18.49
C GLN A 274 -6.44 -14.81 -19.13
N GLN A 275 -6.48 -15.11 -20.43
CA GLN A 275 -7.73 -15.03 -21.19
C GLN A 275 -8.69 -16.18 -20.85
N PRO A 276 -10.00 -15.96 -21.05
CA PRO A 276 -11.01 -17.01 -20.81
C PRO A 276 -10.86 -18.20 -21.76
N ALA A 277 -11.62 -19.25 -21.50
CA ALA A 277 -11.52 -20.50 -22.27
C ALA A 277 -11.95 -20.32 -23.73
N SER A 278 -11.67 -21.32 -24.54
CA SER A 278 -12.00 -21.29 -25.96
C SER A 278 -13.51 -21.35 -26.20
N GLY A 279 -14.22 -22.00 -25.29
CA GLY A 279 -15.65 -22.15 -25.41
C GLY A 279 -16.43 -21.17 -24.55
N SER A 280 -15.71 -20.23 -23.93
CA SER A 280 -16.31 -19.23 -23.06
C SER A 280 -17.19 -18.28 -23.87
N ALA A 281 -18.43 -18.07 -23.41
CA ALA A 281 -19.35 -17.17 -24.07
C ALA A 281 -19.01 -15.71 -23.77
N GLU A 282 -18.10 -15.51 -22.82
CA GLU A 282 -17.67 -14.17 -22.44
C GLU A 282 -16.70 -13.58 -23.47
N ALA A 283 -16.17 -14.45 -24.33
CA ALA A 283 -15.23 -14.03 -25.37
C ALA A 283 -15.90 -13.09 -26.36
N ALA A 284 -17.08 -13.47 -26.83
CA ALA A 284 -17.85 -12.65 -27.76
C ALA A 284 -18.20 -11.32 -27.11
N THR A 285 -18.54 -11.36 -25.83
CA THR A 285 -18.85 -10.15 -25.08
C THR A 285 -17.63 -9.23 -25.03
N LEU A 286 -16.46 -9.83 -24.86
CA LEU A 286 -15.21 -9.07 -24.86
C LEU A 286 -14.93 -8.45 -26.22
N GLN A 287 -15.24 -9.19 -27.28
CA GLN A 287 -15.09 -8.67 -28.64
C GLN A 287 -16.00 -7.48 -28.86
N THR A 288 -17.25 -7.58 -28.39
CA THR A 288 -18.19 -6.48 -28.49
C THR A 288 -17.73 -5.29 -27.67
N LEU A 289 -17.07 -5.57 -26.54
CA LEU A 289 -16.51 -4.51 -25.70
C LEU A 289 -15.39 -3.79 -26.43
N TYR A 290 -14.60 -4.55 -27.19
CA TYR A 290 -13.52 -3.96 -27.97
C TYR A 290 -14.08 -3.10 -29.09
N LYS A 291 -15.09 -3.61 -29.80
CA LYS A 291 -15.68 -2.88 -30.90
C LYS A 291 -16.46 -1.65 -30.44
N PHE A 292 -16.93 -1.69 -29.20
CA PHE A 292 -17.74 -0.60 -28.65
C PHE A 292 -16.88 0.51 -28.08
N TYR A 293 -15.84 0.14 -27.34
CA TYR A 293 -14.96 1.12 -26.73
C TYR A 293 -13.75 1.43 -27.60
N ASP A 294 -13.81 1.02 -28.86
CA ASP A 294 -12.73 1.29 -29.81
C ASP A 294 -12.62 2.78 -30.09
N GLY A 295 -13.77 3.44 -30.17
CA GLY A 295 -13.82 4.86 -30.43
C GLY A 295 -13.68 5.70 -29.18
N ARG A 296 -14.26 5.22 -28.08
CA ARG A 296 -14.20 5.94 -26.81
C ARG A 296 -13.43 5.13 -25.76
N LYS A 297 -12.29 5.67 -25.35
CA LYS A 297 -11.42 4.98 -24.39
C LYS A 297 -11.79 5.30 -22.93
N HIS A 298 -12.19 6.54 -22.69
CA HIS A 298 -12.46 7.00 -21.32
C HIS A 298 -13.73 6.37 -20.74
N ALA A 299 -14.66 5.98 -21.61
CA ALA A 299 -15.83 5.25 -21.16
C ALA A 299 -15.38 3.89 -20.62
N PHE A 300 -14.42 3.29 -21.32
CA PHE A 300 -13.81 2.05 -20.89
C PHE A 300 -12.97 2.26 -19.63
N GLU A 301 -12.51 3.49 -19.43
CA GLU A 301 -11.73 3.83 -18.24
C GLU A 301 -12.63 3.89 -17.02
N LEU A 302 -13.82 4.48 -17.16
CA LEU A 302 -14.78 4.52 -16.08
C LEU A 302 -15.30 3.11 -15.81
N LEU A 303 -15.55 2.37 -16.89
CA LEU A 303 -15.95 0.98 -16.79
C LEU A 303 -14.93 0.20 -15.97
N ALA A 304 -13.66 0.43 -16.26
CA ALA A 304 -12.58 -0.26 -15.56
C ALA A 304 -12.45 0.24 -14.12
N SER A 305 -12.87 1.47 -13.87
CA SER A 305 -12.86 2.00 -12.52
C SER A 305 -13.87 1.22 -11.68
N ARG A 306 -15.08 1.08 -12.20
CA ARG A 306 -16.13 0.34 -11.51
C ARG A 306 -15.80 -1.16 -11.41
N VAL A 307 -15.06 -1.66 -12.40
CA VAL A 307 -14.63 -3.05 -12.41
C VAL A 307 -13.62 -3.31 -11.30
N ALA A 308 -12.61 -2.44 -11.21
CA ALA A 308 -11.61 -2.55 -10.15
C ALA A 308 -12.25 -2.37 -8.79
N ALA A 309 -13.24 -1.48 -8.72
CA ALA A 309 -14.01 -1.27 -7.51
C ALA A 309 -14.70 -2.56 -7.08
N GLU A 310 -15.32 -3.23 -8.04
CA GLU A 310 -15.99 -4.50 -7.76
C GLU A 310 -15.00 -5.59 -7.40
N VAL A 311 -13.78 -5.49 -7.93
CA VAL A 311 -12.74 -6.46 -7.65
C VAL A 311 -12.25 -6.34 -6.21
N PHE A 312 -12.04 -5.10 -5.76
CA PHE A 312 -11.62 -4.86 -4.39
C PHE A 312 -12.77 -5.09 -3.41
N ARG A 313 -14.00 -4.92 -3.89
CA ARG A 313 -15.18 -5.16 -3.06
C ARG A 313 -15.49 -6.64 -2.97
N GLU A 314 -14.95 -7.42 -3.91
CA GLU A 314 -15.15 -8.86 -3.93
C GLU A 314 -14.47 -9.52 -2.74
N SER A 315 -13.42 -8.88 -2.24
CA SER A 315 -12.70 -9.37 -1.07
C SER A 315 -13.39 -8.93 0.22
N GLY A 316 -14.40 -8.07 0.08
CA GLY A 316 -15.13 -7.56 1.22
C GLY A 316 -14.41 -6.43 1.92
N ALA A 317 -13.36 -5.92 1.27
CA ALA A 317 -12.55 -4.85 1.84
C ALA A 317 -13.27 -3.50 1.78
N ARG A 318 -12.61 -2.47 2.29
CA ARG A 318 -13.18 -1.12 2.30
C ARG A 318 -12.68 -0.32 1.10
N TYR A 319 -13.59 0.06 0.21
CA TYR A 319 -13.24 0.81 -0.98
C TYR A 319 -14.24 1.91 -1.26
N LYS A 320 -13.79 2.98 -1.92
CA LYS A 320 -14.67 4.09 -2.28
C LYS A 320 -14.43 4.51 -3.73
N GLU A 321 -15.51 4.85 -4.43
CA GLU A 321 -15.42 5.31 -5.81
C GLU A 321 -14.59 6.57 -5.94
N GLY A 322 -13.83 6.67 -7.03
CA GLY A 322 -13.00 7.83 -7.29
C GLY A 322 -13.52 8.67 -8.44
N TRP A 323 -12.61 9.29 -9.18
CA TRP A 323 -13.00 10.13 -10.31
C TRP A 323 -12.10 9.92 -11.52
N LEU A 324 -12.39 10.62 -12.61
CA LEU A 324 -11.60 10.53 -13.83
C LEU A 324 -10.91 11.85 -14.14
N SER A 325 -9.69 11.76 -14.67
CA SER A 325 -8.83 12.93 -14.81
C SER A 325 -9.27 13.92 -15.88
N ARG A 326 -9.61 13.45 -17.08
CA ARG A 326 -9.81 14.37 -18.19
C ARG A 326 -11.03 14.07 -19.08
N SER A 327 -11.11 12.85 -19.59
CA SER A 327 -12.11 12.47 -20.59
C SER A 327 -11.98 13.30 -21.87
N SER A 328 -10.84 13.95 -22.04
CA SER A 328 -10.57 14.77 -23.21
C SER A 328 -9.19 14.41 -23.78
N GLY A 329 -9.17 13.96 -25.03
CA GLY A 329 -7.93 13.59 -25.68
C GLY A 329 -7.30 12.37 -25.03
N ASP A 330 -6.07 12.53 -24.57
CA ASP A 330 -5.36 11.45 -23.87
C ASP A 330 -4.59 12.04 -22.70
N GLY A 331 -4.19 11.19 -21.77
CA GLY A 331 -3.44 11.61 -20.61
C GLY A 331 -2.81 10.46 -19.85
N GLY A 332 -2.01 10.79 -18.84
CA GLY A 332 -1.23 9.83 -18.10
C GLY A 332 -2.00 8.89 -17.20
N VAL A 333 -2.94 9.42 -16.42
CA VAL A 333 -3.70 8.62 -15.46
C VAL A 333 -5.18 8.54 -15.85
N ASP A 334 -5.68 7.31 -15.98
CA ASP A 334 -7.06 7.09 -16.43
C ASP A 334 -8.10 7.27 -15.34
N PHE A 335 -7.84 6.73 -14.15
CA PHE A 335 -8.75 6.93 -13.02
C PHE A 335 -8.04 6.77 -11.67
N ILE A 336 -8.69 7.24 -10.61
CA ILE A 336 -8.12 7.21 -9.27
C ILE A 336 -9.12 6.55 -8.30
N GLY A 337 -8.60 5.99 -7.21
CA GLY A 337 -9.43 5.41 -6.17
C GLY A 337 -8.72 5.46 -4.82
N ARG A 338 -9.38 4.96 -3.78
CA ARG A 338 -8.79 4.96 -2.45
C ARG A 338 -9.20 3.71 -1.65
N ILE A 339 -8.27 3.16 -0.89
CA ILE A 339 -8.55 2.00 -0.06
C ILE A 339 -8.20 2.26 1.41
N ASP A 340 -9.15 2.02 2.30
CA ASP A 340 -8.91 2.16 3.73
C ASP A 340 -8.47 0.83 4.35
N MET A 341 -7.21 0.75 4.75
CA MET A 341 -6.65 -0.47 5.30
C MET A 341 -6.60 -0.43 6.83
N GLY A 342 -7.21 -1.42 7.47
CA GLY A 342 -7.24 -1.50 8.93
C GLY A 342 -8.61 -1.81 9.47
N SER A 343 -8.83 -1.51 10.74
CA SER A 343 -10.12 -1.75 11.38
C SER A 343 -11.06 -0.56 11.16
N LEU A 344 -12.14 -0.52 11.94
CA LEU A 344 -13.08 0.60 11.86
C LEU A 344 -12.50 1.82 12.57
N LYS A 345 -12.15 1.65 13.84
CA LYS A 345 -11.60 2.73 14.65
C LYS A 345 -10.21 3.13 14.17
N ALA A 346 -9.46 2.16 13.64
CA ALA A 346 -8.11 2.41 13.18
C ALA A 346 -7.89 1.95 11.75
N SER A 347 -7.59 2.90 10.86
CA SER A 347 -7.31 2.59 9.47
C SER A 347 -6.49 3.70 8.82
N THR A 348 -5.87 3.38 7.68
CA THR A 348 -5.15 4.39 6.91
C THR A 348 -5.55 4.34 5.45
N PRO A 349 -5.70 5.51 4.82
CA PRO A 349 -6.07 5.58 3.40
C PRO A 349 -4.86 5.45 2.46
N VAL A 350 -5.02 4.68 1.40
CA VAL A 350 -4.00 4.59 0.36
C VAL A 350 -4.61 4.92 -0.99
N VAL A 351 -3.80 5.55 -1.85
CA VAL A 351 -4.27 6.02 -3.15
C VAL A 351 -4.00 4.99 -4.24
N VAL A 352 -5.03 4.66 -5.00
CA VAL A 352 -4.90 3.70 -6.11
C VAL A 352 -4.94 4.40 -7.46
N LEU A 353 -3.89 4.25 -8.24
CA LEU A 353 -3.83 4.86 -9.56
C LEU A 353 -4.10 3.83 -10.65
N GLY A 354 -5.29 3.92 -11.26
CA GLY A 354 -5.73 2.96 -12.24
C GLY A 354 -5.64 3.42 -13.69
N GLN A 355 -5.24 2.50 -14.56
CA GLN A 355 -5.06 2.79 -15.98
C GLN A 355 -5.80 1.79 -16.85
N ALA A 356 -6.45 2.26 -17.90
CA ALA A 356 -7.19 1.36 -18.77
C ALA A 356 -7.10 1.75 -20.24
N LYS A 357 -6.46 0.90 -21.03
CA LYS A 357 -6.36 1.10 -22.47
C LYS A 357 -6.97 -0.08 -23.22
N CYS A 358 -7.88 0.23 -24.14
CA CYS A 358 -8.62 -0.81 -24.86
C CYS A 358 -7.83 -1.41 -26.00
N ILE A 359 -7.52 -2.70 -25.88
CA ILE A 359 -6.84 -3.45 -26.93
C ILE A 359 -7.57 -4.77 -27.17
N GLN A 360 -7.26 -5.43 -28.28
CA GLN A 360 -7.86 -6.72 -28.59
C GLN A 360 -7.30 -7.81 -27.67
N PRO A 361 -8.15 -8.77 -27.28
CA PRO A 361 -7.79 -9.86 -26.35
C PRO A 361 -6.56 -10.66 -26.79
N THR A 362 -6.30 -10.72 -28.08
CA THR A 362 -5.17 -11.48 -28.60
C THR A 362 -3.85 -10.74 -28.42
N SER A 363 -3.93 -9.43 -28.19
CA SER A 363 -2.74 -8.61 -28.02
C SER A 363 -2.39 -8.44 -26.55
N SER A 364 -1.10 -8.40 -26.25
CA SER A 364 -0.62 -8.25 -24.89
C SER A 364 -0.33 -6.79 -24.55
N VAL A 365 0.10 -6.54 -23.32
CA VAL A 365 0.41 -5.18 -22.88
C VAL A 365 1.90 -4.99 -22.67
N SER A 366 2.49 -4.03 -23.40
CA SER A 366 3.91 -3.73 -23.29
C SER A 366 4.24 -3.18 -21.90
N PRO A 367 5.44 -3.49 -21.39
CA PRO A 367 5.87 -3.07 -20.05
C PRO A 367 5.95 -1.55 -19.89
N GLU A 368 6.16 -0.83 -20.99
CA GLU A 368 6.23 0.62 -20.97
C GLU A 368 4.91 1.23 -20.52
N GLN A 369 3.82 0.68 -21.01
CA GLN A 369 2.48 1.19 -20.72
C GLN A 369 2.12 1.11 -19.24
N VAL A 370 2.48 -0.02 -18.60
CA VAL A 370 2.18 -0.20 -17.18
C VAL A 370 3.22 0.51 -16.31
N ALA A 371 4.45 0.61 -16.80
CA ALA A 371 5.50 1.32 -16.08
C ALA A 371 5.21 2.81 -16.07
N ARG A 372 4.46 3.27 -17.07
CA ARG A 372 4.01 4.66 -17.11
C ARG A 372 3.08 4.94 -15.95
N VAL A 373 2.33 3.92 -15.53
CA VAL A 373 1.43 4.02 -14.39
C VAL A 373 2.21 3.89 -13.08
N VAL A 374 3.17 2.97 -13.07
CA VAL A 374 3.98 2.72 -11.88
C VAL A 374 4.82 3.94 -11.51
N ALA A 375 5.26 4.69 -12.53
CA ALA A 375 6.17 5.81 -12.34
C ALA A 375 5.62 6.90 -11.42
N ARG A 376 4.30 7.03 -11.35
CA ARG A 376 3.69 8.08 -10.55
C ARG A 376 3.26 7.57 -9.17
N LEU A 377 3.50 6.29 -8.90
CA LEU A 377 3.18 5.72 -7.60
C LEU A 377 4.12 6.22 -6.52
N ARG A 378 3.56 6.87 -5.50
CA ARG A 378 4.36 7.35 -4.37
C ARG A 378 4.59 6.24 -3.36
N ARG A 379 5.16 6.61 -2.21
CA ARG A 379 5.36 5.66 -1.12
C ARG A 379 4.03 5.25 -0.52
N GLY A 380 3.81 3.95 -0.38
CA GLY A 380 2.57 3.44 0.15
C GLY A 380 1.43 3.57 -0.83
N TRP A 381 1.76 3.74 -2.10
CA TRP A 381 0.75 3.85 -3.15
C TRP A 381 0.73 2.60 -4.03
N ILE A 382 -0.45 2.26 -4.52
CA ILE A 382 -0.62 1.09 -5.40
C ILE A 382 -1.36 1.48 -6.67
N GLY A 383 -1.44 0.56 -7.61
CA GLY A 383 -2.13 0.81 -8.87
C GLY A 383 -2.81 -0.43 -9.40
N VAL A 384 -3.62 -0.25 -10.45
CA VAL A 384 -4.32 -1.37 -11.06
C VAL A 384 -4.49 -1.14 -12.57
N TYR A 385 -4.13 -2.14 -13.37
CA TYR A 385 -4.28 -2.04 -14.82
C TYR A 385 -5.36 -2.98 -15.31
N VAL A 386 -6.43 -2.43 -15.86
CA VAL A 386 -7.55 -3.22 -16.37
C VAL A 386 -7.63 -3.16 -17.89
N THR A 387 -7.60 -4.32 -18.53
CA THR A 387 -7.67 -4.40 -19.98
C THR A 387 -8.22 -5.73 -20.45
N THR A 388 -8.77 -5.75 -21.67
CA THR A 388 -9.29 -6.97 -22.26
C THR A 388 -8.16 -7.93 -22.61
N GLY A 389 -7.15 -7.40 -23.32
CA GLY A 389 -5.99 -8.20 -23.70
C GLY A 389 -5.16 -8.60 -22.50
N SER A 390 -4.34 -9.63 -22.67
CA SER A 390 -3.48 -10.10 -21.60
C SER A 390 -2.28 -9.17 -21.40
N PHE A 391 -1.38 -9.57 -20.51
CA PHE A 391 -0.16 -8.82 -20.27
C PHE A 391 1.04 -9.58 -20.81
N SER A 392 1.99 -8.86 -21.40
CA SER A 392 3.19 -9.48 -21.95
C SER A 392 4.05 -10.08 -20.83
N ARG A 393 4.84 -11.09 -21.18
CA ARG A 393 5.69 -11.77 -20.22
C ARG A 393 6.72 -10.81 -19.61
N GLN A 394 7.36 -10.02 -20.45
CA GLN A 394 8.38 -9.06 -20.02
C GLN A 394 7.83 -8.07 -19.01
N ALA A 395 6.57 -7.68 -19.19
CA ALA A 395 5.92 -6.75 -18.29
C ALA A 395 5.78 -7.34 -16.89
N GLN A 396 5.21 -8.53 -16.80
CA GLN A 396 5.01 -9.21 -15.53
C GLN A 396 6.33 -9.51 -14.84
N VAL A 397 7.31 -9.96 -15.63
CA VAL A 397 8.66 -10.19 -15.12
C VAL A 397 9.22 -8.90 -14.54
N GLU A 398 8.96 -7.79 -15.22
CA GLU A 398 9.42 -6.49 -14.77
C GLU A 398 8.73 -6.09 -13.47
N ILE A 399 7.49 -6.50 -13.30
CA ILE A 399 6.73 -6.25 -12.09
C ILE A 399 7.33 -7.01 -10.92
N ILE A 400 7.61 -8.29 -11.14
CA ILE A 400 8.17 -9.14 -10.08
C ILE A 400 9.58 -8.70 -9.68
N ASP A 401 10.41 -8.40 -10.68
CA ASP A 401 11.80 -8.03 -10.43
C ASP A 401 11.93 -6.76 -9.59
N ASP A 402 11.12 -5.76 -9.90
CA ASP A 402 11.21 -4.46 -9.23
C ASP A 402 10.18 -4.31 -8.12
N GLN A 403 9.41 -5.36 -7.89
CA GLN A 403 8.40 -5.40 -6.84
C GLN A 403 7.38 -4.28 -6.99
N TYR A 404 6.88 -4.09 -8.22
CA TYR A 404 5.84 -3.11 -8.49
C TYR A 404 4.51 -3.52 -7.86
N PRO A 405 3.92 -2.64 -7.05
CA PRO A 405 2.60 -2.89 -6.45
C PRO A 405 1.44 -2.59 -7.40
N VAL A 406 1.17 -3.51 -8.32
CA VAL A 406 0.11 -3.31 -9.30
C VAL A 406 -0.79 -4.54 -9.40
N VAL A 407 -2.09 -4.31 -9.55
CA VAL A 407 -3.05 -5.39 -9.72
C VAL A 407 -3.41 -5.54 -11.19
N LEU A 408 -3.21 -6.73 -11.74
CA LEU A 408 -3.44 -6.96 -13.16
C LEU A 408 -4.79 -7.62 -13.44
N ILE A 409 -5.69 -6.86 -14.06
CA ILE A 409 -7.00 -7.38 -14.44
C ILE A 409 -7.08 -7.55 -15.97
N ALA A 410 -7.02 -8.80 -16.42
CA ALA A 410 -7.03 -9.09 -17.85
C ALA A 410 -7.63 -10.46 -18.15
N GLY A 411 -8.37 -10.53 -19.25
CA GLY A 411 -8.92 -11.79 -19.71
C GLY A 411 -10.06 -12.34 -18.87
N GLY A 412 -9.87 -13.57 -18.38
CA GLY A 412 -10.90 -14.28 -17.66
C GLY A 412 -11.38 -13.61 -16.39
N THR A 413 -10.46 -12.96 -15.67
CA THR A 413 -10.79 -12.27 -14.43
C THR A 413 -11.80 -11.15 -14.67
N LEU A 414 -11.49 -10.32 -15.66
CA LEU A 414 -12.35 -9.19 -16.04
C LEU A 414 -13.76 -9.67 -16.37
N ALA A 415 -13.86 -10.65 -17.27
CA ALA A 415 -15.14 -11.19 -17.67
C ALA A 415 -15.87 -11.82 -16.48
N ALA A 416 -15.11 -12.39 -15.56
CA ALA A 416 -15.68 -13.02 -14.38
C ALA A 416 -16.35 -12.00 -13.47
N THR A 417 -15.60 -10.99 -13.06
CA THR A 417 -16.14 -9.97 -12.16
C THR A 417 -17.23 -9.15 -12.84
N VAL A 418 -17.11 -8.94 -14.15
CA VAL A 418 -18.13 -8.21 -14.89
C VAL A 418 -19.43 -9.00 -14.94
N ARG A 419 -19.34 -10.28 -15.30
CA ARG A 419 -20.53 -11.14 -15.36
C ARG A 419 -21.19 -11.26 -13.99
N ARG A 420 -20.38 -11.52 -12.97
CA ARG A 420 -20.88 -11.62 -11.60
C ARG A 420 -21.55 -10.33 -11.16
N MET A 421 -21.03 -9.20 -11.64
CA MET A 421 -21.62 -7.90 -11.34
C MET A 421 -22.98 -7.75 -12.02
N VAL A 422 -23.04 -8.07 -13.31
CA VAL A 422 -24.26 -7.95 -14.08
C VAL A 422 -25.38 -8.82 -13.51
N GLN A 423 -25.03 -10.04 -13.12
CA GLN A 423 -26.01 -10.98 -12.58
C GLN A 423 -26.59 -10.53 -11.23
N ALA A 424 -25.76 -9.85 -10.44
CA ALA A 424 -26.13 -9.53 -9.07
C ALA A 424 -26.50 -8.06 -8.85
N ASN A 425 -26.38 -7.25 -9.89
CA ASN A 425 -26.69 -5.83 -9.77
C ASN A 425 -27.65 -5.30 -10.83
N TYR A 426 -27.28 -5.47 -12.10
CA TYR A 426 -28.08 -4.94 -13.20
C TYR A 426 -29.02 -6.01 -13.75
N GLY A 427 -28.88 -7.23 -13.23
CA GLY A 427 -29.80 -8.31 -13.55
C GLY A 427 -29.83 -8.76 -15.00
N GLY A 428 -28.68 -9.11 -15.55
CA GLY A 428 -28.62 -9.71 -16.86
C GLY A 428 -28.48 -8.75 -18.03
N ASP A 429 -28.91 -7.51 -17.84
CA ASP A 429 -28.87 -6.53 -18.93
C ASP A 429 -27.55 -5.76 -18.94
N LEU A 430 -26.75 -6.01 -19.97
CA LEU A 430 -25.45 -5.35 -20.10
C LEU A 430 -25.56 -4.07 -20.92
N ASP A 431 -26.66 -3.94 -21.66
CA ASP A 431 -26.91 -2.78 -22.50
C ASP A 431 -26.99 -1.51 -21.67
N ALA A 432 -27.76 -1.58 -20.58
CA ALA A 432 -27.90 -0.45 -19.66
C ALA A 432 -26.57 -0.11 -19.00
N LEU A 433 -25.73 -1.13 -18.82
CA LEU A 433 -24.41 -0.93 -18.21
C LEU A 433 -23.50 -0.16 -19.17
N LEU A 434 -23.43 -0.63 -20.41
CA LEU A 434 -22.62 0.04 -21.43
C LEU A 434 -23.09 1.47 -21.64
N ALA A 435 -24.41 1.64 -21.74
CA ALA A 435 -25.00 2.95 -21.89
C ALA A 435 -24.67 3.86 -20.71
N SER A 436 -24.63 3.27 -19.52
CA SER A 436 -24.25 3.99 -18.31
C SER A 436 -22.81 4.45 -18.39
N THR A 437 -21.93 3.58 -18.88
CA THR A 437 -20.52 3.93 -19.05
C THR A 437 -20.35 5.02 -20.10
N VAL A 438 -21.28 5.06 -21.06
CA VAL A 438 -21.25 6.09 -22.10
C VAL A 438 -21.71 7.45 -21.57
N ASP A 439 -22.81 7.46 -20.82
CA ASP A 439 -23.39 8.71 -20.35
C ASP A 439 -22.57 9.39 -19.25
N GLU A 440 -21.68 8.64 -18.61
CA GLU A 440 -21.01 9.12 -17.41
C GLU A 440 -19.53 9.49 -17.58
N TYR A 441 -19.01 9.42 -18.80
CA TYR A 441 -17.58 9.69 -18.97
C TYR A 441 -17.25 11.18 -18.78
N GLY A 442 -18.28 12.02 -18.76
CA GLY A 442 -18.09 13.45 -18.58
C GLY A 442 -18.65 13.97 -17.27
N ALA A 443 -19.29 13.08 -16.52
CA ALA A 443 -19.93 13.47 -15.26
C ALA A 443 -19.01 13.26 -14.06
N ALA A 444 -18.20 12.20 -14.11
CA ALA A 444 -17.34 11.84 -13.00
C ALA A 444 -15.95 12.45 -13.12
N VAL A 445 -15.80 13.44 -14.00
CA VAL A 445 -14.51 14.06 -14.23
C VAL A 445 -14.23 15.23 -13.30
N THR A 446 -13.20 15.07 -12.48
CA THR A 446 -12.73 16.16 -11.62
C THR A 446 -11.25 16.41 -11.87
N HIS A 447 -10.80 17.63 -11.61
CA HIS A 447 -9.40 17.99 -11.83
C HIS A 447 -8.62 17.95 -10.51
N ARG A 448 -9.20 17.29 -9.50
CA ARG A 448 -8.59 17.20 -8.18
C ARG A 448 -7.30 16.39 -8.20
N ARG A 449 -6.44 16.64 -7.22
CA ARG A 449 -5.22 15.86 -7.05
C ARG A 449 -5.54 14.48 -6.50
N PRO A 450 -4.69 13.49 -6.80
CA PRO A 450 -4.87 12.15 -6.23
C PRO A 450 -4.85 12.13 -4.71
N GLU A 451 -4.20 13.12 -4.11
CA GLU A 451 -4.12 13.22 -2.66
C GLU A 451 -5.40 13.80 -2.06
N GLU A 452 -6.25 14.37 -2.91
CA GLU A 452 -7.49 14.97 -2.45
C GLU A 452 -8.58 13.93 -2.23
N VAL A 453 -8.28 12.68 -2.55
CA VAL A 453 -9.24 11.59 -2.39
C VAL A 453 -9.41 11.25 -0.90
N ILE A 454 -8.48 11.72 -0.09
CA ILE A 454 -8.54 11.50 1.35
C ILE A 454 -9.65 12.33 1.98
N SER A 455 -9.96 13.46 1.35
CA SER A 455 -11.01 14.36 1.83
C SER A 455 -12.36 13.65 1.85
N LEU A 456 -12.82 13.21 0.67
CA LEU A 456 -14.09 12.52 0.57
C LEU A 456 -13.99 11.11 1.17
N TRP B 10 -59.84 12.44 4.90
CA TRP B 10 -58.45 12.40 4.44
C TRP B 10 -57.79 13.77 4.58
N ALA B 11 -58.40 14.64 5.38
CA ALA B 11 -57.88 15.99 5.58
C ALA B 11 -56.62 16.00 6.43
N ALA B 12 -56.57 15.12 7.42
CA ALA B 12 -55.44 15.06 8.35
C ALA B 12 -54.16 14.56 7.65
N SER B 13 -54.31 13.54 6.81
CA SER B 13 -53.18 12.98 6.07
C SER B 13 -52.62 14.00 5.09
N ALA B 14 -53.50 14.71 4.41
CA ALA B 14 -53.09 15.77 3.49
C ALA B 14 -52.45 16.91 4.28
N GLU B 15 -52.88 17.08 5.53
CA GLU B 15 -52.36 18.14 6.38
C GLU B 15 -50.92 17.86 6.84
N VAL B 16 -50.65 16.60 7.19
CA VAL B 16 -49.29 16.22 7.58
C VAL B 16 -48.42 16.07 6.34
N ALA B 17 -49.06 15.92 5.18
CA ALA B 17 -48.36 15.91 3.90
C ALA B 17 -48.01 17.34 3.49
N ASN B 18 -48.76 18.30 4.04
CA ASN B 18 -48.54 19.71 3.75
C ASN B 18 -47.24 20.23 4.35
N LYS B 19 -46.93 19.77 5.55
CA LYS B 19 -45.74 20.26 6.27
C LYS B 19 -44.59 19.25 6.22
N PRO B 20 -43.38 19.75 5.94
CA PRO B 20 -42.16 18.95 5.81
C PRO B 20 -41.73 18.30 7.12
N ARG B 21 -41.07 17.14 7.02
CA ARG B 21 -40.58 16.44 8.19
C ARG B 21 -39.15 15.96 7.98
N LEU B 22 -38.20 16.62 8.65
CA LEU B 22 -36.78 16.28 8.49
C LEU B 22 -36.09 16.14 9.85
N VAL B 23 -35.09 15.27 9.90
CA VAL B 23 -34.30 15.08 11.11
C VAL B 23 -32.83 14.86 10.75
N PHE B 24 -31.96 15.71 11.29
CA PHE B 24 -30.53 15.63 11.00
C PHE B 24 -29.86 14.49 11.76
N VAL B 25 -28.70 14.06 11.28
CA VAL B 25 -27.94 13.00 11.94
C VAL B 25 -27.31 13.51 13.22
N GLY B 26 -27.55 12.81 14.33
CA GLY B 26 -27.00 13.19 15.61
C GLY B 26 -27.99 14.00 16.45
N ASP B 27 -29.26 13.94 16.07
CA ASP B 27 -30.30 14.66 16.79
C ASP B 27 -30.78 13.89 18.01
N GLU B 28 -30.71 14.51 19.18
CA GLU B 28 -31.17 13.89 20.42
C GLU B 28 -32.69 13.82 20.45
N LEU B 29 -33.21 12.65 20.77
CA LEU B 29 -34.66 12.44 20.79
C LEU B 29 -35.15 11.96 22.16
N ARG B 30 -36.29 12.50 22.59
CA ARG B 30 -36.91 12.07 23.84
C ARG B 30 -37.61 10.73 23.65
N TYR B 31 -37.15 9.71 24.37
CA TYR B 31 -37.78 8.40 24.31
C TYR B 31 -38.59 8.13 25.57
N ALA B 32 -39.91 8.00 25.39
CA ALA B 32 -40.80 7.73 26.51
C ALA B 32 -41.96 6.84 26.09
N GLN B 33 -42.15 5.76 26.84
CA GLN B 33 -43.33 4.92 26.65
C GLN B 33 -44.56 5.74 26.98
N GLY B 34 -44.41 6.63 27.96
CA GLY B 34 -45.44 7.59 28.30
C GLY B 34 -45.55 8.66 27.22
N ALA B 35 -46.42 9.63 27.47
CA ALA B 35 -46.73 10.70 26.52
C ALA B 35 -47.40 10.14 25.26
N ASN B 36 -47.79 11.02 24.35
CA ASN B 36 -48.62 10.62 23.22
C ASN B 36 -48.06 10.89 21.83
N GLN B 37 -48.81 10.42 20.84
CA GLN B 37 -48.44 10.49 19.43
C GLN B 37 -48.59 11.92 18.88
N ARG B 38 -49.57 12.65 19.39
CA ARG B 38 -49.90 13.98 18.89
C ARG B 38 -48.83 15.05 19.13
N ASP B 39 -48.29 15.08 20.34
CA ASP B 39 -47.36 16.15 20.75
C ASP B 39 -46.04 16.06 19.99
N VAL B 40 -45.46 17.21 19.69
CA VAL B 40 -44.25 17.27 18.86
C VAL B 40 -42.96 17.17 19.67
N GLU B 41 -43.01 17.57 20.94
CA GLU B 41 -41.82 17.58 21.78
C GLU B 41 -42.15 17.22 23.23
N LEU B 42 -41.17 16.64 23.93
CA LEU B 42 -41.36 16.25 25.33
C LEU B 42 -40.09 16.49 26.15
N ASP B 43 -40.24 17.26 27.22
CA ASP B 43 -39.15 17.55 28.15
C ASP B 43 -37.92 18.16 27.47
N GLY B 44 -38.16 19.13 26.60
CA GLY B 44 -37.07 19.86 25.96
C GLY B 44 -36.43 19.13 24.79
N PHE B 45 -36.94 17.94 24.49
CA PHE B 45 -36.40 17.14 23.40
C PHE B 45 -37.50 16.64 22.47
N VAL B 46 -37.16 16.41 21.21
CA VAL B 46 -38.12 15.92 20.23
C VAL B 46 -38.61 14.52 20.57
N ASN B 47 -39.88 14.24 20.27
CA ASN B 47 -40.47 12.96 20.59
C ASN B 47 -40.19 11.89 19.53
N TYR B 48 -39.79 10.71 19.98
CA TYR B 48 -39.50 9.60 19.08
C TYR B 48 -40.76 9.00 18.46
N HIS B 49 -41.74 8.71 19.32
CA HIS B 49 -42.98 8.10 18.88
C HIS B 49 -43.75 9.01 17.94
N TRP B 50 -43.61 10.32 18.14
CA TRP B 50 -44.21 11.30 17.24
C TRP B 50 -43.46 11.34 15.92
N LEU B 51 -42.14 11.17 16.00
CA LEU B 51 -41.29 11.20 14.81
C LEU B 51 -41.59 10.03 13.89
N THR B 52 -41.61 8.82 14.44
CA THR B 52 -41.86 7.63 13.65
C THR B 52 -43.35 7.49 13.29
N SER B 53 -44.21 7.85 14.23
CA SER B 53 -45.66 7.75 14.01
C SER B 53 -46.32 9.12 14.07
N PRO B 54 -46.82 9.60 12.92
CA PRO B 54 -47.49 10.89 12.81
C PRO B 54 -48.95 10.84 13.25
N GLY B 55 -49.49 11.98 13.67
CA GLY B 55 -50.86 12.04 14.17
C GLY B 55 -51.91 12.01 13.08
N GLY B 56 -51.52 12.34 11.85
CA GLY B 56 -52.45 12.39 10.74
C GLY B 56 -52.56 11.07 10.00
N LEU B 57 -52.26 9.97 10.71
CA LEU B 57 -52.30 8.65 10.10
C LEU B 57 -53.28 7.73 10.83
N GLY B 58 -53.02 7.48 12.11
CA GLY B 58 -53.87 6.61 12.90
C GLY B 58 -53.22 5.26 13.16
N LEU B 59 -51.97 5.12 12.71
CA LEU B 59 -51.22 3.88 12.89
C LEU B 59 -50.62 3.81 14.29
N PRO B 60 -50.46 2.59 14.84
CA PRO B 60 -49.91 2.41 16.18
C PRO B 60 -48.47 2.87 16.30
N LYS B 61 -48.01 3.08 17.53
CA LYS B 61 -46.65 3.56 17.77
C LYS B 61 -45.64 2.41 17.76
N VAL B 62 -44.61 2.52 16.94
CA VAL B 62 -43.55 1.53 16.91
C VAL B 62 -42.58 1.77 18.06
N MET B 63 -42.40 0.76 18.91
CA MET B 63 -41.55 0.89 20.09
C MET B 63 -40.11 0.54 19.80
N LEU B 64 -39.20 1.30 20.41
CA LEU B 64 -37.76 1.07 20.25
C LEU B 64 -37.17 0.42 21.48
N GLU B 65 -36.89 -0.88 21.39
CA GLU B 65 -36.31 -1.62 22.50
C GLU B 65 -34.86 -1.99 22.21
N ALA B 66 -34.12 -2.33 23.27
CA ALA B 66 -32.71 -2.68 23.17
C ALA B 66 -32.45 -3.78 22.16
N GLY B 67 -31.60 -3.48 21.17
CA GLY B 67 -31.31 -4.43 20.11
C GLY B 67 -32.10 -4.11 18.86
N ILE B 68 -32.32 -5.13 18.03
CA ILE B 68 -33.05 -4.95 16.78
C ILE B 68 -34.56 -5.07 16.99
N ASN B 69 -35.31 -4.18 16.35
CA ASN B 69 -36.78 -4.21 16.44
C ASN B 69 -37.42 -3.65 15.17
N ALA B 70 -38.57 -4.18 14.80
CA ALA B 70 -39.27 -3.76 13.59
C ALA B 70 -40.74 -4.19 13.61
N PRO B 71 -41.61 -3.37 13.00
CA PRO B 71 -43.03 -3.74 12.86
C PRO B 71 -43.21 -4.91 11.88
N ALA B 72 -44.36 -5.57 11.94
CA ALA B 72 -44.64 -6.68 11.05
C ALA B 72 -44.80 -6.21 9.61
N GLU B 73 -44.86 -7.15 8.68
CA GLU B 73 -44.95 -6.84 7.26
C GLU B 73 -46.24 -6.10 6.91
N VAL B 74 -46.17 -5.27 5.88
CA VAL B 74 -47.32 -4.51 5.43
C VAL B 74 -47.78 -4.98 4.05
N VAL B 75 -49.06 -5.31 3.95
CA VAL B 75 -49.63 -5.79 2.69
C VAL B 75 -49.73 -4.67 1.66
N GLY B 76 -49.13 -4.91 0.49
CA GLY B 76 -49.22 -3.98 -0.62
C GLY B 76 -50.02 -4.58 -1.76
N PRO B 77 -50.43 -3.74 -2.73
CA PRO B 77 -51.19 -4.22 -3.88
C PRO B 77 -50.40 -5.20 -4.74
N ASP B 78 -49.12 -4.92 -4.95
CA ASP B 78 -48.27 -5.80 -5.73
C ASP B 78 -47.80 -6.99 -4.90
N ARG B 79 -47.21 -6.70 -3.75
CA ARG B 79 -46.72 -7.74 -2.85
C ARG B 79 -46.55 -7.22 -1.43
N SER B 80 -46.32 -8.14 -0.49
CA SER B 80 -46.10 -7.77 0.90
C SER B 80 -44.79 -7.02 1.07
N ARG B 81 -44.81 -5.98 1.89
CA ARG B 81 -43.62 -5.19 2.16
C ARG B 81 -43.29 -5.17 3.65
N ARG B 82 -42.01 -5.32 3.97
CA ARG B 82 -41.56 -5.31 5.35
C ARG B 82 -41.30 -3.88 5.84
N ALA B 83 -41.77 -3.57 7.05
CA ALA B 83 -41.54 -2.26 7.64
C ALA B 83 -40.06 -2.06 7.94
N LEU B 84 -39.65 -0.81 8.11
CA LEU B 84 -38.24 -0.46 8.32
C LEU B 84 -37.63 -1.14 9.55
N ILE B 85 -36.31 -1.13 9.61
CA ILE B 85 -35.58 -1.72 10.73
C ILE B 85 -35.09 -0.64 11.70
N ALA B 86 -35.43 -0.80 12.97
CA ALA B 86 -34.95 0.11 14.01
C ALA B 86 -33.94 -0.60 14.91
N ILE B 87 -32.85 0.09 15.24
CA ILE B 87 -31.78 -0.50 16.04
C ILE B 87 -31.44 0.37 17.25
N ARG B 88 -31.46 -0.23 18.43
CA ARG B 88 -31.10 0.46 19.67
C ARG B 88 -29.70 0.04 20.11
N SER B 89 -28.90 1.02 20.56
CA SER B 89 -27.48 0.82 20.91
C SER B 89 -27.26 0.29 22.34
N SER B 90 -26.02 -0.12 22.63
CA SER B 90 -25.64 -0.60 23.94
C SER B 90 -25.50 0.55 24.94
N PRO B 91 -25.58 0.24 26.26
CA PRO B 91 -25.35 1.29 27.26
C PRO B 91 -23.95 1.88 27.18
N TRP B 92 -22.97 1.05 26.82
CA TRP B 92 -21.56 1.44 26.68
C TRP B 92 -21.06 2.40 27.77
N LYS B 93 -20.97 1.93 29.01
CA LYS B 93 -21.37 0.57 29.38
C LYS B 93 -22.25 0.58 30.62
N ALA B 94 -21.87 1.40 31.60
CA ALA B 94 -22.60 1.54 32.86
C ALA B 94 -22.71 0.20 33.60
N GLY B 95 -21.84 -0.74 33.24
CA GLY B 95 -21.80 -2.04 33.89
C GLY B 95 -22.77 -3.06 33.30
N HIS B 96 -23.59 -2.64 32.35
CA HIS B 96 -24.60 -3.53 31.77
C HIS B 96 -23.99 -4.52 30.78
N GLU B 97 -23.11 -4.04 29.92
CA GLU B 97 -22.48 -4.90 28.93
C GLU B 97 -20.96 -4.74 28.93
N THR B 98 -20.26 -5.86 29.08
CA THR B 98 -18.80 -5.84 29.14
C THR B 98 -18.20 -6.62 27.97
N ASN B 99 -19.05 -7.00 27.02
CA ASN B 99 -18.65 -7.81 25.88
C ASN B 99 -17.73 -7.06 24.92
N PRO B 100 -16.60 -7.69 24.54
CA PRO B 100 -15.64 -7.09 23.60
C PRO B 100 -16.25 -6.82 22.23
N TRP B 101 -17.03 -7.75 21.71
CA TRP B 101 -17.73 -7.53 20.45
C TRP B 101 -18.90 -6.59 20.66
N HIS B 102 -18.76 -5.35 20.21
CA HIS B 102 -19.82 -4.36 20.37
C HIS B 102 -20.01 -3.51 19.12
N ASP B 103 -20.99 -2.61 19.18
CA ASP B 103 -21.33 -1.77 18.04
C ASP B 103 -20.32 -0.66 17.83
N GLU B 104 -19.66 -0.66 16.68
CA GLU B 104 -18.68 0.38 16.36
C GLU B 104 -19.26 1.37 15.35
N PHE B 105 -19.40 2.62 15.76
CA PHE B 105 -20.00 3.65 14.93
C PHE B 105 -18.99 4.65 14.39
N ASP B 106 -18.92 4.75 13.06
CA ASP B 106 -18.13 5.80 12.42
C ASP B 106 -19.02 6.60 11.48
N LEU B 107 -19.55 7.71 11.99
CA LEU B 107 -20.51 8.52 11.25
C LEU B 107 -19.81 9.53 10.34
N ASP B 108 -18.49 9.59 10.43
CA ASP B 108 -17.71 10.50 9.60
C ASP B 108 -17.51 9.93 8.20
N HIS B 109 -17.29 8.62 8.12
CA HIS B 109 -17.08 7.95 6.85
C HIS B 109 -18.32 7.16 6.44
N GLY B 110 -19.37 7.26 7.25
CA GLY B 110 -20.62 6.59 6.96
C GLY B 110 -20.53 5.08 7.08
N HIS B 111 -19.68 4.61 7.98
CA HIS B 111 -19.48 3.18 8.17
C HIS B 111 -19.87 2.76 9.59
N VAL B 112 -20.80 1.83 9.69
CA VAL B 112 -21.28 1.38 10.99
C VAL B 112 -21.31 -0.14 11.10
N ARG B 113 -20.57 -0.68 12.07
CA ARG B 113 -20.52 -2.11 12.30
C ARG B 113 -21.39 -2.51 13.49
N TYR B 114 -22.39 -3.34 13.25
CA TYR B 114 -23.29 -3.77 14.30
C TYR B 114 -23.27 -5.29 14.47
N PHE B 115 -23.47 -5.75 15.70
CA PHE B 115 -23.50 -7.18 15.99
C PHE B 115 -24.89 -7.61 16.43
N GLY B 116 -25.45 -8.61 15.75
CA GLY B 116 -26.81 -9.07 16.02
C GLY B 116 -27.00 -9.67 17.39
N ASP B 117 -28.24 -10.03 17.69
CA ASP B 117 -28.58 -10.60 18.99
C ASP B 117 -28.70 -12.12 18.94
N HIS B 118 -27.75 -12.81 19.56
CA HIS B 118 -27.80 -14.26 19.69
C HIS B 118 -27.28 -14.65 21.06
N LYS B 119 -28.05 -15.47 21.78
CA LYS B 119 -27.74 -15.77 23.17
C LYS B 119 -27.63 -17.27 23.41
N PRO B 120 -26.71 -17.67 24.32
CA PRO B 120 -26.47 -19.08 24.67
C PRO B 120 -27.73 -19.80 25.14
N SER B 121 -28.69 -19.07 25.68
CA SER B 121 -29.95 -19.65 26.12
C SER B 121 -30.77 -20.15 24.94
N THR B 122 -30.58 -19.52 23.78
CA THR B 122 -31.27 -19.90 22.56
C THR B 122 -30.57 -21.08 21.88
N VAL B 123 -31.29 -22.18 21.72
CA VAL B 123 -30.76 -23.37 21.08
C VAL B 123 -31.15 -23.43 19.60
N GLY B 124 -30.15 -23.53 18.73
CA GLY B 124 -30.39 -23.62 17.30
C GLY B 124 -29.30 -22.95 16.48
N LEU B 125 -29.68 -22.47 15.30
CA LEU B 125 -28.74 -21.83 14.39
C LEU B 125 -28.98 -20.32 14.34
N PRO B 126 -27.92 -19.54 14.06
CA PRO B 126 -28.05 -18.07 14.02
C PRO B 126 -29.06 -17.59 12.99
N GLY B 127 -30.01 -16.77 13.44
CA GLY B 127 -31.03 -16.22 12.55
C GLY B 127 -32.39 -16.86 12.72
N GLU B 128 -32.55 -17.62 13.81
CA GLU B 128 -33.80 -18.31 14.07
C GLU B 128 -34.85 -17.40 14.72
N THR B 129 -34.39 -16.35 15.37
CA THR B 129 -35.29 -15.40 16.02
C THR B 129 -35.94 -14.48 14.99
N LYS B 130 -37.22 -14.16 15.21
CA LYS B 130 -38.02 -13.37 14.26
C LYS B 130 -37.34 -12.09 13.82
N GLY B 131 -36.72 -11.39 14.77
CA GLY B 131 -35.98 -10.17 14.45
C GLY B 131 -34.83 -10.46 13.52
N ASN B 132 -34.10 -11.54 13.80
CA ASN B 132 -32.98 -11.95 12.96
C ASN B 132 -33.45 -12.60 11.66
N ARG B 133 -34.65 -13.18 11.68
CA ARG B 133 -35.24 -13.74 10.46
C ARG B 133 -35.53 -12.60 9.48
N LEU B 134 -36.23 -11.59 9.96
CA LEU B 134 -36.54 -10.42 9.16
C LEU B 134 -35.28 -9.65 8.80
N LEU B 135 -34.26 -9.75 9.66
CA LEU B 135 -32.98 -9.10 9.41
C LEU B 135 -32.25 -9.76 8.23
N LEU B 136 -32.23 -11.09 8.24
CA LEU B 136 -31.59 -11.84 7.17
C LEU B 136 -32.37 -11.73 5.87
N GLU B 137 -33.70 -11.63 5.98
CA GLU B 137 -34.54 -11.44 4.80
C GLU B 137 -34.30 -10.06 4.22
N ALA B 138 -34.13 -9.07 5.09
CA ALA B 138 -33.81 -7.71 4.65
C ALA B 138 -32.43 -7.69 3.99
N ALA B 139 -31.52 -8.51 4.52
CA ALA B 139 -30.19 -8.65 3.94
C ALA B 139 -30.30 -9.27 2.55
N ARG B 140 -31.26 -10.17 2.38
CA ARG B 140 -31.53 -10.78 1.10
C ARG B 140 -32.07 -9.74 0.11
N LEU B 141 -32.96 -8.88 0.60
CA LEU B 141 -33.56 -7.85 -0.25
C LEU B 141 -32.56 -6.79 -0.69
N HIS B 142 -31.71 -6.36 0.24
CA HIS B 142 -30.72 -5.32 -0.05
C HIS B 142 -29.61 -5.84 -0.95
N ALA B 143 -29.39 -7.14 -0.91
CA ALA B 143 -28.44 -7.78 -1.81
C ALA B 143 -29.16 -8.27 -3.05
N GLY B 144 -30.39 -7.79 -3.23
CA GLY B 144 -31.21 -8.16 -4.38
C GLY B 144 -30.56 -7.85 -5.72
N THR B 145 -30.86 -8.67 -6.72
CA THR B 145 -30.29 -8.55 -8.06
C THR B 145 -31.09 -7.63 -8.98
N THR B 146 -32.35 -7.39 -8.63
CA THR B 146 -33.20 -6.47 -9.39
C THR B 146 -33.43 -5.15 -8.68
N ARG B 147 -33.81 -4.14 -9.45
CA ARG B 147 -34.15 -2.83 -8.90
C ARG B 147 -35.40 -2.94 -8.02
N GLU B 148 -36.31 -3.82 -8.44
CA GLU B 148 -37.57 -4.04 -7.72
C GLU B 148 -37.31 -4.58 -6.31
N GLU B 149 -36.38 -5.54 -6.21
CA GLU B 149 -36.04 -6.14 -4.93
C GLU B 149 -35.35 -5.13 -4.01
N ARG B 150 -34.61 -4.18 -4.61
CA ARG B 150 -33.90 -3.17 -3.84
C ARG B 150 -34.82 -2.06 -3.36
N LEU B 151 -35.84 -1.73 -4.15
CA LEU B 151 -36.83 -0.75 -3.71
C LEU B 151 -37.83 -1.41 -2.77
N LEU B 152 -37.87 -2.73 -2.79
CA LEU B 152 -38.70 -3.49 -1.86
C LEU B 152 -38.01 -3.62 -0.51
N ALA B 153 -36.70 -3.37 -0.51
CA ALA B 153 -35.89 -3.48 0.70
C ALA B 153 -36.23 -2.40 1.71
N PRO B 154 -36.57 -2.80 2.94
CA PRO B 154 -36.90 -1.86 4.02
C PRO B 154 -35.68 -1.11 4.54
N PRO B 155 -35.81 0.21 4.75
CA PRO B 155 -34.72 1.07 5.23
C PRO B 155 -34.24 0.71 6.64
N LEU B 156 -32.96 0.91 6.90
CA LEU B 156 -32.39 0.66 8.22
C LEU B 156 -32.04 1.97 8.91
N PHE B 157 -32.73 2.28 10.00
CA PHE B 157 -32.47 3.50 10.75
C PHE B 157 -31.77 3.20 12.06
N LEU B 158 -30.59 3.79 12.24
CA LEU B 158 -29.76 3.51 13.40
C LEU B 158 -29.97 4.55 14.50
N PHE B 159 -29.94 4.09 15.75
CA PHE B 159 -30.10 4.96 16.91
C PHE B 159 -29.13 4.57 18.01
N ARG B 160 -28.61 5.56 18.73
CA ARG B 160 -27.61 5.30 19.75
C ARG B 160 -28.03 5.83 21.10
N ALA B 161 -27.58 5.17 22.16
CA ALA B 161 -27.78 5.69 23.51
C ALA B 161 -26.89 6.93 23.76
N VAL B 162 -27.23 7.76 24.75
CA VAL B 162 -26.46 8.98 25.00
C VAL B 162 -26.06 9.21 26.47
N THR B 163 -24.82 9.61 26.67
CA THR B 163 -24.34 10.02 27.99
C THR B 163 -23.84 11.46 27.93
N VAL B 164 -24.65 12.40 28.40
CA VAL B 164 -24.33 13.82 28.30
C VAL B 164 -24.84 14.63 29.49
N HIS B 165 -25.07 15.93 29.25
CA HIS B 165 -25.60 16.82 30.27
C HIS B 165 -26.63 17.77 29.64
N ARG B 166 -27.72 18.02 30.36
CA ARG B 166 -28.79 18.85 29.83
C ARG B 166 -29.22 19.95 30.81
N ALA B 167 -28.98 21.20 30.43
CA ALA B 167 -29.40 22.36 31.21
C ALA B 167 -28.89 22.33 32.64
N GLY B 168 -27.64 21.95 32.82
CA GLY B 168 -27.03 21.89 34.13
C GLY B 168 -27.62 20.80 35.01
N ARG B 169 -27.73 19.60 34.45
CA ARG B 169 -28.27 18.47 35.19
C ARG B 169 -27.80 17.15 34.59
N ALA B 170 -28.15 16.05 35.25
CA ALA B 170 -27.75 14.72 34.78
C ALA B 170 -28.50 14.33 33.52
N VAL B 171 -27.83 13.56 32.65
CA VAL B 171 -28.42 13.15 31.39
C VAL B 171 -27.75 11.87 30.88
N VAL B 172 -28.53 10.98 30.27
CA VAL B 172 -29.96 11.20 30.04
C VAL B 172 -30.77 9.95 30.34
N LYS B 173 -32.01 10.16 30.80
CA LYS B 173 -32.92 9.06 31.10
C LYS B 173 -34.05 9.03 30.08
N GLY B 174 -34.01 8.06 29.18
CA GLY B 174 -35.02 7.93 28.15
C GLY B 174 -34.76 8.87 26.99
N HIS B 175 -33.52 8.91 26.53
CA HIS B 175 -33.15 9.73 25.39
C HIS B 175 -32.23 8.96 24.44
N VAL B 176 -32.39 9.20 23.14
CA VAL B 176 -31.57 8.54 22.14
C VAL B 176 -30.96 9.55 21.17
N GLU B 177 -30.31 9.04 20.13
CA GLU B 177 -29.64 9.87 19.15
C GLU B 177 -29.78 9.29 17.75
N PHE B 178 -30.16 10.13 16.79
CA PHE B 178 -30.37 9.71 15.41
C PHE B 178 -29.05 9.52 14.67
N CYS B 179 -28.77 8.29 14.28
CA CYS B 179 -27.50 7.97 13.63
C CYS B 179 -27.63 7.97 12.11
N GLY B 180 -28.85 8.10 11.60
CA GLY B 180 -29.08 8.15 10.18
C GLY B 180 -29.52 6.83 9.58
N ALA B 181 -29.77 6.82 8.27
CA ALA B 181 -30.16 5.62 7.57
C ALA B 181 -28.94 4.92 6.98
N ALA B 182 -28.95 3.59 6.95
CA ALA B 182 -27.82 2.83 6.45
C ALA B 182 -28.26 1.74 5.46
N ILE B 183 -27.31 1.32 4.61
CA ILE B 183 -27.57 0.26 3.64
C ILE B 183 -26.76 -0.98 3.98
N ILE B 184 -27.42 -2.14 3.95
CA ILE B 184 -26.73 -3.40 4.18
C ILE B 184 -25.70 -3.68 3.09
N GLU B 185 -24.44 -3.72 3.48
CA GLU B 185 -23.35 -3.92 2.53
C GLU B 185 -22.67 -5.27 2.73
N ARG B 186 -22.05 -5.47 3.87
CA ARG B 186 -21.28 -6.67 4.12
C ARG B 186 -21.84 -7.50 5.27
N LEU B 187 -21.80 -8.82 5.13
CA LEU B 187 -22.26 -9.71 6.19
C LEU B 187 -21.13 -10.62 6.64
N GLU B 188 -21.18 -11.04 7.90
CA GLU B 188 -20.11 -11.84 8.49
C GLU B 188 -20.65 -12.80 9.54
N HIS B 189 -19.98 -13.93 9.72
CA HIS B 189 -20.36 -14.91 10.73
C HIS B 189 -19.24 -15.10 11.76
N VAL B 190 -19.50 -14.70 13.00
CA VAL B 190 -18.48 -14.78 14.05
C VAL B 190 -18.94 -15.70 15.17
N VAL B 191 -18.02 -16.06 16.07
CA VAL B 191 -18.37 -16.81 17.27
C VAL B 191 -17.79 -16.10 18.49
N GLN B 192 -18.67 -15.56 19.32
CA GLN B 192 -18.26 -14.79 20.49
C GLN B 192 -18.42 -15.60 21.77
N ARG B 193 -18.01 -15.01 22.89
CA ARG B 193 -18.10 -15.66 24.19
C ARG B 193 -18.42 -14.65 25.29
N ASP B 194 -19.55 -14.84 25.96
CA ASP B 194 -19.93 -13.99 27.08
C ASP B 194 -19.47 -14.59 28.39
N PRO B 195 -18.65 -13.84 29.15
CA PRO B 195 -18.09 -14.31 30.42
C PRO B 195 -19.14 -14.61 31.47
N GLU B 196 -20.23 -13.85 31.46
CA GLU B 196 -21.28 -13.99 32.47
C GLU B 196 -22.33 -15.03 32.07
N THR B 197 -22.27 -15.45 30.81
CA THR B 197 -23.26 -16.41 30.29
C THR B 197 -23.24 -17.79 30.97
N GLY B 198 -22.09 -18.47 31.11
CA GLY B 198 -20.78 -18.04 30.64
C GLY B 198 -20.35 -18.81 29.40
N ARG B 199 -21.31 -19.50 28.78
CA ARG B 199 -21.04 -20.32 27.62
C ARG B 199 -20.77 -19.48 26.37
N SER B 200 -20.03 -20.05 25.43
CA SER B 200 -19.74 -19.38 24.17
C SER B 200 -20.92 -19.52 23.21
N PHE B 201 -21.10 -18.54 22.34
CA PHE B 201 -22.24 -18.54 21.42
C PHE B 201 -21.87 -17.96 20.05
N PRO B 202 -22.47 -18.52 18.98
CA PRO B 202 -22.28 -17.98 17.64
C PRO B 202 -23.09 -16.70 17.44
N ASN B 203 -22.49 -15.69 16.81
CA ASN B 203 -23.17 -14.42 16.59
C ASN B 203 -22.92 -13.84 15.20
N LEU B 204 -23.91 -13.11 14.70
CA LEU B 204 -23.82 -12.52 13.37
C LEU B 204 -23.17 -11.13 13.42
N SER B 205 -22.42 -10.81 12.38
CA SER B 205 -21.81 -9.49 12.25
C SER B 205 -22.32 -8.80 10.98
N LEU B 206 -22.55 -7.50 11.07
CA LEU B 206 -23.11 -6.76 9.95
C LEU B 206 -22.40 -5.43 9.73
N ASP B 207 -21.81 -5.28 8.54
CA ASP B 207 -21.16 -4.04 8.15
C ASP B 207 -22.08 -3.21 7.26
N LEU B 208 -22.53 -2.08 7.80
CA LEU B 208 -23.49 -1.20 7.14
C LEU B 208 -22.84 0.09 6.64
N ALA B 209 -23.33 0.58 5.52
CA ALA B 209 -22.86 1.83 4.95
C ALA B 209 -23.92 2.92 5.07
N VAL B 210 -23.65 3.93 5.89
CA VAL B 210 -24.60 5.02 6.10
C VAL B 210 -24.67 5.93 4.87
N VAL B 211 -25.90 6.16 4.41
CA VAL B 211 -26.11 6.97 3.20
C VAL B 211 -25.91 8.46 3.47
N SER B 212 -25.67 9.21 2.40
CA SER B 212 -25.58 10.66 2.49
C SER B 212 -26.89 11.29 2.03
N GLY B 213 -27.38 12.26 2.78
CA GLY B 213 -28.65 12.89 2.48
C GLY B 213 -28.58 13.90 1.34
N GLY B 214 -27.40 14.04 0.74
CA GLY B 214 -27.21 14.97 -0.34
C GLY B 214 -27.10 16.40 0.14
N GLU B 215 -28.06 17.23 -0.25
CA GLU B 215 -28.07 18.63 0.14
C GLU B 215 -28.37 18.79 1.63
N ILE B 216 -29.06 17.81 2.20
CA ILE B 216 -29.39 17.84 3.62
C ILE B 216 -28.54 16.82 4.39
N ASP B 217 -28.25 17.14 5.66
CA ASP B 217 -27.43 16.28 6.49
C ASP B 217 -28.20 15.00 6.85
N GLY B 218 -29.45 15.16 7.27
CA GLY B 218 -30.27 14.03 7.65
C GLY B 218 -31.14 13.52 6.51
N VAL B 219 -32.26 12.90 6.86
CA VAL B 219 -33.17 12.35 5.87
C VAL B 219 -34.58 12.89 6.04
N ASP B 220 -35.42 12.70 5.02
CA ASP B 220 -36.80 13.14 5.08
C ASP B 220 -37.65 12.08 5.76
N PHE B 221 -38.41 12.50 6.78
CA PHE B 221 -39.20 11.57 7.57
C PHE B 221 -40.49 11.16 6.87
N ARG B 222 -40.84 11.86 5.80
CA ARG B 222 -42.03 11.54 5.02
C ARG B 222 -41.92 10.16 4.36
N TRP B 223 -40.71 9.80 3.98
CA TRP B 223 -40.43 8.53 3.29
C TRP B 223 -41.05 7.34 4.00
N ILE B 224 -40.74 7.19 5.29
CA ILE B 224 -41.23 6.05 6.06
C ILE B 224 -42.76 6.05 6.17
N ASP B 225 -43.34 7.20 6.47
CA ASP B 225 -44.79 7.32 6.63
C ASP B 225 -45.51 7.00 5.32
N ASP B 226 -44.87 7.32 4.20
CA ASP B 226 -45.43 7.03 2.89
C ASP B 226 -45.29 5.54 2.55
N ARG B 227 -44.18 4.94 2.95
CA ARG B 227 -43.90 3.55 2.63
C ARG B 227 -44.75 2.60 3.47
N ARG B 228 -45.12 3.06 4.67
CA ARG B 228 -45.93 2.28 5.59
C ARG B 228 -47.36 2.10 5.07
N ASN B 229 -47.84 3.12 4.37
CA ASN B 229 -49.18 3.09 3.78
C ASN B 229 -49.36 1.92 2.81
N ALA B 230 -50.55 1.34 2.80
CA ALA B 230 -50.82 0.16 1.99
C ALA B 230 -51.06 0.50 0.52
N ALA B 231 -51.71 1.63 0.28
CA ALA B 231 -52.07 2.03 -1.08
C ALA B 231 -50.86 2.39 -1.92
N LEU B 232 -49.79 2.79 -1.25
CA LEU B 232 -48.57 3.24 -1.92
C LEU B 232 -47.90 2.10 -2.69
N ALA B 233 -47.71 2.32 -3.99
CA ALA B 233 -47.03 1.33 -4.83
C ALA B 233 -45.53 1.36 -4.58
N ALA B 234 -44.91 0.19 -4.61
CA ALA B 234 -43.51 0.06 -4.24
C ALA B 234 -42.57 0.80 -5.18
N GLY B 235 -42.96 0.90 -6.44
CA GLY B 235 -42.18 1.66 -7.40
C GLY B 235 -42.29 3.15 -7.15
N GLU B 236 -43.48 3.58 -6.69
CA GLU B 236 -43.78 5.00 -6.53
C GLU B 236 -43.76 5.44 -5.07
N THR B 237 -43.37 4.54 -4.17
CA THR B 237 -43.38 4.84 -2.75
C THR B 237 -42.20 5.71 -2.35
N LEU B 238 -41.23 5.85 -3.24
CA LEU B 238 -40.07 6.69 -3.00
C LEU B 238 -40.23 8.05 -3.66
N ARG B 239 -40.42 9.08 -2.85
CA ARG B 239 -40.51 10.45 -3.36
C ARG B 239 -39.53 11.36 -2.64
N HIS B 240 -39.53 11.31 -1.31
CA HIS B 240 -38.67 12.16 -0.51
C HIS B 240 -37.42 11.41 -0.05
N ALA B 241 -37.28 10.17 -0.51
CA ALA B 241 -36.12 9.34 -0.17
C ALA B 241 -34.83 10.00 -0.65
N PRO B 242 -33.75 9.85 0.14
CA PRO B 242 -32.45 10.43 -0.21
C PRO B 242 -31.97 9.99 -1.59
N GLU B 243 -31.34 10.90 -2.32
CA GLU B 243 -30.88 10.63 -3.69
C GLU B 243 -29.88 9.46 -3.71
N SER B 244 -29.14 9.31 -2.62
CA SER B 244 -28.19 8.22 -2.49
C SER B 244 -28.88 6.87 -2.51
N TRP B 245 -29.96 6.75 -1.73
CA TRP B 245 -30.73 5.51 -1.66
C TRP B 245 -31.38 5.22 -3.01
N ILE B 246 -32.01 6.23 -3.60
CA ILE B 246 -32.67 6.11 -4.89
C ILE B 246 -31.70 5.64 -5.97
N ARG B 247 -30.51 6.23 -5.97
CA ARG B 247 -29.46 5.85 -6.92
C ARG B 247 -28.99 4.41 -6.66
N TRP B 248 -28.89 4.07 -5.38
CA TRP B 248 -28.44 2.73 -4.99
C TRP B 248 -29.40 1.65 -5.45
N VAL B 249 -30.70 1.94 -5.36
CA VAL B 249 -31.73 0.98 -5.75
C VAL B 249 -31.57 0.53 -7.19
N ARG B 250 -31.23 1.47 -8.06
CA ARG B 250 -31.06 1.17 -9.48
C ARG B 250 -29.67 0.63 -9.79
N GLN B 251 -28.65 1.18 -9.12
CA GLN B 251 -27.27 0.76 -9.39
C GLN B 251 -26.89 -0.54 -8.67
N GLY B 252 -27.38 -0.72 -7.45
CA GLY B 252 -27.10 -1.92 -6.70
C GLY B 252 -25.88 -1.78 -5.80
N ARG B 253 -25.15 -2.89 -5.62
CA ARG B 253 -23.97 -2.91 -4.76
C ARG B 253 -22.87 -1.98 -5.29
N LEU B 254 -22.91 -1.70 -6.58
CA LEU B 254 -21.90 -0.87 -7.22
C LEU B 254 -21.93 0.57 -6.70
N ALA B 255 -23.09 1.00 -6.22
CA ALA B 255 -23.27 2.36 -5.73
C ALA B 255 -22.72 2.53 -4.32
N ILE B 256 -22.80 1.47 -3.52
CA ILE B 256 -22.42 1.50 -2.10
C ILE B 256 -21.06 2.14 -1.78
N PRO B 257 -20.00 1.83 -2.55
CA PRO B 257 -18.71 2.44 -2.18
C PRO B 257 -18.69 3.96 -2.29
N GLY B 258 -19.46 4.53 -3.20
CA GLY B 258 -19.38 5.95 -3.48
C GLY B 258 -20.47 6.82 -2.87
N ILE B 259 -21.50 6.20 -2.31
CA ILE B 259 -22.65 6.94 -1.79
C ILE B 259 -22.60 7.14 -0.28
N ARG B 260 -21.53 6.68 0.36
CA ARG B 260 -21.40 6.77 1.81
C ARG B 260 -21.27 8.21 2.28
N ARG B 261 -21.92 8.50 3.41
CA ARG B 261 -21.91 9.84 3.99
C ARG B 261 -20.52 10.22 4.49
N ARG B 262 -20.03 11.38 4.06
CA ARG B 262 -18.70 11.83 4.44
C ARG B 262 -18.75 13.13 5.24
N VAL B 263 -18.26 13.07 6.47
CA VAL B 263 -18.17 14.24 7.34
C VAL B 263 -16.72 14.69 7.48
N LEU B 264 -16.43 15.90 7.01
CA LEU B 264 -15.06 16.41 7.06
C LEU B 264 -14.67 16.84 8.47
N ALA B 265 -13.71 16.14 9.05
CA ALA B 265 -13.25 16.43 10.40
C ALA B 265 -11.81 15.98 10.59
N SER B 266 -11.11 16.62 11.53
CA SER B 266 -9.73 16.27 11.84
C SER B 266 -9.64 14.83 12.34
N ALA B 267 -8.66 14.09 11.82
CA ALA B 267 -8.48 12.69 12.18
C ALA B 267 -7.61 12.54 13.42
N VAL B 268 -7.17 13.67 13.96
CA VAL B 268 -6.31 13.68 15.15
C VAL B 268 -7.10 13.40 16.41
N GLN B 269 -6.77 12.31 17.09
CA GLN B 269 -7.39 11.98 18.36
C GLN B 269 -6.48 12.38 19.53
N SER B 270 -7.04 13.08 20.51
CA SER B 270 -6.28 13.49 21.68
C SER B 270 -5.87 12.27 22.51
N SER B 271 -4.97 12.49 23.45
CA SER B 271 -4.46 11.40 24.29
C SER B 271 -5.58 10.72 25.09
N LYS B 272 -6.59 11.50 25.45
CA LYS B 272 -7.72 10.97 26.21
C LYS B 272 -8.63 10.12 25.34
N GLU B 273 -8.76 10.51 24.07
CA GLU B 273 -9.62 9.80 23.13
C GLU B 273 -9.03 8.45 22.72
N GLN B 274 -7.70 8.37 22.73
CA GLN B 274 -7.01 7.15 22.37
C GLN B 274 -6.99 6.17 23.54
N GLN B 275 -7.23 6.67 24.74
CA GLN B 275 -7.29 5.83 25.92
C GLN B 275 -8.72 5.43 26.26
N PRO B 276 -8.92 4.15 26.61
CA PRO B 276 -10.24 3.61 26.92
C PRO B 276 -10.82 4.20 28.21
N ALA B 277 -12.13 4.04 28.40
CA ALA B 277 -12.79 4.54 29.59
C ALA B 277 -12.27 3.83 30.84
N SER B 278 -12.31 4.52 31.96
CA SER B 278 -11.83 3.95 33.22
C SER B 278 -12.71 2.80 33.68
N GLY B 279 -14.01 2.89 33.43
CA GLY B 279 -14.94 1.85 33.82
C GLY B 279 -15.19 0.82 32.74
N SER B 280 -14.48 0.97 31.62
CA SER B 280 -14.65 0.10 30.47
C SER B 280 -14.13 -1.32 30.73
N ALA B 281 -13.27 -1.44 31.73
CA ALA B 281 -12.61 -2.69 32.12
C ALA B 281 -11.60 -3.18 31.08
N GLU B 282 -11.56 -2.51 29.93
CA GLU B 282 -10.51 -2.73 28.95
C GLU B 282 -9.22 -2.09 29.45
N ALA B 283 -9.39 -1.00 30.20
CA ALA B 283 -8.26 -0.24 30.71
C ALA B 283 -7.46 -1.03 31.74
N ALA B 284 -8.16 -1.82 32.56
CA ALA B 284 -7.50 -2.68 33.52
C ALA B 284 -6.63 -3.69 32.79
N THR B 285 -7.17 -4.26 31.72
CA THR B 285 -6.43 -5.18 30.88
C THR B 285 -5.19 -4.49 30.30
N LEU B 286 -5.37 -3.24 29.89
CA LEU B 286 -4.27 -2.44 29.38
C LEU B 286 -3.15 -2.26 30.41
N GLN B 287 -3.55 -2.02 31.65
CA GLN B 287 -2.59 -1.85 32.74
C GLN B 287 -1.84 -3.16 33.02
N THR B 288 -2.58 -4.26 33.04
CA THR B 288 -1.97 -5.58 33.22
C THR B 288 -0.96 -5.86 32.13
N LEU B 289 -1.31 -5.50 30.89
CA LEU B 289 -0.41 -5.65 29.76
C LEU B 289 0.81 -4.75 29.89
N TYR B 290 0.61 -3.59 30.50
CA TYR B 290 1.70 -2.65 30.71
C TYR B 290 2.72 -3.20 31.71
N LYS B 291 2.22 -3.71 32.84
CA LYS B 291 3.10 -4.26 33.86
C LYS B 291 3.74 -5.56 33.38
N PHE B 292 3.03 -6.29 32.53
CA PHE B 292 3.53 -7.56 32.01
C PHE B 292 4.67 -7.37 31.02
N TYR B 293 4.42 -6.59 29.98
CA TYR B 293 5.39 -6.41 28.90
C TYR B 293 6.41 -5.31 29.18
N ASP B 294 6.43 -4.81 30.42
CA ASP B 294 7.40 -3.81 30.81
C ASP B 294 8.80 -4.40 30.80
N GLY B 295 8.91 -5.68 31.17
CA GLY B 295 10.18 -6.37 31.20
C GLY B 295 10.46 -7.10 29.90
N ARG B 296 9.44 -7.74 29.35
CA ARG B 296 9.59 -8.48 28.10
C ARG B 296 8.92 -7.75 26.93
N LYS B 297 9.74 -7.24 26.02
CA LYS B 297 9.26 -6.49 24.87
C LYS B 297 8.95 -7.39 23.68
N HIS B 298 9.64 -8.52 23.62
CA HIS B 298 9.51 -9.45 22.49
C HIS B 298 8.12 -10.07 22.41
N ALA B 299 7.63 -10.56 23.54
CA ALA B 299 6.29 -11.13 23.62
C ALA B 299 5.25 -10.07 23.26
N PHE B 300 5.55 -8.82 23.57
CA PHE B 300 4.69 -7.70 23.20
C PHE B 300 4.74 -7.45 21.71
N GLU B 301 5.89 -7.74 21.09
CA GLU B 301 6.04 -7.59 19.65
C GLU B 301 5.23 -8.65 18.92
N LEU B 302 5.31 -9.89 19.39
CA LEU B 302 4.53 -10.98 18.82
C LEU B 302 3.04 -10.73 19.02
N LEU B 303 2.67 -10.32 20.23
CA LEU B 303 1.28 -10.00 20.54
C LEU B 303 0.77 -8.89 19.63
N ALA B 304 1.62 -7.91 19.37
CA ALA B 304 1.26 -6.80 18.49
C ALA B 304 1.10 -7.28 17.05
N SER B 305 1.92 -8.24 16.66
CA SER B 305 1.82 -8.82 15.32
C SER B 305 0.47 -9.52 15.15
N ARG B 306 0.09 -10.30 16.16
CA ARG B 306 -1.19 -11.01 16.13
C ARG B 306 -2.35 -10.03 16.14
N VAL B 307 -2.24 -8.98 16.97
CA VAL B 307 -3.27 -7.96 17.07
C VAL B 307 -3.50 -7.26 15.73
N ALA B 308 -2.41 -6.82 15.13
CA ALA B 308 -2.48 -6.17 13.81
C ALA B 308 -3.06 -7.12 12.77
N ALA B 309 -2.66 -8.39 12.87
CA ALA B 309 -3.16 -9.43 11.98
C ALA B 309 -4.68 -9.54 12.08
N GLU B 310 -5.19 -9.41 13.31
CA GLU B 310 -6.63 -9.44 13.54
C GLU B 310 -7.29 -8.16 13.04
N VAL B 311 -6.57 -7.05 13.14
CA VAL B 311 -7.08 -5.75 12.71
C VAL B 311 -7.30 -5.71 11.20
N PHE B 312 -6.30 -6.16 10.44
CA PHE B 312 -6.41 -6.16 9.00
C PHE B 312 -7.44 -7.17 8.49
N ARG B 313 -7.63 -8.24 9.23
CA ARG B 313 -8.61 -9.27 8.85
C ARG B 313 -10.02 -8.90 9.28
N GLU B 314 -10.15 -7.81 10.02
CA GLU B 314 -11.45 -7.32 10.45
C GLU B 314 -12.22 -6.73 9.27
N SER B 315 -11.48 -6.16 8.32
CA SER B 315 -12.08 -5.58 7.13
C SER B 315 -12.28 -6.63 6.04
N GLY B 316 -11.99 -7.89 6.37
CA GLY B 316 -12.15 -8.97 5.43
C GLY B 316 -10.98 -9.11 4.48
N ALA B 317 -9.87 -8.43 4.79
CA ALA B 317 -8.69 -8.48 3.96
C ALA B 317 -7.91 -9.78 4.15
N ARG B 318 -6.80 -9.91 3.44
CA ARG B 318 -6.02 -11.14 3.47
C ARG B 318 -4.63 -10.91 4.05
N TYR B 319 -4.47 -11.15 5.35
CA TYR B 319 -3.19 -10.96 6.01
C TYR B 319 -2.44 -12.28 6.18
N LYS B 320 -1.13 -12.22 5.93
CA LYS B 320 -0.24 -13.36 6.13
C LYS B 320 0.97 -12.90 6.92
N GLU B 321 1.22 -13.57 8.04
CA GLU B 321 2.32 -13.18 8.91
C GLU B 321 3.65 -13.72 8.40
N GLY B 322 4.56 -12.80 8.09
CA GLY B 322 5.88 -13.19 7.64
C GLY B 322 6.73 -13.73 8.78
N TRP B 323 7.20 -12.83 9.64
CA TRP B 323 8.07 -13.21 10.75
C TRP B 323 8.29 -12.04 11.71
N LEU B 324 9.29 -12.19 12.57
CA LEU B 324 9.74 -11.09 13.42
C LEU B 324 11.19 -10.76 13.09
N SER B 325 11.51 -9.47 13.05
CA SER B 325 12.82 -9.01 12.59
C SER B 325 13.97 -9.54 13.44
N ARG B 326 13.91 -9.34 14.75
CA ARG B 326 14.99 -9.76 15.63
C ARG B 326 14.54 -9.93 17.07
N SER B 327 15.28 -10.74 17.83
CA SER B 327 14.97 -10.98 19.23
C SER B 327 16.00 -10.33 20.16
N SER B 328 16.95 -9.61 19.56
CA SER B 328 17.99 -8.94 20.32
C SER B 328 18.00 -7.44 20.06
N GLY B 329 17.55 -6.66 21.02
CA GLY B 329 17.53 -5.22 20.91
C GLY B 329 16.44 -4.70 19.99
N ASP B 330 16.14 -3.41 20.09
CA ASP B 330 15.12 -2.78 19.25
C ASP B 330 15.70 -2.43 17.88
N GLY B 331 14.91 -1.72 17.08
CA GLY B 331 15.33 -1.33 15.75
C GLY B 331 14.23 -0.61 15.00
N GLY B 332 14.39 -0.51 13.68
CA GLY B 332 13.40 0.15 12.85
C GLY B 332 12.13 -0.67 12.68
N VAL B 333 12.30 -1.98 12.58
CA VAL B 333 11.18 -2.90 12.40
C VAL B 333 11.21 -4.00 13.46
N ASP B 334 10.05 -4.27 14.06
CA ASP B 334 9.94 -5.35 15.04
C ASP B 334 9.40 -6.63 14.41
N PHE B 335 8.44 -6.48 13.52
CA PHE B 335 7.80 -7.63 12.88
C PHE B 335 7.38 -7.33 11.45
N ILE B 336 7.29 -8.38 10.63
CA ILE B 336 6.94 -8.23 9.22
C ILE B 336 5.79 -9.16 8.83
N GLY B 337 4.82 -8.61 8.09
CA GLY B 337 3.70 -9.37 7.57
C GLY B 337 3.45 -9.01 6.11
N ARG B 338 2.41 -9.59 5.52
CA ARG B 338 2.09 -9.34 4.12
C ARG B 338 0.60 -9.43 3.84
N ILE B 339 0.10 -8.51 3.01
CA ILE B 339 -1.31 -8.51 2.63
C ILE B 339 -1.49 -8.66 1.13
N ASP B 340 -2.02 -9.80 0.72
CA ASP B 340 -2.20 -10.10 -0.70
C ASP B 340 -3.58 -9.71 -1.23
N MET B 341 -3.57 -8.94 -2.32
CA MET B 341 -4.81 -8.49 -2.96
C MET B 341 -4.67 -8.54 -4.48
N GLY B 342 -5.63 -9.17 -5.16
CA GLY B 342 -5.56 -9.29 -6.60
C GLY B 342 -6.54 -10.28 -7.19
N SER B 343 -6.24 -10.73 -8.42
CA SER B 343 -7.09 -11.65 -9.14
C SER B 343 -7.08 -13.04 -8.49
N LEU B 344 -6.14 -13.24 -7.57
CA LEU B 344 -5.94 -14.50 -6.84
C LEU B 344 -5.34 -15.60 -7.72
N LYS B 345 -5.53 -15.48 -9.02
CA LYS B 345 -4.75 -16.27 -9.97
C LYS B 345 -3.35 -15.69 -9.93
N ALA B 346 -3.32 -14.36 -9.88
CA ALA B 346 -2.11 -13.60 -9.62
C ALA B 346 -2.46 -12.53 -8.60
N SER B 347 -1.80 -12.60 -7.44
CA SER B 347 -2.12 -11.70 -6.32
C SER B 347 -1.02 -10.68 -6.10
N THR B 348 -1.39 -9.41 -6.04
CA THR B 348 -0.44 -8.35 -5.75
C THR B 348 -0.19 -8.26 -4.25
N PRO B 349 1.07 -8.53 -3.82
CA PRO B 349 1.43 -8.49 -2.40
C PRO B 349 1.71 -7.09 -1.89
N VAL B 350 1.36 -6.84 -0.63
CA VAL B 350 1.65 -5.57 0.02
C VAL B 350 2.46 -5.82 1.29
N VAL B 351 3.70 -5.38 1.28
CA VAL B 351 4.59 -5.58 2.42
C VAL B 351 4.15 -4.77 3.64
N VAL B 352 4.17 -5.41 4.80
CA VAL B 352 3.75 -4.77 6.03
C VAL B 352 4.88 -4.77 7.06
N LEU B 353 5.40 -3.59 7.35
CA LEU B 353 6.44 -3.43 8.35
C LEU B 353 5.82 -2.93 9.66
N GLY B 354 6.33 -3.40 10.78
CA GLY B 354 5.74 -3.06 12.07
C GLY B 354 6.72 -2.96 13.22
N GLN B 355 6.43 -2.03 14.14
CA GLN B 355 7.22 -1.87 15.35
C GLN B 355 6.29 -1.68 16.55
N ALA B 356 6.66 -2.30 17.67
CA ALA B 356 5.84 -2.21 18.88
C ALA B 356 6.69 -1.81 20.09
N LYS B 357 6.19 -0.85 20.86
CA LYS B 357 6.86 -0.40 22.08
C LYS B 357 5.89 -0.29 23.24
N CYS B 358 6.22 -0.94 24.35
CA CYS B 358 5.38 -0.92 25.55
C CYS B 358 5.78 0.20 26.50
N ILE B 359 4.91 1.21 26.61
CA ILE B 359 5.16 2.34 27.51
C ILE B 359 3.97 2.58 28.43
N GLN B 360 4.15 3.50 29.38
CA GLN B 360 3.07 3.88 30.28
C GLN B 360 1.97 4.58 29.49
N PRO B 361 0.70 4.23 29.77
CA PRO B 361 -0.45 4.85 29.09
C PRO B 361 -0.47 6.37 29.18
N THR B 362 0.23 6.93 30.16
CA THR B 362 0.31 8.38 30.32
C THR B 362 1.43 8.97 29.47
N SER B 363 2.22 8.10 28.85
CA SER B 363 3.32 8.54 28.00
C SER B 363 2.90 8.61 26.53
N SER B 364 3.40 9.62 25.82
CA SER B 364 3.07 9.80 24.42
C SER B 364 4.21 9.34 23.51
N VAL B 365 3.86 8.86 22.32
CA VAL B 365 4.85 8.38 21.37
C VAL B 365 5.36 9.50 20.48
N SER B 366 6.67 9.70 20.48
CA SER B 366 7.30 10.75 19.68
C SER B 366 7.23 10.40 18.19
N PRO B 367 7.13 11.44 17.34
CA PRO B 367 7.04 11.26 15.88
C PRO B 367 8.29 10.61 15.28
N GLU B 368 9.43 10.78 15.93
CA GLU B 368 10.69 10.23 15.44
C GLU B 368 10.68 8.70 15.47
N GLN B 369 10.12 8.15 16.53
CA GLN B 369 10.09 6.70 16.72
C GLN B 369 9.26 6.00 15.65
N VAL B 370 8.16 6.61 15.23
CA VAL B 370 7.32 6.04 14.18
C VAL B 370 7.90 6.39 12.81
N ALA B 371 8.62 7.50 12.73
CA ALA B 371 9.29 7.90 11.51
C ALA B 371 10.42 6.93 11.20
N ARG B 372 10.92 6.27 12.24
CA ARG B 372 11.93 5.23 12.08
C ARG B 372 11.36 4.06 11.28
N VAL B 373 10.05 3.85 11.43
CA VAL B 373 9.35 2.81 10.67
C VAL B 373 8.97 3.33 9.29
N VAL B 374 8.53 4.58 9.24
CA VAL B 374 8.11 5.21 7.99
C VAL B 374 9.26 5.25 6.98
N ALA B 375 10.47 5.48 7.48
CA ALA B 375 11.65 5.55 6.62
C ALA B 375 11.99 4.22 5.98
N ARG B 376 11.40 3.14 6.48
CA ARG B 376 11.67 1.81 5.97
C ARG B 376 10.65 1.38 4.91
N LEU B 377 9.72 2.28 4.59
CA LEU B 377 8.66 1.95 3.65
C LEU B 377 9.06 2.21 2.20
N ARG B 378 8.98 1.16 1.38
CA ARG B 378 9.19 1.28 -0.06
C ARG B 378 7.83 1.48 -0.72
N ARG B 379 7.82 1.64 -2.05
CA ARG B 379 6.59 1.85 -2.79
C ARG B 379 5.66 0.65 -2.68
N GLY B 380 4.44 0.90 -2.20
CA GLY B 380 3.47 -0.16 -2.05
C GLY B 380 3.60 -0.90 -0.73
N TRP B 381 4.31 -0.29 0.22
CA TRP B 381 4.49 -0.87 1.54
C TRP B 381 3.76 -0.03 2.59
N ILE B 382 3.26 -0.68 3.64
CA ILE B 382 2.55 0.00 4.71
C ILE B 382 3.15 -0.30 6.08
N GLY B 383 3.06 0.66 6.99
CA GLY B 383 3.64 0.51 8.30
C GLY B 383 2.60 0.26 9.39
N VAL B 384 3.04 -0.35 10.49
CA VAL B 384 2.18 -0.59 11.64
C VAL B 384 2.91 -0.23 12.92
N TYR B 385 2.28 0.60 13.76
CA TYR B 385 2.90 0.95 15.03
C TYR B 385 1.95 0.65 16.19
N VAL B 386 2.41 -0.19 17.11
CA VAL B 386 1.59 -0.59 18.25
C VAL B 386 2.22 -0.12 19.56
N THR B 387 1.43 0.49 20.42
CA THR B 387 1.92 0.97 21.70
C THR B 387 0.85 0.90 22.78
N THR B 388 1.28 0.69 24.02
CA THR B 388 0.37 0.63 25.15
C THR B 388 -0.13 2.03 25.51
N GLY B 389 0.70 3.03 25.24
CA GLY B 389 0.34 4.42 25.48
C GLY B 389 -0.36 5.03 24.28
N SER B 390 -0.45 6.35 24.27
CA SER B 390 -1.09 7.06 23.17
C SER B 390 -0.05 7.71 22.26
N PHE B 391 -0.52 8.35 21.19
CA PHE B 391 0.37 9.02 20.26
C PHE B 391 0.35 10.54 20.48
N SER B 392 1.51 11.16 20.35
CA SER B 392 1.62 12.61 20.52
C SER B 392 0.94 13.35 19.36
N ARG B 393 0.51 14.57 19.63
CA ARG B 393 -0.16 15.40 18.63
C ARG B 393 0.73 15.65 17.41
N GLN B 394 1.99 15.99 17.68
CA GLN B 394 2.95 16.27 16.63
C GLN B 394 3.13 15.08 15.70
N ALA B 395 3.15 13.89 16.28
CA ALA B 395 3.27 12.66 15.51
C ALA B 395 2.07 12.47 14.59
N GLN B 396 0.87 12.63 15.14
CA GLN B 396 -0.36 12.48 14.39
C GLN B 396 -0.45 13.46 13.22
N VAL B 397 -0.18 14.74 13.51
CA VAL B 397 -0.28 15.76 12.46
C VAL B 397 0.84 15.60 11.42
N GLU B 398 1.99 15.07 11.85
CA GLU B 398 3.08 14.83 10.91
C GLU B 398 2.73 13.67 9.97
N ILE B 399 2.08 12.65 10.52
CA ILE B 399 1.65 11.51 9.71
C ILE B 399 0.56 11.92 8.73
N ILE B 400 -0.43 12.66 9.22
CA ILE B 400 -1.55 13.09 8.38
C ILE B 400 -1.13 14.07 7.29
N ASP B 401 -0.46 15.15 7.68
CA ASP B 401 -0.11 16.21 6.72
C ASP B 401 0.90 15.75 5.67
N ASP B 402 1.89 14.96 6.09
CA ASP B 402 2.92 14.48 5.18
C ASP B 402 2.50 13.17 4.51
N GLN B 403 1.26 12.74 4.78
CA GLN B 403 0.67 11.58 4.14
C GLN B 403 1.50 10.31 4.32
N TYR B 404 1.53 9.80 5.55
CA TYR B 404 2.27 8.57 5.86
C TYR B 404 1.33 7.37 5.92
N PRO B 405 1.58 6.37 5.07
CA PRO B 405 0.78 5.15 5.02
C PRO B 405 1.08 4.18 6.17
N VAL B 406 0.71 4.57 7.39
CA VAL B 406 0.96 3.74 8.56
C VAL B 406 -0.21 3.78 9.55
N VAL B 407 -0.71 2.60 9.91
CA VAL B 407 -1.80 2.51 10.89
C VAL B 407 -1.25 2.66 12.31
N LEU B 408 -2.03 3.32 13.16
CA LEU B 408 -1.63 3.56 14.54
C LEU B 408 -2.52 2.82 15.52
N ILE B 409 -1.92 2.03 16.40
CA ILE B 409 -2.66 1.30 17.42
C ILE B 409 -2.30 1.78 18.82
N ALA B 410 -3.19 2.57 19.41
CA ALA B 410 -3.00 3.09 20.77
C ALA B 410 -3.44 2.07 21.80
N GLY B 411 -3.58 2.51 23.04
CA GLY B 411 -3.96 1.63 24.13
C GLY B 411 -5.37 1.07 24.00
N GLY B 412 -6.29 1.91 23.57
CA GLY B 412 -7.69 1.51 23.44
C GLY B 412 -7.92 0.43 22.40
N THR B 413 -7.47 0.68 21.17
CA THR B 413 -7.61 -0.28 20.08
C THR B 413 -6.90 -1.60 20.41
N LEU B 414 -5.72 -1.48 21.01
CA LEU B 414 -4.94 -2.64 21.40
C LEU B 414 -5.68 -3.49 22.43
N ALA B 415 -6.16 -2.85 23.49
CA ALA B 415 -6.87 -3.55 24.56
C ALA B 415 -8.16 -4.18 24.04
N ALA B 416 -8.86 -3.47 23.17
CA ALA B 416 -10.11 -3.96 22.59
C ALA B 416 -9.86 -5.19 21.72
N THR B 417 -8.86 -5.10 20.83
CA THR B 417 -8.52 -6.20 19.94
C THR B 417 -8.05 -7.42 20.73
N VAL B 418 -7.20 -7.18 21.73
CA VAL B 418 -6.72 -8.24 22.61
C VAL B 418 -7.88 -8.92 23.32
N ARG B 419 -8.82 -8.12 23.81
CA ARG B 419 -10.00 -8.65 24.48
C ARG B 419 -10.79 -9.54 23.53
N ARG B 420 -10.96 -9.06 22.30
CA ARG B 420 -11.64 -9.83 21.25
C ARG B 420 -10.96 -11.17 21.00
N MET B 421 -9.64 -11.14 20.86
CA MET B 421 -8.86 -12.35 20.56
C MET B 421 -8.95 -13.37 21.70
N VAL B 422 -8.69 -12.89 22.92
CA VAL B 422 -8.77 -13.73 24.11
C VAL B 422 -10.15 -14.38 24.23
N GLN B 423 -11.19 -13.57 24.19
CA GLN B 423 -12.55 -14.08 24.30
C GLN B 423 -12.89 -15.04 23.17
N ALA B 424 -12.33 -14.80 21.99
CA ALA B 424 -12.57 -15.65 20.82
C ALA B 424 -11.94 -17.02 21.02
N ASN B 425 -10.75 -17.04 21.59
CA ASN B 425 -10.05 -18.29 21.84
C ASN B 425 -10.00 -18.64 23.32
N TYR B 426 -9.14 -17.96 24.07
CA TYR B 426 -8.90 -18.30 25.46
C TYR B 426 -9.85 -17.62 26.43
N GLY B 427 -11.07 -17.34 25.96
CA GLY B 427 -12.10 -16.70 26.77
C GLY B 427 -12.29 -17.32 28.15
N GLY B 428 -12.10 -16.50 29.18
CA GLY B 428 -12.13 -16.98 30.55
C GLY B 428 -10.74 -17.02 31.15
N ASP B 429 -9.73 -16.97 30.28
CA ASP B 429 -8.34 -16.99 30.73
C ASP B 429 -7.46 -16.11 29.85
N LEU B 430 -7.03 -14.98 30.40
CA LEU B 430 -6.10 -14.11 29.71
C LEU B 430 -4.69 -14.69 29.79
N ASP B 431 -4.43 -15.42 30.87
CA ASP B 431 -3.12 -16.02 31.11
C ASP B 431 -2.76 -17.06 30.07
N ALA B 432 -3.76 -17.63 29.41
CA ALA B 432 -3.52 -18.61 28.36
C ALA B 432 -3.02 -17.94 27.09
N LEU B 433 -3.60 -16.77 26.79
CA LEU B 433 -3.18 -15.98 25.65
C LEU B 433 -1.78 -15.39 25.90
N LEU B 434 -1.59 -14.87 27.10
CA LEU B 434 -0.30 -14.35 27.51
C LEU B 434 0.76 -15.47 27.45
N ALA B 435 0.35 -16.67 27.83
CA ALA B 435 1.21 -17.83 27.72
C ALA B 435 1.53 -18.11 26.25
N SER B 436 0.53 -17.96 25.39
CA SER B 436 0.72 -18.15 23.96
C SER B 436 1.67 -17.10 23.38
N THR B 437 1.80 -15.98 24.08
CA THR B 437 2.70 -14.92 23.63
C THR B 437 4.13 -15.13 24.15
N VAL B 438 4.25 -15.66 25.37
CA VAL B 438 5.57 -15.80 26.00
C VAL B 438 6.24 -17.14 25.76
N ASP B 439 5.47 -18.14 25.33
CA ASP B 439 6.02 -19.48 25.09
C ASP B 439 7.04 -19.47 23.96
N GLU B 440 6.67 -18.88 22.83
CA GLU B 440 7.54 -18.82 21.67
C GLU B 440 8.13 -17.42 21.47
N TYR B 441 9.44 -17.30 21.63
CA TYR B 441 10.12 -16.04 21.38
C TYR B 441 10.76 -16.04 20.00
N GLY B 442 11.70 -16.95 19.78
CA GLY B 442 12.43 -17.02 18.53
C GLY B 442 11.87 -18.01 17.53
N ALA B 443 10.66 -18.49 17.79
CA ALA B 443 10.00 -19.42 16.88
C ALA B 443 9.58 -18.72 15.60
N ALA B 444 9.12 -17.48 15.73
CA ALA B 444 8.68 -16.70 14.58
C ALA B 444 9.78 -15.74 14.12
N VAL B 445 10.87 -15.70 14.87
CA VAL B 445 11.97 -14.78 14.57
C VAL B 445 12.92 -15.34 13.51
N THR B 446 13.01 -14.64 12.38
CA THR B 446 13.97 -14.97 11.34
C THR B 446 14.68 -13.71 10.87
N HIS B 447 15.89 -13.86 10.34
CA HIS B 447 16.63 -12.72 9.81
C HIS B 447 16.53 -12.67 8.29
N ARG B 448 15.61 -11.86 7.78
CA ARG B 448 15.40 -11.72 6.35
C ARG B 448 15.18 -10.28 5.94
N ARG B 449 15.22 -10.03 4.63
CA ARG B 449 14.86 -8.73 4.08
C ARG B 449 13.34 -8.66 3.96
N PRO B 450 12.77 -7.46 4.16
CA PRO B 450 11.32 -7.24 4.08
C PRO B 450 10.74 -7.62 2.71
N GLU B 451 11.56 -7.60 1.68
CA GLU B 451 11.10 -7.91 0.32
C GLU B 451 11.09 -9.42 0.06
N GLU B 452 11.47 -10.20 1.05
CA GLU B 452 11.51 -11.65 0.91
C GLU B 452 10.20 -12.28 1.38
N VAL B 453 9.32 -11.46 1.93
CA VAL B 453 8.02 -11.92 2.42
C VAL B 453 7.08 -12.20 1.24
N ILE B 454 7.48 -11.73 0.06
CA ILE B 454 6.68 -11.90 -1.16
C ILE B 454 6.58 -13.37 -1.55
N SER B 455 7.70 -14.09 -1.42
CA SER B 455 7.75 -15.50 -1.77
C SER B 455 6.82 -16.33 -0.88
N LEU B 456 6.68 -15.93 0.38
CA LEU B 456 5.79 -16.61 1.31
C LEU B 456 4.33 -16.37 0.96
N ILE C 8 58.57 -40.11 1.43
CA ILE C 8 58.33 -38.67 1.33
C ILE C 8 56.86 -38.34 1.58
N ALA C 9 56.33 -38.85 2.68
CA ALA C 9 54.92 -38.64 3.01
C ALA C 9 54.67 -37.23 3.55
N TRP C 10 55.47 -36.81 4.52
CA TRP C 10 55.28 -35.53 5.18
C TRP C 10 56.13 -34.43 4.55
N ALA C 11 56.95 -34.78 3.56
CA ALA C 11 57.84 -33.83 2.91
C ALA C 11 57.05 -32.69 2.27
N ALA C 12 56.00 -33.02 1.55
CA ALA C 12 55.14 -32.02 0.93
C ALA C 12 54.07 -31.54 1.88
N SER C 13 53.80 -32.34 2.92
CA SER C 13 52.76 -32.04 3.89
C SER C 13 53.19 -31.00 4.91
N ALA C 14 54.36 -31.20 5.51
CA ALA C 14 54.83 -30.38 6.62
C ALA C 14 55.00 -28.91 6.24
N GLU C 15 55.31 -28.66 4.97
CA GLU C 15 55.50 -27.29 4.49
C GLU C 15 54.15 -26.63 4.20
N VAL C 16 53.21 -27.42 3.71
CA VAL C 16 51.88 -26.90 3.36
C VAL C 16 50.97 -26.81 4.59
N ALA C 17 51.45 -27.35 5.70
CA ALA C 17 50.64 -27.40 6.93
C ALA C 17 50.68 -26.07 7.69
N ASN C 18 51.66 -25.23 7.37
CA ASN C 18 51.84 -23.96 8.07
C ASN C 18 51.57 -22.74 7.19
N LYS C 19 51.13 -22.98 5.96
CA LYS C 19 50.92 -21.91 5.00
C LYS C 19 49.68 -21.07 5.31
N PRO C 20 49.75 -19.75 5.06
CA PRO C 20 48.60 -18.85 5.26
C PRO C 20 47.51 -19.10 4.22
N ARG C 21 46.58 -19.98 4.54
CA ARG C 21 45.50 -20.36 3.62
C ARG C 21 44.28 -19.46 3.78
N LEU C 22 44.48 -18.26 4.32
CA LEU C 22 43.40 -17.32 4.53
C LEU C 22 42.80 -16.86 3.21
N VAL C 23 41.47 -16.89 3.12
CA VAL C 23 40.77 -16.53 1.90
C VAL C 23 39.70 -15.47 2.18
N PHE C 24 39.49 -14.58 1.21
CA PHE C 24 38.50 -13.51 1.37
C PHE C 24 37.31 -13.73 0.44
N VAL C 25 36.17 -13.16 0.81
CA VAL C 25 34.95 -13.29 0.02
C VAL C 25 34.95 -12.29 -1.15
N GLY C 26 34.70 -12.79 -2.35
CA GLY C 26 34.64 -11.93 -3.52
C GLY C 26 35.72 -12.19 -4.55
N ASP C 27 36.77 -12.91 -4.14
CA ASP C 27 37.87 -13.20 -5.05
C ASP C 27 37.44 -14.19 -6.13
N GLU C 28 38.25 -14.29 -7.19
CA GLU C 28 37.92 -15.16 -8.31
C GLU C 28 38.68 -16.48 -8.21
N LEU C 29 37.94 -17.58 -8.10
CA LEU C 29 38.54 -18.90 -7.98
C LEU C 29 38.36 -19.72 -9.26
N ARG C 30 39.34 -20.58 -9.54
CA ARG C 30 39.33 -21.38 -10.75
C ARG C 30 38.97 -22.84 -10.47
N TYR C 31 37.90 -23.31 -11.11
CA TYR C 31 37.51 -24.71 -11.01
C TYR C 31 37.57 -25.37 -12.39
N ALA C 32 38.63 -26.12 -12.65
CA ALA C 32 38.84 -26.71 -13.95
C ALA C 32 39.01 -28.23 -13.88
N GLN C 33 38.64 -28.91 -14.95
CA GLN C 33 38.86 -30.35 -15.05
C GLN C 33 40.31 -30.64 -15.42
N GLY C 34 40.88 -31.67 -14.81
CA GLY C 34 42.28 -32.01 -15.04
C GLY C 34 43.19 -30.98 -14.39
N ALA C 35 42.79 -30.50 -13.21
CA ALA C 35 43.57 -29.50 -12.49
C ALA C 35 44.46 -30.15 -11.46
N ASN C 36 45.77 -29.89 -11.57
CA ASN C 36 46.74 -30.43 -10.62
C ASN C 36 46.56 -29.81 -9.25
N GLN C 37 46.86 -30.58 -8.20
CA GLN C 37 46.73 -30.09 -6.84
C GLN C 37 48.01 -29.39 -6.40
N ARG C 38 49.06 -29.49 -7.21
CA ARG C 38 50.35 -28.93 -6.86
C ARG C 38 50.45 -27.44 -7.19
N ASP C 39 49.89 -27.04 -8.33
CA ASP C 39 50.02 -25.67 -8.80
C ASP C 39 49.04 -24.72 -8.10
N VAL C 40 49.57 -23.61 -7.61
CA VAL C 40 48.80 -22.64 -6.85
C VAL C 40 47.74 -21.93 -7.71
N GLU C 41 48.21 -21.22 -8.73
CA GLU C 41 47.31 -20.42 -9.57
C GLU C 41 47.26 -20.97 -11.00
N LEU C 42 46.08 -20.88 -11.61
CA LEU C 42 45.89 -21.34 -12.98
C LEU C 42 45.37 -20.22 -13.89
N ASP C 43 46.19 -19.84 -14.86
CA ASP C 43 45.83 -18.85 -15.86
C ASP C 43 45.40 -17.50 -15.27
N GLY C 44 46.09 -17.07 -14.22
CA GLY C 44 45.87 -15.75 -13.67
C GLY C 44 45.14 -15.70 -12.34
N PHE C 45 44.55 -16.82 -11.93
CA PHE C 45 43.81 -16.86 -10.67
C PHE C 45 44.00 -18.17 -9.92
N VAL C 46 43.68 -18.14 -8.62
CA VAL C 46 43.91 -19.27 -7.73
C VAL C 46 43.06 -20.48 -8.09
N ASN C 47 43.64 -21.67 -7.93
CA ASN C 47 42.94 -22.92 -8.20
C ASN C 47 42.14 -23.40 -6.99
N TYR C 48 40.92 -23.88 -7.24
CA TYR C 48 40.05 -24.38 -6.18
C TYR C 48 40.60 -25.64 -5.53
N HIS C 49 40.91 -26.63 -6.36
CA HIS C 49 41.43 -27.91 -5.88
C HIS C 49 42.72 -27.73 -5.10
N TRP C 50 43.52 -26.75 -5.51
CA TRP C 50 44.74 -26.42 -4.77
C TRP C 50 44.40 -25.80 -3.42
N LEU C 51 43.42 -24.90 -3.42
CA LEU C 51 43.02 -24.21 -2.21
C LEU C 51 42.48 -25.17 -1.16
N THR C 52 41.74 -26.18 -1.60
CA THR C 52 41.18 -27.16 -0.68
C THR C 52 42.24 -28.11 -0.14
N SER C 53 42.95 -28.78 -1.04
CA SER C 53 43.98 -29.75 -0.66
C SER C 53 45.15 -29.74 -1.64
N PRO C 54 46.16 -28.90 -1.35
CA PRO C 54 47.29 -28.67 -2.26
C PRO C 54 48.38 -29.75 -2.23
N GLY C 55 48.00 -31.00 -2.46
CA GLY C 55 48.97 -32.07 -2.65
C GLY C 55 49.72 -32.54 -1.42
N GLY C 56 49.93 -31.63 -0.45
CA GLY C 56 50.62 -31.95 0.77
C GLY C 56 49.89 -33.03 1.55
N LEU C 57 48.57 -32.94 1.56
CA LEU C 57 47.75 -33.90 2.29
C LEU C 57 47.76 -35.27 1.60
N GLY C 58 47.81 -35.26 0.27
CA GLY C 58 47.74 -36.50 -0.49
C GLY C 58 46.30 -36.93 -0.68
N LEU C 59 45.39 -36.22 -0.03
CA LEU C 59 43.96 -36.49 -0.13
C LEU C 59 43.45 -36.15 -1.52
N PRO C 60 42.45 -36.91 -1.99
CA PRO C 60 41.82 -36.62 -3.29
C PRO C 60 41.16 -35.24 -3.30
N LYS C 61 41.37 -34.48 -4.37
CA LYS C 61 40.83 -33.13 -4.47
C LYS C 61 39.30 -33.13 -4.40
N VAL C 62 38.77 -32.32 -3.49
CA VAL C 62 37.33 -32.21 -3.31
C VAL C 62 36.68 -31.58 -4.55
N MET C 63 35.75 -32.30 -5.14
CA MET C 63 35.07 -31.83 -6.34
C MET C 63 33.76 -31.14 -5.99
N LEU C 64 33.57 -29.92 -6.49
CA LEU C 64 32.35 -29.16 -6.21
C LEU C 64 31.28 -29.45 -7.26
N GLU C 65 30.35 -30.34 -6.93
CA GLU C 65 29.35 -30.79 -7.89
C GLU C 65 27.96 -30.95 -7.26
N ALA C 66 26.97 -31.18 -8.12
CA ALA C 66 25.63 -31.61 -7.70
C ALA C 66 25.00 -30.75 -6.61
N GLY C 67 25.14 -29.43 -6.71
CA GLY C 67 24.57 -28.53 -5.72
C GLY C 67 25.10 -28.82 -4.33
N ILE C 68 24.27 -29.48 -3.52
CA ILE C 68 24.70 -29.91 -2.19
C ILE C 68 25.75 -31.01 -2.33
N ASN C 69 26.96 -30.74 -1.86
CA ASN C 69 28.07 -31.69 -2.00
C ASN C 69 28.85 -31.86 -0.70
N ALA C 70 29.46 -33.03 -0.53
CA ALA C 70 30.24 -33.32 0.66
C ALA C 70 31.22 -34.46 0.42
N PRO C 71 32.40 -34.38 1.05
CA PRO C 71 33.42 -35.44 0.96
C PRO C 71 33.00 -36.72 1.67
N ALA C 72 33.93 -37.66 1.79
CA ALA C 72 33.64 -38.96 2.41
C ALA C 72 33.43 -38.82 3.92
N GLU C 73 32.68 -39.78 4.48
CA GLU C 73 32.41 -39.81 5.91
C GLU C 73 33.71 -40.05 6.66
N VAL C 74 33.88 -39.41 7.81
CA VAL C 74 35.11 -39.56 8.58
C VAL C 74 34.85 -40.25 9.92
N VAL C 75 35.61 -41.31 10.18
CA VAL C 75 35.45 -42.06 11.43
C VAL C 75 36.63 -41.84 12.37
N GLY C 76 36.38 -41.11 13.45
CA GLY C 76 37.38 -40.91 14.48
C GLY C 76 37.40 -42.09 15.44
N PRO C 77 38.03 -41.90 16.60
CA PRO C 77 38.00 -42.93 17.64
C PRO C 77 36.57 -43.20 18.08
N ASP C 78 35.79 -42.12 18.18
CA ASP C 78 34.38 -42.19 18.51
C ASP C 78 33.59 -41.18 17.69
N ARG C 79 32.28 -41.40 17.57
CA ARG C 79 31.40 -40.51 16.82
C ARG C 79 31.85 -40.25 15.38
N SER C 80 31.60 -41.19 14.48
CA SER C 80 31.93 -41.00 13.07
C SER C 80 31.18 -39.78 12.55
N ARG C 81 31.88 -38.95 11.78
CA ARG C 81 31.35 -37.64 11.39
C ARG C 81 31.48 -37.37 9.90
N ARG C 82 30.72 -36.37 9.41
CA ARG C 82 30.90 -35.86 8.07
C ARG C 82 31.90 -34.72 8.13
N ALA C 83 32.95 -34.80 7.31
CA ALA C 83 34.03 -33.82 7.34
C ALA C 83 33.53 -32.39 7.16
N LEU C 84 32.93 -32.13 6.01
CA LEU C 84 32.35 -30.82 5.71
C LEU C 84 31.30 -30.95 4.63
N ILE C 85 30.70 -29.82 4.24
CA ILE C 85 29.71 -29.81 3.19
C ILE C 85 29.96 -28.67 2.21
N ALA C 86 30.15 -29.02 0.93
CA ALA C 86 30.37 -28.03 -0.12
C ALA C 86 29.07 -27.66 -0.81
N ILE C 87 28.55 -26.49 -0.50
CA ILE C 87 27.32 -26.01 -1.09
C ILE C 87 27.61 -25.14 -2.32
N ARG C 88 26.94 -25.44 -3.42
CA ARG C 88 27.14 -24.70 -4.66
C ARG C 88 25.83 -24.19 -5.26
N SER C 89 25.76 -22.88 -5.49
CA SER C 89 24.60 -22.30 -6.16
C SER C 89 25.04 -21.71 -7.50
N SER C 90 24.44 -22.18 -8.58
CA SER C 90 24.84 -21.75 -9.92
C SER C 90 23.69 -21.15 -10.71
N PRO C 91 23.98 -20.09 -11.48
CA PRO C 91 22.97 -19.63 -12.45
C PRO C 91 22.77 -20.65 -13.54
N TRP C 92 21.51 -20.90 -13.91
CA TRP C 92 21.16 -21.89 -14.94
C TRP C 92 21.91 -21.82 -16.29
N LYS C 93 22.05 -20.66 -16.96
CA LYS C 93 21.83 -19.32 -16.42
C LYS C 93 20.37 -18.87 -16.40
N ALA C 94 20.12 -17.78 -15.68
CA ALA C 94 18.79 -17.22 -15.45
C ALA C 94 17.97 -18.14 -14.56
N GLY C 95 18.67 -19.01 -13.84
CA GLY C 95 18.03 -19.83 -12.83
C GLY C 95 17.70 -18.99 -11.61
N HIS C 96 18.59 -18.05 -11.32
CA HIS C 96 18.37 -17.11 -10.22
C HIS C 96 17.54 -15.92 -10.70
N GLU C 97 16.42 -15.69 -10.02
CA GLU C 97 15.58 -14.51 -10.18
C GLU C 97 14.78 -14.49 -11.47
N THR C 98 14.74 -15.63 -12.16
CA THR C 98 14.00 -15.73 -13.42
C THR C 98 13.50 -17.16 -13.63
N ASN C 99 13.59 -17.97 -12.57
CA ASN C 99 13.26 -19.39 -12.66
C ASN C 99 13.00 -20.00 -11.28
N PRO C 100 12.48 -21.24 -11.25
CA PRO C 100 12.48 -21.99 -9.98
C PRO C 100 13.91 -22.19 -9.45
N TRP C 101 14.02 -22.73 -8.24
CA TRP C 101 15.27 -22.74 -7.48
C TRP C 101 15.63 -21.30 -7.14
N HIS C 102 16.65 -20.75 -7.79
CA HIS C 102 17.03 -19.35 -7.61
C HIS C 102 17.27 -19.03 -6.13
N ASP C 103 18.14 -19.83 -5.52
CA ASP C 103 18.56 -19.69 -4.12
C ASP C 103 18.85 -18.25 -3.73
N GLU C 104 18.14 -17.74 -2.72
CA GLU C 104 18.29 -16.36 -2.28
C GLU C 104 19.66 -16.10 -1.64
N PHE C 105 20.24 -14.94 -1.96
CA PHE C 105 21.54 -14.56 -1.40
C PHE C 105 21.54 -13.14 -0.86
N ASP C 106 21.81 -13.00 0.43
CA ASP C 106 21.95 -11.70 1.06
C ASP C 106 23.25 -11.68 1.88
N LEU C 107 24.24 -10.93 1.39
CA LEU C 107 25.57 -10.96 1.96
C LEU C 107 25.71 -10.09 3.21
N ASP C 108 25.12 -8.89 3.15
CA ASP C 108 25.27 -7.92 4.23
C ASP C 108 24.64 -8.42 5.54
N HIS C 109 23.50 -9.08 5.44
CA HIS C 109 22.81 -9.58 6.63
C HIS C 109 23.25 -11.01 6.95
N GLY C 110 24.07 -11.58 6.09
CA GLY C 110 24.60 -12.92 6.29
C GLY C 110 23.56 -14.02 6.20
N HIS C 111 22.43 -13.71 5.57
CA HIS C 111 21.35 -14.67 5.43
C HIS C 111 21.30 -15.25 4.02
N VAL C 112 21.40 -16.57 3.91
CA VAL C 112 21.33 -17.24 2.62
C VAL C 112 20.33 -18.39 2.60
N ARG C 113 19.31 -18.27 1.77
CA ARG C 113 18.28 -19.30 1.66
C ARG C 113 18.61 -20.28 0.52
N TYR C 114 18.68 -21.57 0.85
CA TYR C 114 19.11 -22.57 -0.12
C TYR C 114 18.12 -23.72 -0.23
N PHE C 115 18.09 -24.36 -1.39
CA PHE C 115 17.12 -25.42 -1.66
C PHE C 115 17.77 -26.81 -1.69
N GLY C 116 16.98 -27.81 -1.31
CA GLY C 116 17.47 -29.19 -1.26
C GLY C 116 17.70 -29.78 -2.63
N ASP C 117 18.17 -31.03 -2.65
CA ASP C 117 18.54 -31.67 -3.91
C ASP C 117 17.37 -32.47 -4.51
N HIS C 118 16.19 -32.33 -3.92
CA HIS C 118 15.02 -33.05 -4.41
C HIS C 118 14.58 -32.50 -5.76
N LYS C 119 14.35 -33.39 -6.72
CA LYS C 119 13.99 -33.01 -8.08
C LYS C 119 12.59 -33.51 -8.44
N PRO C 120 11.93 -32.85 -9.42
CA PRO C 120 10.64 -33.34 -9.91
C PRO C 120 10.75 -34.71 -10.57
N SER C 121 11.94 -35.03 -11.07
CA SER C 121 12.20 -36.34 -11.67
C SER C 121 12.40 -37.39 -10.57
N THR C 122 12.73 -36.93 -9.38
CA THR C 122 12.93 -37.81 -8.24
C THR C 122 11.64 -37.92 -7.41
N VAL C 123 11.03 -39.10 -7.44
CA VAL C 123 9.78 -39.34 -6.73
C VAL C 123 10.02 -39.57 -5.24
N GLY C 124 8.99 -39.33 -4.44
CA GLY C 124 9.06 -39.58 -3.01
C GLY C 124 9.36 -38.34 -2.18
N LEU C 125 9.24 -38.48 -0.86
CA LEU C 125 9.52 -37.39 0.06
C LEU C 125 10.99 -37.02 0.05
N PRO C 126 11.30 -35.73 0.25
CA PRO C 126 12.70 -35.28 0.25
C PRO C 126 13.51 -35.88 1.40
N GLY C 127 14.54 -36.64 1.06
CA GLY C 127 14.90 -36.89 -0.32
C GLY C 127 15.70 -38.16 -0.52
N GLU C 128 15.58 -38.75 -1.70
CA GLU C 128 16.33 -39.95 -2.04
C GLU C 128 17.76 -39.60 -2.40
N THR C 129 17.98 -38.37 -2.85
CA THR C 129 19.30 -37.88 -3.19
C THR C 129 20.16 -37.74 -1.95
N LYS C 130 21.47 -37.84 -2.11
CA LYS C 130 22.40 -37.74 -1.00
C LYS C 130 22.38 -36.35 -0.38
N GLY C 131 22.08 -35.35 -1.19
CA GLY C 131 22.05 -33.97 -0.75
C GLY C 131 21.17 -33.74 0.46
N ASN C 132 19.91 -34.15 0.36
CA ASN C 132 18.94 -33.97 1.45
C ASN C 132 19.36 -34.70 2.73
N ARG C 133 19.81 -35.94 2.59
CA ARG C 133 20.23 -36.74 3.73
C ARG C 133 21.42 -36.12 4.44
N LEU C 134 22.36 -35.60 3.66
CA LEU C 134 23.51 -34.89 4.23
C LEU C 134 23.06 -33.60 4.91
N LEU C 135 22.07 -32.95 4.33
CA LEU C 135 21.50 -31.73 4.90
C LEU C 135 20.89 -32.01 6.26
N LEU C 136 20.20 -33.15 6.39
CA LEU C 136 19.61 -33.53 7.67
C LEU C 136 20.69 -33.91 8.68
N GLU C 137 21.64 -34.74 8.24
CA GLU C 137 22.74 -35.19 9.09
C GLU C 137 23.53 -34.02 9.66
N ALA C 138 23.68 -32.97 8.86
CA ALA C 138 24.38 -31.78 9.30
C ALA C 138 23.50 -30.90 10.18
N ALA C 139 22.24 -30.72 9.76
CA ALA C 139 21.31 -29.83 10.46
C ALA C 139 21.04 -30.30 11.89
N ARG C 140 21.00 -31.61 12.08
CA ARG C 140 20.78 -32.16 13.41
C ARG C 140 21.90 -31.77 14.37
N LEU C 141 23.10 -31.58 13.82
CA LEU C 141 24.26 -31.20 14.60
C LEU C 141 24.34 -29.67 14.77
N HIS C 142 23.96 -28.96 13.72
CA HIS C 142 23.97 -27.49 13.75
C HIS C 142 22.90 -26.93 14.68
N ALA C 143 21.78 -27.65 14.78
CA ALA C 143 20.66 -27.21 15.62
C ALA C 143 20.73 -27.86 17.00
N GLY C 144 21.80 -28.61 17.25
CA GLY C 144 21.97 -29.29 18.52
C GLY C 144 22.24 -28.34 19.67
N THR C 145 21.55 -28.57 20.79
CA THR C 145 21.74 -27.75 21.98
C THR C 145 22.99 -28.17 22.75
N THR C 146 23.57 -29.31 22.35
CA THR C 146 24.78 -29.81 22.98
C THR C 146 26.02 -29.31 22.23
N ARG C 147 27.02 -28.85 22.99
CA ARG C 147 28.25 -28.32 22.41
C ARG C 147 29.00 -29.37 21.62
N GLU C 148 28.88 -30.63 22.04
CA GLU C 148 29.52 -31.74 21.35
C GLU C 148 28.96 -31.91 19.95
N GLU C 149 27.67 -31.64 19.80
CA GLU C 149 27.02 -31.73 18.49
C GLU C 149 27.47 -30.57 17.60
N ARG C 150 27.69 -29.42 18.21
CA ARG C 150 28.15 -28.24 17.48
C ARG C 150 29.63 -28.39 17.11
N LEU C 151 30.32 -29.29 17.82
CA LEU C 151 31.70 -29.62 17.50
C LEU C 151 31.76 -30.49 16.25
N LEU C 152 30.85 -31.44 16.15
CA LEU C 152 30.82 -32.38 15.03
C LEU C 152 30.04 -31.82 13.85
N ALA C 153 29.44 -30.65 14.04
CA ALA C 153 28.64 -30.01 13.00
C ALA C 153 29.47 -29.67 11.78
N PRO C 154 29.15 -30.28 10.63
CA PRO C 154 29.88 -30.06 9.37
C PRO C 154 29.77 -28.63 8.88
N PRO C 155 30.91 -27.96 8.64
CA PRO C 155 30.92 -26.59 8.11
C PRO C 155 30.39 -26.55 6.69
N LEU C 156 29.57 -25.54 6.39
CA LEU C 156 29.01 -25.38 5.05
C LEU C 156 29.76 -24.30 4.27
N PHE C 157 30.54 -24.73 3.29
CA PHE C 157 31.28 -23.79 2.45
C PHE C 157 30.50 -23.47 1.18
N LEU C 158 30.02 -22.24 1.07
CA LEU C 158 29.17 -21.83 -0.04
C LEU C 158 29.97 -21.26 -1.20
N PHE C 159 29.52 -21.56 -2.42
CA PHE C 159 30.19 -21.10 -3.63
C PHE C 159 29.20 -20.67 -4.70
N ARG C 160 29.46 -19.55 -5.34
CA ARG C 160 28.58 -19.04 -6.39
C ARG C 160 29.39 -18.58 -7.61
N ALA C 161 29.08 -19.15 -8.76
CA ALA C 161 29.80 -18.83 -9.99
C ALA C 161 29.52 -17.39 -10.45
N VAL C 162 30.55 -16.55 -10.43
CA VAL C 162 30.42 -15.17 -10.85
C VAL C 162 31.27 -14.91 -12.11
N THR C 163 30.75 -14.09 -13.01
CA THR C 163 31.45 -13.74 -14.24
C THR C 163 32.16 -12.41 -14.09
N VAL C 164 33.47 -12.38 -14.35
CA VAL C 164 34.25 -11.17 -14.16
C VAL C 164 35.60 -11.21 -14.88
N HIS C 165 36.57 -11.89 -14.28
CA HIS C 165 37.96 -11.93 -14.76
C HIS C 165 38.61 -10.55 -14.70
N ARG C 166 39.89 -10.48 -15.02
CA ARG C 166 40.61 -9.20 -15.04
C ARG C 166 41.01 -8.85 -16.45
N ALA C 167 40.54 -7.71 -16.94
CA ALA C 167 40.74 -7.32 -18.34
C ALA C 167 40.22 -8.43 -19.24
N GLY C 168 40.98 -8.75 -20.28
CA GLY C 168 40.70 -9.89 -21.15
C GLY C 168 39.26 -10.03 -21.61
N ARG C 169 38.68 -11.19 -21.32
CA ARG C 169 37.28 -11.45 -21.68
C ARG C 169 36.53 -12.11 -20.51
N ALA C 170 35.20 -11.97 -20.53
CA ALA C 170 34.36 -12.49 -19.46
C ALA C 170 34.34 -14.02 -19.44
N VAL C 171 34.03 -14.59 -18.28
CA VAL C 171 34.04 -16.03 -18.11
C VAL C 171 32.66 -16.55 -17.72
N VAL C 172 32.27 -17.70 -18.27
CA VAL C 172 30.95 -18.27 -18.00
C VAL C 172 31.05 -19.62 -17.28
N LYS C 173 32.13 -20.32 -17.54
CA LYS C 173 32.37 -21.59 -16.88
C LYS C 173 33.80 -21.69 -16.36
N GLY C 174 34.02 -22.62 -15.40
CA GLY C 174 35.35 -22.84 -14.86
C GLY C 174 35.71 -21.88 -13.75
N HIS C 175 34.86 -20.89 -13.54
CA HIS C 175 35.14 -19.87 -12.53
C HIS C 175 34.05 -19.81 -11.46
N VAL C 176 34.47 -19.84 -10.20
CA VAL C 176 33.53 -19.78 -9.09
C VAL C 176 33.98 -18.75 -8.06
N GLU C 177 33.08 -18.35 -7.17
CA GLU C 177 33.43 -17.40 -6.11
C GLU C 177 33.13 -17.98 -4.73
N PHE C 178 34.10 -17.79 -3.82
CA PHE C 178 33.97 -18.21 -2.43
C PHE C 178 33.03 -17.28 -1.67
N CYS C 179 31.94 -17.83 -1.17
CA CYS C 179 30.91 -17.02 -0.51
C CYS C 179 31.04 -17.04 1.01
N GLY C 180 31.94 -17.87 1.52
CA GLY C 180 32.16 -17.96 2.95
C GLY C 180 31.51 -19.18 3.57
N ALA C 181 31.58 -19.27 4.89
CA ALA C 181 30.95 -20.36 5.63
C ALA C 181 29.66 -19.88 6.29
N ALA C 182 28.66 -20.75 6.36
CA ALA C 182 27.37 -20.38 6.94
C ALA C 182 26.84 -21.44 7.89
N ILE C 183 25.99 -21.02 8.82
CA ILE C 183 25.35 -21.92 9.76
C ILE C 183 23.85 -21.96 9.52
N ILE C 184 23.26 -23.15 9.62
CA ILE C 184 21.84 -23.33 9.31
C ILE C 184 20.94 -22.65 10.34
N GLU C 185 20.20 -21.64 9.91
CA GLU C 185 19.22 -20.98 10.76
C GLU C 185 18.00 -21.85 10.92
N ARG C 186 17.45 -22.31 9.80
CA ARG C 186 16.21 -23.08 9.83
C ARG C 186 16.19 -24.16 8.75
N LEU C 187 15.37 -25.18 8.95
CA LEU C 187 15.19 -26.25 7.99
C LEU C 187 13.71 -26.65 7.88
N GLU C 188 13.17 -26.61 6.67
CA GLU C 188 11.75 -26.93 6.48
C GLU C 188 11.45 -27.44 5.07
N HIS C 189 10.27 -28.05 4.91
CA HIS C 189 9.87 -28.61 3.62
C HIS C 189 9.06 -27.59 2.82
N VAL C 190 9.24 -27.62 1.50
CA VAL C 190 8.53 -26.70 0.61
C VAL C 190 7.97 -27.42 -0.61
N VAL C 191 7.12 -26.72 -1.36
CA VAL C 191 6.53 -27.26 -2.57
C VAL C 191 6.83 -26.34 -3.76
N GLN C 192 7.44 -26.90 -4.79
CA GLN C 192 7.84 -26.12 -5.96
C GLN C 192 7.16 -26.65 -7.21
N ARG C 193 6.92 -25.77 -8.19
CA ARG C 193 6.24 -26.19 -9.41
C ARG C 193 7.06 -25.88 -10.66
N ASP C 194 7.21 -26.88 -11.53
CA ASP C 194 7.99 -26.77 -12.74
C ASP C 194 7.17 -26.14 -13.87
N PRO C 195 7.65 -25.01 -14.41
CA PRO C 195 6.99 -24.32 -15.52
C PRO C 195 6.90 -25.18 -16.79
N GLU C 196 7.89 -26.04 -16.99
CA GLU C 196 7.97 -26.85 -18.19
C GLU C 196 6.92 -27.96 -18.23
N THR C 197 6.71 -28.62 -17.09
CA THR C 197 5.79 -29.74 -17.02
C THR C 197 4.47 -29.40 -16.33
N GLY C 198 4.48 -28.33 -15.54
CA GLY C 198 3.29 -27.92 -14.80
C GLY C 198 2.91 -28.91 -13.73
N ARG C 199 3.93 -29.60 -13.20
CA ARG C 199 3.71 -30.61 -12.17
C ARG C 199 4.36 -30.21 -10.85
N SER C 200 3.59 -30.27 -9.77
CA SER C 200 4.10 -29.91 -8.45
C SER C 200 5.00 -31.01 -7.90
N PHE C 201 6.06 -30.60 -7.20
CA PHE C 201 6.96 -31.55 -6.56
C PHE C 201 7.49 -30.98 -5.25
N PRO C 202 7.65 -31.85 -4.24
CA PRO C 202 8.19 -31.44 -2.94
C PRO C 202 9.70 -31.20 -2.98
N ASN C 203 10.21 -30.39 -2.06
CA ASN C 203 11.63 -30.12 -1.98
C ASN C 203 12.01 -29.66 -0.58
N LEU C 204 13.30 -29.56 -0.31
CA LEU C 204 13.77 -29.13 1.01
C LEU C 204 14.37 -27.72 0.93
N SER C 205 13.94 -26.85 1.84
CA SER C 205 14.46 -25.49 1.88
C SER C 205 15.03 -25.18 3.26
N LEU C 206 16.09 -24.37 3.29
CA LEU C 206 16.72 -24.04 4.56
C LEU C 206 17.30 -22.63 4.59
N ASP C 207 17.26 -22.02 5.76
CA ASP C 207 17.83 -20.69 5.97
C ASP C 207 19.19 -20.80 6.66
N LEU C 208 20.17 -20.09 6.12
CA LEU C 208 21.55 -20.17 6.60
C LEU C 208 22.08 -18.83 7.10
N ALA C 209 22.92 -18.88 8.14
CA ALA C 209 23.54 -17.68 8.69
C ALA C 209 25.04 -17.66 8.41
N VAL C 210 25.48 -16.77 7.53
CA VAL C 210 26.89 -16.64 7.20
C VAL C 210 27.66 -15.98 8.33
N VAL C 211 28.75 -16.61 8.76
CA VAL C 211 29.56 -16.07 9.85
C VAL C 211 30.57 -15.04 9.33
N SER C 212 31.35 -14.47 10.25
CA SER C 212 32.31 -13.44 9.89
C SER C 212 33.74 -13.86 10.25
N GLY C 213 34.71 -13.32 9.52
CA GLY C 213 36.11 -13.61 9.76
C GLY C 213 36.77 -12.55 10.63
N GLY C 214 35.99 -11.56 11.04
CA GLY C 214 36.49 -10.50 11.89
C GLY C 214 37.02 -9.31 11.10
N GLU C 215 37.90 -8.53 11.71
CA GLU C 215 38.51 -7.39 11.05
C GLU C 215 39.37 -7.84 9.87
N ILE C 216 40.07 -8.95 10.06
CA ILE C 216 40.83 -9.57 8.98
C ILE C 216 39.88 -10.08 7.91
N ASP C 217 38.76 -10.63 8.37
CA ASP C 217 37.69 -11.14 7.50
C ASP C 217 38.20 -12.23 6.56
N GLY C 218 39.21 -12.96 7.02
CA GLY C 218 39.76 -14.06 6.24
C GLY C 218 39.38 -15.40 6.83
N VAL C 219 39.28 -16.41 5.97
CA VAL C 219 38.95 -17.75 6.41
C VAL C 219 40.10 -18.72 6.11
N ASP C 220 40.72 -19.25 7.16
CA ASP C 220 41.84 -20.15 7.00
C ASP C 220 41.39 -21.49 6.45
N PHE C 221 41.90 -21.86 5.28
CA PHE C 221 41.50 -23.11 4.64
C PHE C 221 42.28 -24.31 5.18
N ARG C 222 43.13 -24.08 6.17
CA ARG C 222 43.83 -25.17 6.85
C ARG C 222 42.86 -25.90 7.77
N TRP C 223 41.70 -25.28 8.00
CA TRP C 223 40.65 -25.87 8.84
C TRP C 223 40.24 -27.26 8.36
N ILE C 224 40.10 -27.40 7.04
CA ILE C 224 39.67 -28.65 6.43
C ILE C 224 40.66 -29.79 6.72
N ASP C 225 41.94 -29.45 6.86
CA ASP C 225 42.96 -30.44 7.17
C ASP C 225 42.61 -31.19 8.46
N ASP C 226 42.34 -30.45 9.53
CA ASP C 226 41.98 -31.07 10.80
C ASP C 226 40.50 -31.49 10.80
N ARG C 227 39.75 -31.04 9.79
CA ARG C 227 38.36 -31.43 9.62
C ARG C 227 38.19 -32.78 8.94
N ARG C 228 39.16 -33.14 8.10
CA ARG C 228 39.22 -34.42 7.39
C ARG C 228 40.26 -35.34 8.02
N ASN C 229 40.79 -34.93 9.17
CA ASN C 229 41.74 -35.77 9.89
C ASN C 229 40.98 -36.71 10.81
N ALA C 230 41.19 -38.01 10.65
CA ALA C 230 40.45 -38.98 11.44
C ALA C 230 41.07 -39.16 12.81
N ALA C 231 42.35 -38.81 12.92
CA ALA C 231 43.08 -38.96 14.17
C ALA C 231 42.67 -37.91 15.20
N LEU C 232 42.63 -36.65 14.77
CA LEU C 232 42.28 -35.54 15.65
C LEU C 232 40.79 -35.29 15.62
N ALA C 233 40.21 -35.04 16.79
CA ALA C 233 38.75 -34.89 16.87
C ALA C 233 38.33 -33.73 17.76
N ALA C 234 37.50 -32.85 17.21
CA ALA C 234 36.81 -31.80 17.96
C ALA C 234 37.77 -30.82 18.64
N GLY C 235 38.49 -31.31 19.64
CA GLY C 235 39.37 -30.47 20.42
C GLY C 235 40.43 -29.73 19.62
N GLU C 236 40.98 -30.41 18.62
CA GLU C 236 42.09 -29.85 17.84
C GLU C 236 41.64 -29.40 16.45
N THR C 237 40.33 -29.45 16.21
CA THR C 237 39.77 -29.18 14.90
C THR C 237 39.44 -27.70 14.71
N LEU C 238 39.41 -26.96 15.80
CA LEU C 238 39.05 -25.55 15.81
C LEU C 238 40.25 -24.62 15.89
N ARG C 239 41.44 -25.20 15.72
CA ARG C 239 42.69 -24.44 15.83
C ARG C 239 42.78 -23.35 14.77
N HIS C 240 42.26 -23.63 13.58
CA HIS C 240 42.33 -22.70 12.48
C HIS C 240 40.95 -22.21 12.09
N ALA C 241 39.94 -22.60 12.86
CA ALA C 241 38.57 -22.14 12.65
C ALA C 241 38.40 -20.71 13.15
N PRO C 242 37.51 -19.94 12.50
CA PRO C 242 37.26 -18.56 12.94
C PRO C 242 36.69 -18.48 14.35
N GLU C 243 37.00 -17.41 15.06
CA GLU C 243 36.56 -17.23 16.45
C GLU C 243 35.04 -17.24 16.58
N SER C 244 34.37 -16.79 15.52
CA SER C 244 32.90 -16.81 15.49
C SER C 244 32.39 -18.24 15.54
N TRP C 245 33.09 -19.14 14.84
CA TRP C 245 32.69 -20.54 14.81
C TRP C 245 32.96 -21.23 16.13
N ILE C 246 34.07 -20.88 16.78
CA ILE C 246 34.40 -21.49 18.07
C ILE C 246 33.46 -20.95 19.14
N ARG C 247 32.97 -19.73 18.94
CA ARG C 247 32.03 -19.14 19.87
C ARG C 247 30.65 -19.74 19.65
N TRP C 248 30.38 -20.12 18.41
CA TRP C 248 29.15 -20.85 18.11
C TRP C 248 29.22 -22.28 18.63
N VAL C 249 30.43 -22.79 18.76
CA VAL C 249 30.65 -24.13 19.30
C VAL C 249 30.47 -24.14 20.81
N ARG C 250 31.10 -23.18 21.49
CA ARG C 250 31.02 -23.09 22.94
C ARG C 250 29.60 -22.81 23.43
N GLN C 251 28.93 -21.84 22.80
CA GLN C 251 27.58 -21.48 23.18
C GLN C 251 26.53 -22.06 22.24
N GLY C 252 25.27 -21.70 22.45
CA GLY C 252 24.18 -22.28 21.69
C GLY C 252 23.67 -21.44 20.55
N ARG C 253 22.43 -21.71 20.14
CA ARG C 253 21.81 -21.02 19.01
C ARG C 253 21.30 -19.63 19.38
N LEU C 254 21.39 -19.28 20.66
CA LEU C 254 20.88 -18.00 21.13
C LEU C 254 21.88 -16.87 20.87
N ALA C 255 23.10 -17.25 20.49
CA ALA C 255 24.16 -16.27 20.25
C ALA C 255 24.34 -16.01 18.76
N ILE C 256 23.44 -16.55 17.94
CA ILE C 256 23.51 -16.38 16.49
C ILE C 256 23.42 -14.92 16.03
N PRO C 257 22.47 -14.12 16.56
CA PRO C 257 22.43 -12.73 16.08
C PRO C 257 23.66 -11.93 16.48
N GLY C 258 24.34 -12.35 17.54
CA GLY C 258 25.54 -11.66 18.00
C GLY C 258 26.76 -11.98 17.16
N ILE C 259 26.81 -13.21 16.65
CA ILE C 259 27.95 -13.64 15.84
C ILE C 259 27.67 -13.51 14.35
N ARG C 260 26.51 -12.93 14.01
CA ARG C 260 26.10 -12.76 12.62
C ARG C 260 27.02 -11.78 11.89
N ARG C 261 27.41 -12.14 10.67
CA ARG C 261 28.23 -11.28 9.84
C ARG C 261 27.45 -10.08 9.33
N ARG C 262 27.92 -8.88 9.62
CA ARG C 262 27.28 -7.67 9.16
C ARG C 262 28.32 -6.67 8.64
N VAL C 263 28.40 -6.54 7.32
CA VAL C 263 29.39 -5.66 6.71
C VAL C 263 28.73 -4.55 5.91
N LEU C 264 29.03 -3.31 6.27
CA LEU C 264 28.48 -2.14 5.59
C LEU C 264 29.32 -1.79 4.36
N ALA C 265 28.66 -1.28 3.32
CA ALA C 265 29.35 -0.90 2.10
C ALA C 265 30.29 0.28 2.35
N SER C 266 29.78 1.29 3.04
CA SER C 266 30.58 2.46 3.40
C SER C 266 31.36 2.22 4.67
N ALA C 267 31.96 3.28 5.21
CA ALA C 267 32.78 3.16 6.42
C ALA C 267 32.12 3.85 7.60
N VAL C 268 32.21 3.23 8.78
CA VAL C 268 31.67 3.81 10.00
C VAL C 268 32.61 4.88 10.53
N GLN C 269 32.06 6.03 10.91
CA GLN C 269 32.86 7.12 11.47
C GLN C 269 32.77 7.16 12.99
N SER C 270 33.92 7.06 13.64
CA SER C 270 33.98 7.11 15.10
C SER C 270 33.67 8.52 15.60
N SER C 271 33.27 8.62 16.86
CA SER C 271 32.95 9.91 17.47
C SER C 271 34.15 10.84 17.41
N LYS C 272 35.32 10.29 17.74
CA LYS C 272 36.56 11.06 17.71
C LYS C 272 36.96 11.40 16.27
N GLU C 273 36.61 10.52 15.34
CA GLU C 273 36.92 10.73 13.93
C GLU C 273 36.07 11.84 13.34
N GLN C 274 34.82 11.91 13.75
CA GLN C 274 33.92 12.97 13.28
C GLN C 274 34.30 14.31 13.87
N GLN C 275 34.75 14.31 15.12
CA GLN C 275 35.19 15.52 15.79
C GLN C 275 36.59 15.89 15.32
N PRO C 276 36.91 17.20 15.37
CA PRO C 276 38.26 17.65 14.96
C PRO C 276 39.34 17.13 15.90
N ALA C 277 40.59 17.21 15.47
CA ALA C 277 41.71 16.73 16.28
C ALA C 277 41.80 17.46 17.61
N SER C 278 42.10 16.71 18.67
CA SER C 278 42.15 17.26 20.02
C SER C 278 43.34 18.21 20.18
N GLY C 279 43.04 19.42 20.67
CA GLY C 279 44.08 20.42 20.89
C GLY C 279 44.19 21.41 19.75
N SER C 280 43.44 21.18 18.69
CA SER C 280 43.50 22.03 17.49
C SER C 280 42.80 23.37 17.70
N ALA C 281 42.94 24.25 16.72
CA ALA C 281 42.28 25.56 16.76
C ALA C 281 40.82 25.44 16.34
N GLU C 282 40.57 24.57 15.37
CA GLU C 282 39.22 24.32 14.88
C GLU C 282 38.36 23.67 15.96
N ALA C 283 39.02 22.94 16.87
CA ALA C 283 38.34 22.33 18.00
C ALA C 283 37.80 23.40 18.93
N ALA C 284 38.67 24.34 19.29
CA ALA C 284 38.29 25.48 20.12
C ALA C 284 37.21 26.31 19.43
N THR C 285 37.33 26.42 18.11
CA THR C 285 36.34 27.13 17.32
C THR C 285 34.97 26.46 17.45
N LEU C 286 34.95 25.14 17.38
CA LEU C 286 33.72 24.37 17.54
C LEU C 286 33.16 24.53 18.95
N GLN C 287 34.04 24.56 19.94
CA GLN C 287 33.63 24.75 21.32
C GLN C 287 32.98 26.11 21.51
N THR C 288 33.51 27.12 20.82
CA THR C 288 32.93 28.45 20.85
C THR C 288 31.60 28.48 20.10
N LEU C 289 31.48 27.62 19.09
CA LEU C 289 30.25 27.50 18.33
C LEU C 289 29.12 26.94 19.20
N TYR C 290 29.43 25.87 19.92
CA TYR C 290 28.46 25.27 20.83
C TYR C 290 28.16 26.20 22.00
N LYS C 291 29.18 26.92 22.44
CA LYS C 291 29.02 27.91 23.51
C LYS C 291 28.07 29.02 23.10
N PHE C 292 28.18 29.44 21.85
CA PHE C 292 27.40 30.56 21.34
C PHE C 292 25.98 30.13 20.94
N TYR C 293 25.86 28.96 20.35
CA TYR C 293 24.60 28.52 19.76
C TYR C 293 23.80 27.54 20.62
N ASP C 294 24.19 27.37 21.88
CA ASP C 294 23.49 26.43 22.75
C ASP C 294 22.09 26.94 23.09
N GLY C 295 21.94 28.25 23.15
CA GLY C 295 20.66 28.85 23.47
C GLY C 295 19.85 29.22 22.25
N ARG C 296 20.54 29.51 21.15
CA ARG C 296 19.90 29.95 19.92
C ARG C 296 19.74 28.78 18.94
N LYS C 297 18.53 28.62 18.40
CA LYS C 297 18.26 27.50 17.50
C LYS C 297 18.17 27.94 16.05
N HIS C 298 17.38 28.98 15.78
CA HIS C 298 17.15 29.44 14.42
C HIS C 298 18.43 29.95 13.75
N ALA C 299 19.25 30.65 14.51
CA ALA C 299 20.54 31.14 14.01
C ALA C 299 21.42 29.97 13.61
N PHE C 300 21.36 28.89 14.39
CA PHE C 300 22.08 27.67 14.07
C PHE C 300 21.53 27.09 12.77
N GLU C 301 20.21 27.06 12.64
CA GLU C 301 19.56 26.53 11.44
C GLU C 301 20.04 27.28 10.19
N LEU C 302 20.10 28.60 10.30
CA LEU C 302 20.59 29.43 9.20
C LEU C 302 22.06 29.15 8.90
N LEU C 303 22.86 29.03 9.95
CA LEU C 303 24.28 28.73 9.81
C LEU C 303 24.48 27.42 9.07
N ALA C 304 23.61 26.44 9.37
CA ALA C 304 23.65 25.15 8.73
C ALA C 304 23.18 25.24 7.29
N SER C 305 22.27 26.17 7.02
CA SER C 305 21.81 26.40 5.66
C SER C 305 22.97 26.97 4.82
N ARG C 306 23.75 27.85 5.43
CA ARG C 306 24.90 28.45 4.76
C ARG C 306 26.04 27.46 4.56
N VAL C 307 26.27 26.61 5.56
CA VAL C 307 27.30 25.58 5.46
C VAL C 307 26.93 24.55 4.40
N ALA C 308 25.67 24.13 4.42
CA ALA C 308 25.18 23.16 3.43
C ALA C 308 25.04 23.79 2.06
N ALA C 309 25.01 25.12 2.01
CA ALA C 309 24.87 25.84 0.75
C ALA C 309 26.07 25.61 -0.17
N GLU C 310 27.27 25.77 0.37
CA GLU C 310 28.48 25.72 -0.45
C GLU C 310 29.20 24.37 -0.34
N VAL C 311 28.69 23.48 0.52
CA VAL C 311 29.28 22.16 0.65
C VAL C 311 28.97 21.32 -0.58
N PHE C 312 27.87 21.68 -1.27
CA PHE C 312 27.55 21.08 -2.55
C PHE C 312 28.23 21.88 -3.66
N ARG C 313 28.44 23.16 -3.40
CA ARG C 313 28.99 24.08 -4.40
C ARG C 313 30.52 24.03 -4.42
N GLU C 314 31.11 23.42 -3.40
CA GLU C 314 32.55 23.33 -3.29
C GLU C 314 33.16 22.51 -4.42
N SER C 315 32.43 21.50 -4.88
CA SER C 315 32.87 20.67 -5.99
C SER C 315 32.71 21.40 -7.31
N GLY C 316 31.97 22.50 -7.29
CA GLY C 316 31.66 23.25 -8.49
C GLY C 316 30.30 22.88 -9.02
N ALA C 317 29.59 22.04 -8.27
CA ALA C 317 28.27 21.58 -8.66
C ALA C 317 27.26 22.72 -8.61
N ARG C 318 26.21 22.61 -9.42
CA ARG C 318 25.20 23.65 -9.51
C ARG C 318 24.23 23.58 -8.34
N TYR C 319 24.17 24.67 -7.57
CA TYR C 319 23.32 24.70 -6.38
C TYR C 319 22.58 26.03 -6.27
N LYS C 320 21.39 25.99 -5.68
CA LYS C 320 20.59 27.18 -5.43
C LYS C 320 20.05 27.17 -4.01
N GLU C 321 20.35 28.22 -3.26
CA GLU C 321 19.91 28.32 -1.87
C GLU C 321 18.43 28.67 -1.79
N GLY C 322 17.69 27.91 -1.00
CA GLY C 322 16.25 28.10 -0.88
C GLY C 322 15.86 29.08 0.21
N TRP C 323 14.72 28.82 0.84
CA TRP C 323 14.18 29.72 1.85
C TRP C 323 14.07 29.03 3.21
N LEU C 324 13.54 29.75 4.19
CA LEU C 324 13.26 29.19 5.50
C LEU C 324 11.76 28.95 5.65
N SER C 325 11.39 27.76 6.11
CA SER C 325 9.99 27.36 6.19
C SER C 325 9.16 28.25 7.11
N ARG C 326 9.55 28.34 8.37
CA ARG C 326 8.79 29.11 9.35
C ARG C 326 9.66 29.70 10.45
N SER C 327 9.22 30.81 11.02
CA SER C 327 9.93 31.45 12.13
C SER C 327 9.77 30.61 13.39
N SER C 328 8.57 30.08 13.60
CA SER C 328 8.31 29.18 14.71
C SER C 328 7.40 28.04 14.25
N GLY C 329 7.30 27.01 15.09
CA GLY C 329 6.50 25.84 14.77
C GLY C 329 7.32 24.78 14.06
N ASP C 330 8.51 25.17 13.62
CA ASP C 330 9.47 24.25 13.00
C ASP C 330 8.91 23.57 11.75
N GLY C 331 9.61 22.51 11.35
CA GLY C 331 9.20 21.65 10.26
C GLY C 331 10.02 20.38 10.35
N GLY C 332 9.61 19.34 9.63
CA GLY C 332 10.36 18.09 9.62
C GLY C 332 11.79 18.31 9.19
N VAL C 333 11.96 19.22 8.23
CA VAL C 333 13.27 19.69 7.82
C VAL C 333 13.27 21.22 7.90
N ASP C 334 14.35 21.80 8.38
CA ASP C 334 14.39 23.23 8.65
C ASP C 334 14.52 24.08 7.39
N PHE C 335 15.54 23.80 6.58
CA PHE C 335 15.78 24.61 5.38
C PHE C 335 15.76 23.79 4.10
N ILE C 336 15.64 24.47 2.97
CA ILE C 336 15.53 23.82 1.67
C ILE C 336 16.61 24.33 0.71
N GLY C 337 17.07 23.46 -0.19
CA GLY C 337 18.01 23.84 -1.23
C GLY C 337 17.70 23.10 -2.52
N ARG C 338 18.33 23.50 -3.62
CA ARG C 338 18.09 22.85 -4.91
C ARG C 338 19.41 22.53 -5.63
N ILE C 339 19.42 21.43 -6.37
CA ILE C 339 20.60 21.05 -7.14
C ILE C 339 20.24 20.77 -8.60
N ASP C 340 20.63 21.68 -9.49
CA ASP C 340 20.46 21.48 -10.93
C ASP C 340 21.51 20.53 -11.45
N MET C 341 21.08 19.54 -12.24
CA MET C 341 21.97 18.51 -12.75
C MET C 341 22.09 18.52 -14.26
N GLY C 342 23.32 18.65 -14.74
CA GLY C 342 23.58 18.68 -16.17
C GLY C 342 23.81 20.08 -16.70
N SER C 343 23.99 20.19 -18.02
CA SER C 343 24.17 21.49 -18.66
C SER C 343 22.90 22.32 -18.55
N LEU C 344 23.04 23.64 -18.67
CA LEU C 344 21.89 24.54 -18.56
C LEU C 344 20.85 24.19 -19.61
N LYS C 345 19.58 24.39 -19.25
CA LYS C 345 18.41 24.03 -20.07
C LYS C 345 18.22 22.52 -20.15
N ALA C 346 19.20 21.78 -19.65
CA ALA C 346 19.10 20.34 -19.49
C ALA C 346 19.18 20.00 -18.01
N SER C 347 19.26 21.05 -17.20
CA SER C 347 19.37 20.93 -15.75
C SER C 347 18.07 20.42 -15.13
N THR C 348 18.21 19.47 -14.21
CA THR C 348 17.06 18.96 -13.47
C THR C 348 17.23 19.24 -11.98
N PRO C 349 16.15 19.69 -11.32
CA PRO C 349 16.19 20.07 -9.90
C PRO C 349 16.23 18.87 -8.95
N VAL C 350 17.01 18.99 -7.88
CA VAL C 350 17.06 17.98 -6.84
C VAL C 350 16.82 18.62 -5.47
N VAL C 351 15.73 18.23 -4.82
CA VAL C 351 15.32 18.85 -3.56
C VAL C 351 16.21 18.41 -2.39
N VAL C 352 16.80 19.39 -1.71
CA VAL C 352 17.63 19.14 -0.54
C VAL C 352 16.93 19.62 0.72
N LEU C 353 16.69 18.72 1.65
CA LEU C 353 16.02 19.07 2.90
C LEU C 353 16.97 18.97 4.08
N GLY C 354 17.30 20.12 4.66
CA GLY C 354 18.27 20.17 5.74
C GLY C 354 17.68 20.47 7.10
N GLN C 355 18.26 19.88 8.14
CA GLN C 355 17.85 20.17 9.51
C GLN C 355 19.07 20.18 10.43
N ALA C 356 19.07 21.09 11.39
CA ALA C 356 20.21 21.25 12.29
C ALA C 356 19.83 21.08 13.75
N LYS C 357 20.79 20.69 14.57
CA LYS C 357 20.57 20.61 16.01
C LYS C 357 21.87 20.88 16.76
N CYS C 358 21.77 21.69 17.81
CA CYS C 358 22.94 22.08 18.59
C CYS C 358 23.10 21.21 19.84
N ILE C 359 24.22 20.52 19.93
CA ILE C 359 24.54 19.71 21.09
C ILE C 359 26.06 19.60 21.24
N GLN C 360 26.52 19.36 22.46
CA GLN C 360 27.95 19.27 22.74
C GLN C 360 28.58 18.13 21.96
N PRO C 361 29.82 18.34 21.47
CA PRO C 361 30.56 17.36 20.65
C PRO C 361 30.67 15.98 21.31
N THR C 362 30.54 15.94 22.63
CA THR C 362 30.63 14.68 23.37
C THR C 362 29.35 13.85 23.23
N SER C 363 28.32 14.45 22.64
CA SER C 363 27.05 13.76 22.45
C SER C 363 26.86 13.33 20.99
N SER C 364 26.12 12.25 20.80
CA SER C 364 25.88 11.71 19.46
C SER C 364 24.40 11.84 19.07
N VAL C 365 24.14 11.86 17.77
CA VAL C 365 22.79 12.02 17.25
C VAL C 365 22.04 10.70 17.16
N SER C 366 20.85 10.66 17.76
CA SER C 366 20.00 9.47 17.73
C SER C 366 19.49 9.18 16.32
N PRO C 367 19.32 7.89 15.99
CA PRO C 367 18.82 7.46 14.68
C PRO C 367 17.38 7.90 14.41
N GLU C 368 16.61 8.12 15.47
CA GLU C 368 15.19 8.42 15.35
C GLU C 368 14.91 9.76 14.66
N GLN C 369 15.65 10.79 15.03
CA GLN C 369 15.46 12.11 14.45
C GLN C 369 15.95 12.18 13.00
N VAL C 370 17.05 11.48 12.73
CA VAL C 370 17.55 11.35 11.36
C VAL C 370 16.50 10.64 10.51
N ALA C 371 15.86 9.65 11.11
CA ALA C 371 14.77 8.94 10.47
C ALA C 371 13.60 9.88 10.22
N ARG C 372 13.39 10.81 11.14
CA ARG C 372 12.35 11.82 10.98
C ARG C 372 12.68 12.74 9.81
N VAL C 373 13.97 12.96 9.58
CA VAL C 373 14.42 13.77 8.45
C VAL C 373 14.17 13.04 7.13
N VAL C 374 14.65 11.80 7.05
CA VAL C 374 14.57 11.04 5.80
C VAL C 374 13.16 10.53 5.51
N ALA C 375 12.28 10.61 6.49
CA ALA C 375 10.88 10.23 6.30
C ALA C 375 10.15 11.26 5.45
N ARG C 376 10.71 12.46 5.39
CA ARG C 376 10.13 13.56 4.63
C ARG C 376 10.52 13.49 3.16
N LEU C 377 11.43 12.59 2.83
CA LEU C 377 11.97 12.47 1.48
C LEU C 377 10.95 11.90 0.49
N ARG C 378 11.11 12.29 -0.78
CA ARG C 378 10.27 11.78 -1.85
C ARG C 378 11.13 11.34 -3.03
N ARG C 379 10.54 11.31 -4.23
CA ARG C 379 11.27 10.89 -5.42
C ARG C 379 12.37 11.87 -5.78
N GLY C 380 13.61 11.40 -5.80
CA GLY C 380 14.74 12.23 -6.15
C GLY C 380 15.01 13.32 -5.14
N TRP C 381 14.70 13.05 -3.88
CA TRP C 381 14.95 13.99 -2.80
C TRP C 381 16.05 13.51 -1.88
N ILE C 382 16.90 14.43 -1.44
CA ILE C 382 17.98 14.09 -0.51
C ILE C 382 17.94 15.01 0.71
N GLY C 383 18.41 14.50 1.84
CA GLY C 383 18.40 15.28 3.07
C GLY C 383 19.81 15.60 3.53
N VAL C 384 19.90 16.40 4.60
CA VAL C 384 21.20 16.69 5.22
C VAL C 384 21.02 17.16 6.66
N TYR C 385 21.77 16.54 7.56
CA TYR C 385 21.65 16.86 8.98
C TYR C 385 22.94 17.49 9.51
N VAL C 386 22.80 18.64 10.16
CA VAL C 386 23.96 19.36 10.65
C VAL C 386 23.96 19.45 12.19
N THR C 387 25.09 19.10 12.79
CA THR C 387 25.21 19.14 14.24
C THR C 387 26.66 19.40 14.69
N THR C 388 26.81 19.93 15.89
CA THR C 388 28.13 20.18 16.46
C THR C 388 28.70 18.91 17.09
N GLY C 389 27.84 17.91 17.26
CA GLY C 389 28.25 16.64 17.82
C GLY C 389 28.46 15.58 16.75
N SER C 390 28.55 14.32 17.17
CA SER C 390 28.74 13.22 16.24
C SER C 390 27.42 12.48 16.00
N PHE C 391 27.51 11.38 15.25
CA PHE C 391 26.33 10.56 14.98
C PHE C 391 26.51 9.18 15.62
N SER C 392 25.42 8.64 16.16
CA SER C 392 25.45 7.32 16.77
C SER C 392 25.73 6.25 15.71
N ARG C 393 26.37 5.17 16.12
CA ARG C 393 26.76 4.09 15.21
C ARG C 393 25.55 3.41 14.59
N GLN C 394 24.50 3.24 15.39
CA GLN C 394 23.27 2.64 14.92
C GLN C 394 22.64 3.45 13.80
N ALA C 395 22.65 4.77 13.98
CA ALA C 395 22.14 5.70 12.96
C ALA C 395 22.91 5.52 11.65
N GLN C 396 24.22 5.51 11.74
CA GLN C 396 25.09 5.42 10.57
C GLN C 396 24.87 4.11 9.82
N VAL C 397 24.88 3.01 10.55
CA VAL C 397 24.72 1.69 9.93
C VAL C 397 23.33 1.53 9.36
N GLU C 398 22.34 2.20 9.96
CA GLU C 398 20.98 2.17 9.45
C GLU C 398 20.90 2.94 8.14
N ILE C 399 21.68 4.02 8.05
CA ILE C 399 21.71 4.83 6.83
C ILE C 399 22.42 4.12 5.70
N ILE C 400 23.54 3.47 6.02
CA ILE C 400 24.34 2.78 5.01
C ILE C 400 23.65 1.51 4.52
N ASP C 401 23.16 0.71 5.46
CA ASP C 401 22.59 -0.59 5.10
C ASP C 401 21.28 -0.46 4.33
N ASP C 402 20.45 0.52 4.72
CA ASP C 402 19.16 0.70 4.10
C ASP C 402 19.21 1.78 3.03
N GLN C 403 20.41 2.31 2.80
CA GLN C 403 20.67 3.28 1.75
C GLN C 403 19.84 4.56 1.86
N TYR C 404 19.79 5.14 3.06
CA TYR C 404 19.19 6.45 3.26
C TYR C 404 20.04 7.50 2.53
N PRO C 405 19.41 8.30 1.64
CA PRO C 405 20.14 9.37 0.94
C PRO C 405 20.17 10.67 1.75
N VAL C 406 21.22 10.84 2.55
CA VAL C 406 21.35 12.01 3.42
C VAL C 406 22.81 12.36 3.70
N VAL C 407 23.12 13.65 3.73
CA VAL C 407 24.46 14.11 4.03
C VAL C 407 24.64 14.38 5.52
N LEU C 408 25.70 13.79 6.09
CA LEU C 408 25.99 13.97 7.51
C LEU C 408 27.04 15.05 7.76
N ILE C 409 26.67 16.04 8.56
CA ILE C 409 27.57 17.14 8.91
C ILE C 409 27.85 17.15 10.41
N ALA C 410 29.02 16.64 10.79
CA ALA C 410 29.41 16.56 12.20
C ALA C 410 30.11 17.85 12.63
N GLY C 411 30.59 17.86 13.88
CA GLY C 411 31.22 19.04 14.44
C GLY C 411 32.50 19.44 13.73
N GLY C 412 33.26 18.45 13.27
CA GLY C 412 34.51 18.71 12.57
C GLY C 412 34.29 19.37 11.23
N THR C 413 33.45 18.76 10.41
CA THR C 413 33.12 19.29 9.09
C THR C 413 32.47 20.68 9.22
N LEU C 414 31.61 20.81 10.22
CA LEU C 414 30.94 22.09 10.49
C LEU C 414 31.94 23.18 10.84
N ALA C 415 32.84 22.88 11.78
CA ALA C 415 33.83 23.85 12.22
C ALA C 415 34.78 24.24 11.08
N ALA C 416 35.21 23.24 10.32
CA ALA C 416 36.12 23.49 9.20
C ALA C 416 35.48 24.35 8.13
N THR C 417 34.25 23.99 7.74
CA THR C 417 33.52 24.72 6.72
C THR C 417 33.18 26.15 7.19
N VAL C 418 32.89 26.29 8.48
CA VAL C 418 32.58 27.61 9.04
C VAL C 418 33.80 28.50 9.07
N ARG C 419 34.93 27.97 9.54
CA ARG C 419 36.19 28.72 9.53
C ARG C 419 36.57 29.12 8.12
N ARG C 420 36.40 28.19 7.18
CA ARG C 420 36.67 28.47 5.77
C ARG C 420 35.78 29.60 5.26
N MET C 421 34.50 29.54 5.61
CA MET C 421 33.55 30.58 5.22
C MET C 421 33.92 31.95 5.75
N VAL C 422 34.28 31.99 7.04
CA VAL C 422 34.65 33.22 7.70
C VAL C 422 35.89 33.84 7.08
N GLN C 423 36.93 33.03 6.89
CA GLN C 423 38.18 33.57 6.37
C GLN C 423 38.09 33.93 4.89
N ALA C 424 37.31 33.17 4.13
CA ALA C 424 37.20 33.40 2.70
C ALA C 424 36.37 34.64 2.36
N ASN C 425 35.27 34.84 3.08
CA ASN C 425 34.35 35.93 2.76
C ASN C 425 34.35 37.08 3.76
N TYR C 426 35.01 36.88 4.90
CA TYR C 426 35.12 37.93 5.90
C TYR C 426 36.56 38.11 6.33
N GLY C 427 37.08 37.12 7.06
CA GLY C 427 38.43 37.17 7.56
C GLY C 427 38.50 37.84 8.92
N GLY C 428 37.42 38.55 9.27
CA GLY C 428 37.31 39.17 10.57
C GLY C 428 36.88 38.16 11.61
N ASP C 429 36.70 38.63 12.85
CA ASP C 429 36.29 37.74 13.93
C ASP C 429 34.90 37.18 13.63
N LEU C 430 34.70 35.91 13.99
CA LEU C 430 33.46 35.19 13.71
C LEU C 430 32.22 35.99 14.10
N ASP C 431 32.37 36.80 15.14
CA ASP C 431 31.31 37.63 15.67
C ASP C 431 30.59 38.44 14.60
N ALA C 432 31.35 38.96 13.64
CA ALA C 432 30.76 39.68 12.51
C ALA C 432 29.78 38.78 11.76
N LEU C 433 30.22 37.58 11.44
CA LEU C 433 29.38 36.63 10.72
C LEU C 433 28.14 36.28 11.54
N LEU C 434 28.35 35.86 12.79
CA LEU C 434 27.25 35.48 13.68
C LEU C 434 26.18 36.57 13.72
N ALA C 435 26.62 37.79 14.02
CA ALA C 435 25.71 38.92 14.14
C ALA C 435 24.97 39.18 12.83
N SER C 436 25.71 39.14 11.72
CA SER C 436 25.13 39.34 10.40
C SER C 436 24.04 38.33 10.11
N THR C 437 24.25 37.10 10.57
CA THR C 437 23.30 36.03 10.38
C THR C 437 22.04 36.29 11.17
N VAL C 438 22.23 36.63 12.44
CA VAL C 438 21.11 36.85 13.34
C VAL C 438 20.24 38.03 12.90
N ASP C 439 20.87 39.11 12.45
CA ASP C 439 20.14 40.29 12.03
C ASP C 439 19.50 40.12 10.65
N GLU C 440 20.26 39.63 9.69
CA GLU C 440 19.78 39.54 8.32
C GLU C 440 18.73 38.43 8.15
N TYR C 441 18.94 37.32 8.84
CA TYR C 441 18.02 36.19 8.74
C TYR C 441 17.79 35.54 10.10
N GLY C 442 17.18 34.35 10.08
CA GLY C 442 16.63 33.76 11.28
C GLY C 442 15.17 34.12 11.31
N ALA C 443 14.81 34.99 10.37
CA ALA C 443 13.42 35.41 10.16
C ALA C 443 13.02 35.09 8.72
N ALA C 444 12.02 34.22 8.56
CA ALA C 444 11.63 33.74 7.24
C ALA C 444 10.70 34.71 6.52
N VAL C 445 11.16 35.21 5.38
CA VAL C 445 10.35 36.11 4.56
C VAL C 445 9.34 35.35 3.72
N THR C 446 9.73 34.17 3.25
CA THR C 446 8.86 33.35 2.41
C THR C 446 8.55 32.00 3.03
N HIS C 447 7.28 31.63 3.06
CA HIS C 447 6.86 30.34 3.58
C HIS C 447 6.05 29.58 2.55
N ARG C 448 6.73 28.75 1.76
CA ARG C 448 6.10 28.01 0.68
C ARG C 448 6.36 26.51 0.79
N ARG C 449 5.68 25.74 -0.06
CA ARG C 449 5.90 24.30 -0.11
C ARG C 449 7.24 24.00 -0.78
N PRO C 450 7.95 23.00 -0.26
CA PRO C 450 9.30 22.63 -0.71
C PRO C 450 9.37 22.28 -2.21
N GLU C 451 8.27 21.77 -2.76
CA GLU C 451 8.25 21.36 -4.16
C GLU C 451 8.28 22.57 -5.10
N GLU C 452 8.13 23.76 -4.54
CA GLU C 452 8.10 24.99 -5.34
C GLU C 452 9.51 25.52 -5.57
N VAL C 453 10.50 24.90 -4.93
CA VAL C 453 11.89 25.33 -5.06
C VAL C 453 12.41 25.11 -6.48
N ILE C 454 11.77 24.20 -7.20
CA ILE C 454 12.16 23.90 -8.58
C ILE C 454 11.76 25.05 -9.50
N SER C 455 10.67 25.72 -9.17
CA SER C 455 10.18 26.85 -9.95
C SER C 455 11.11 28.05 -9.80
N LEU C 456 11.70 28.17 -8.62
CA LEU C 456 12.65 29.25 -8.34
C LEU C 456 13.95 29.07 -9.12
N ILE D 8 -20.54 66.06 -16.03
CA ILE D 8 -19.13 66.30 -15.82
C ILE D 8 -18.41 65.03 -15.38
N ALA D 9 -19.16 64.08 -14.83
CA ALA D 9 -18.60 62.83 -14.34
C ALA D 9 -18.29 61.87 -15.48
N TRP D 10 -18.91 62.10 -16.63
CA TRP D 10 -18.71 61.26 -17.81
C TRP D 10 -17.26 61.30 -18.28
N ALA D 11 -16.62 62.46 -18.11
CA ALA D 11 -15.22 62.62 -18.47
C ALA D 11 -14.33 61.75 -17.60
N ALA D 12 -14.65 61.70 -16.31
CA ALA D 12 -13.91 60.86 -15.37
C ALA D 12 -14.14 59.38 -15.67
N SER D 13 -15.39 59.04 -15.98
CA SER D 13 -15.75 57.68 -16.32
C SER D 13 -15.00 57.19 -17.56
N ALA D 14 -14.90 58.06 -18.55
CA ALA D 14 -14.17 57.76 -19.78
C ALA D 14 -12.67 57.64 -19.51
N GLU D 15 -12.15 58.59 -18.73
CA GLU D 15 -10.74 58.59 -18.35
C GLU D 15 -10.35 57.28 -17.70
N VAL D 16 -11.16 56.83 -16.75
CA VAL D 16 -10.92 55.56 -16.07
C VAL D 16 -11.11 54.39 -17.02
N ALA D 17 -12.08 54.51 -17.93
CA ALA D 17 -12.40 53.44 -18.86
C ALA D 17 -11.24 53.14 -19.82
N ASN D 18 -10.53 54.18 -20.23
CA ASN D 18 -9.46 54.03 -21.21
C ASN D 18 -8.13 53.55 -20.62
N LYS D 19 -7.79 54.05 -19.44
CA LYS D 19 -6.49 53.76 -18.82
C LYS D 19 -6.38 52.31 -18.35
N PRO D 20 -5.19 51.71 -18.54
CA PRO D 20 -4.88 50.31 -18.16
C PRO D 20 -4.56 50.12 -16.68
N ARG D 21 -5.01 49.00 -16.12
CA ARG D 21 -4.72 48.64 -14.74
C ARG D 21 -4.35 47.17 -14.65
N LEU D 22 -3.05 46.88 -14.67
CA LEU D 22 -2.57 45.50 -14.81
C LEU D 22 -2.25 44.83 -13.49
N VAL D 23 -2.53 43.53 -13.40
CA VAL D 23 -2.15 42.74 -12.24
C VAL D 23 -1.79 41.32 -12.64
N PHE D 24 -0.62 40.86 -12.18
CA PHE D 24 -0.15 39.51 -12.48
C PHE D 24 -0.61 38.53 -11.41
N VAL D 25 -0.85 37.29 -11.81
CA VAL D 25 -1.28 36.26 -10.88
C VAL D 25 -0.18 35.89 -9.90
N GLY D 26 -0.46 36.00 -8.60
CA GLY D 26 0.51 35.68 -7.58
C GLY D 26 1.14 36.92 -6.96
N ASP D 27 0.78 38.09 -7.50
CA ASP D 27 1.31 39.34 -7.00
C ASP D 27 0.69 39.72 -5.66
N GLU D 28 1.39 40.56 -4.91
CA GLU D 28 0.94 40.99 -3.59
C GLU D 28 0.31 42.37 -3.64
N LEU D 29 -0.96 42.46 -3.24
CA LEU D 29 -1.70 43.71 -3.32
C LEU D 29 -1.99 44.28 -1.93
N ARG D 30 -2.00 45.59 -1.82
CA ARG D 30 -2.22 46.28 -0.56
C ARG D 30 -3.71 46.40 -0.25
N TYR D 31 -4.11 45.98 0.95
CA TYR D 31 -5.50 46.04 1.37
C TYR D 31 -5.63 46.65 2.76
N ALA D 32 -6.15 47.87 2.82
CA ALA D 32 -6.29 48.58 4.09
C ALA D 32 -7.67 49.19 4.22
N GLN D 33 -8.07 49.49 5.46
CA GLN D 33 -9.35 50.14 5.69
C GLN D 33 -9.29 51.60 5.25
N GLY D 34 -10.43 52.09 4.76
CA GLY D 34 -10.52 53.48 4.34
C GLY D 34 -9.63 53.79 3.16
N ALA D 35 -8.68 54.71 3.37
CA ALA D 35 -7.73 55.09 2.34
C ALA D 35 -8.41 55.60 1.08
N ASN D 36 -7.65 55.71 -0.01
CA ASN D 36 -8.17 56.22 -1.26
C ASN D 36 -8.11 55.19 -2.38
N GLN D 37 -9.05 55.30 -3.32
CA GLN D 37 -9.08 54.44 -4.48
C GLN D 37 -8.51 55.15 -5.70
N ARG D 38 -8.04 56.38 -5.48
CA ARG D 38 -7.46 57.18 -6.56
C ARG D 38 -5.94 57.05 -6.58
N ASP D 39 -5.41 56.29 -5.63
CA ASP D 39 -3.96 56.12 -5.51
C ASP D 39 -3.52 54.81 -6.16
N VAL D 40 -2.61 54.90 -7.11
CA VAL D 40 -2.07 53.71 -7.76
C VAL D 40 -1.25 52.90 -6.77
N GLU D 41 -0.50 53.60 -5.92
CA GLU D 41 0.38 52.94 -4.96
C GLU D 41 0.10 53.42 -3.54
N LEU D 42 0.02 52.48 -2.60
CA LEU D 42 -0.21 52.80 -1.20
C LEU D 42 0.72 52.00 -0.29
N ASP D 43 1.47 52.70 0.55
CA ASP D 43 2.42 52.08 1.48
C ASP D 43 3.45 51.22 0.75
N GLY D 44 3.84 51.65 -0.45
CA GLY D 44 4.84 50.95 -1.23
C GLY D 44 4.31 49.74 -1.97
N PHE D 45 2.99 49.63 -2.06
CA PHE D 45 2.37 48.50 -2.75
C PHE D 45 1.18 48.94 -3.59
N VAL D 46 0.79 48.09 -4.54
CA VAL D 46 -0.32 48.38 -5.43
C VAL D 46 -1.65 48.37 -4.67
N ASN D 47 -2.44 49.44 -4.83
CA ASN D 47 -3.72 49.55 -4.16
C ASN D 47 -4.78 48.62 -4.75
N TYR D 48 -5.49 47.92 -3.88
CA TYR D 48 -6.53 46.98 -4.29
C TYR D 48 -7.75 47.71 -4.84
N HIS D 49 -8.25 48.67 -4.08
CA HIS D 49 -9.45 49.40 -4.45
C HIS D 49 -9.26 50.18 -5.75
N TRP D 50 -8.07 50.74 -5.94
CA TRP D 50 -7.75 51.45 -7.17
C TRP D 50 -7.81 50.51 -8.36
N LEU D 51 -7.32 49.29 -8.18
CA LEU D 51 -7.33 48.28 -9.22
C LEU D 51 -8.76 47.85 -9.54
N THR D 52 -9.57 47.68 -8.50
CA THR D 52 -10.96 47.28 -8.69
C THR D 52 -11.83 48.45 -9.13
N SER D 53 -12.03 49.41 -8.23
CA SER D 53 -12.82 50.60 -8.54
C SER D 53 -12.00 51.87 -8.36
N PRO D 54 -11.40 52.36 -9.46
CA PRO D 54 -10.54 53.55 -9.46
C PRO D 54 -11.22 54.79 -8.89
N GLY D 55 -12.55 54.84 -8.96
CA GLY D 55 -13.30 55.97 -8.45
C GLY D 55 -13.72 56.93 -9.54
N GLY D 56 -13.24 56.68 -10.75
CA GLY D 56 -13.59 57.52 -11.89
C GLY D 56 -15.05 57.38 -12.26
N LEU D 57 -15.63 56.23 -11.91
CA LEU D 57 -17.04 55.98 -12.18
C LEU D 57 -17.92 56.57 -11.08
N GLY D 58 -17.30 56.89 -9.95
CA GLY D 58 -18.03 57.42 -8.82
C GLY D 58 -18.95 56.38 -8.20
N LEU D 59 -18.45 55.15 -8.10
CA LEU D 59 -19.24 54.04 -7.59
C LEU D 59 -18.66 53.51 -6.28
N PRO D 60 -19.51 52.91 -5.43
CA PRO D 60 -19.07 52.30 -4.18
C PRO D 60 -17.97 51.27 -4.39
N LYS D 61 -17.02 51.20 -3.45
CA LYS D 61 -15.89 50.28 -3.58
C LYS D 61 -16.33 48.83 -3.50
N VAL D 62 -15.51 47.94 -4.04
CA VAL D 62 -15.76 46.50 -3.93
C VAL D 62 -15.05 45.96 -2.69
N MET D 63 -15.84 45.67 -1.65
CA MET D 63 -15.27 45.22 -0.38
C MET D 63 -14.78 43.78 -0.45
N LEU D 64 -13.66 43.52 0.19
CA LEU D 64 -13.10 42.17 0.26
C LEU D 64 -13.07 41.72 1.72
N GLU D 65 -14.08 40.96 2.12
CA GLU D 65 -14.21 40.51 3.50
C GLU D 65 -14.27 38.99 3.61
N ALA D 66 -14.57 38.50 4.81
CA ALA D 66 -14.61 37.06 5.08
C ALA D 66 -15.58 36.33 4.15
N GLY D 67 -15.19 35.14 3.72
CA GLY D 67 -15.99 34.37 2.78
C GLY D 67 -15.92 34.96 1.39
N ILE D 68 -17.08 35.15 0.77
CA ILE D 68 -17.14 35.77 -0.55
C ILE D 68 -17.94 37.06 -0.50
N ASN D 69 -17.65 37.97 -1.42
CA ASN D 69 -18.29 39.28 -1.44
C ASN D 69 -18.70 39.70 -2.84
N ALA D 70 -19.95 40.16 -2.98
CA ALA D 70 -20.46 40.60 -4.27
C ALA D 70 -21.14 41.96 -4.18
N PRO D 71 -20.83 42.85 -5.13
CA PRO D 71 -21.41 44.20 -5.21
C PRO D 71 -22.91 44.17 -5.45
N ALA D 72 -23.56 45.32 -5.36
CA ALA D 72 -25.00 45.42 -5.59
C ALA D 72 -25.32 45.08 -7.04
N GLU D 73 -26.56 44.69 -7.28
CA GLU D 73 -27.00 44.29 -8.62
C GLU D 73 -26.82 45.42 -9.61
N VAL D 74 -26.11 45.15 -10.71
CA VAL D 74 -25.87 46.16 -11.73
C VAL D 74 -26.84 46.01 -12.89
N VAL D 75 -27.67 47.03 -13.10
CA VAL D 75 -28.69 46.98 -14.14
C VAL D 75 -28.17 47.49 -15.47
N GLY D 76 -27.93 46.57 -16.39
CA GLY D 76 -27.56 46.92 -17.75
C GLY D 76 -28.79 47.36 -18.50
N PRO D 77 -28.59 48.03 -19.65
CA PRO D 77 -29.70 48.46 -20.50
C PRO D 77 -30.57 47.28 -20.91
N ASP D 78 -29.94 46.19 -21.34
CA ASP D 78 -30.67 44.97 -21.67
C ASP D 78 -31.35 44.38 -20.44
N ARG D 79 -30.55 44.11 -19.40
CA ARG D 79 -31.07 43.54 -18.17
C ARG D 79 -30.09 43.66 -17.01
N SER D 80 -30.56 43.42 -15.80
CA SER D 80 -29.72 43.44 -14.61
C SER D 80 -28.72 42.30 -14.62
N ARG D 81 -27.52 42.58 -14.15
CA ARG D 81 -26.46 41.56 -14.10
C ARG D 81 -25.65 41.67 -12.82
N ARG D 82 -25.21 40.52 -12.31
CA ARG D 82 -24.29 40.49 -11.18
C ARG D 82 -22.89 40.80 -11.68
N ALA D 83 -22.29 41.83 -11.10
CA ALA D 83 -20.97 42.30 -11.53
C ALA D 83 -19.92 41.20 -11.46
N LEU D 84 -19.53 40.85 -10.24
CA LEU D 84 -18.51 39.83 -10.02
C LEU D 84 -18.58 39.29 -8.59
N ILE D 85 -17.71 38.33 -8.29
CA ILE D 85 -17.65 37.77 -6.94
C ILE D 85 -16.21 37.74 -6.44
N ALA D 86 -15.91 38.57 -5.44
CA ALA D 86 -14.57 38.60 -4.84
C ALA D 86 -14.49 37.61 -3.68
N ILE D 87 -13.59 36.63 -3.81
CA ILE D 87 -13.47 35.57 -2.82
C ILE D 87 -12.23 35.73 -1.94
N ARG D 88 -12.42 35.66 -0.63
CA ARG D 88 -11.30 35.74 0.31
C ARG D 88 -11.02 34.39 0.96
N SER D 89 -9.77 33.99 0.95
CA SER D 89 -9.33 32.81 1.70
C SER D 89 -8.30 33.23 2.74
N SER D 90 -8.44 32.70 3.95
CA SER D 90 -7.60 33.13 5.06
C SER D 90 -6.73 32.02 5.63
N PRO D 91 -5.50 31.90 5.11
CA PRO D 91 -4.47 31.16 5.82
C PRO D 91 -3.73 32.11 6.74
N TRP D 92 -4.28 32.33 7.94
CA TRP D 92 -3.81 33.33 8.90
C TRP D 92 -2.29 33.43 8.96
N LYS D 93 -1.65 32.30 9.21
CA LYS D 93 -0.19 32.22 9.22
C LYS D 93 0.26 30.88 8.66
N ALA D 94 -0.08 30.63 7.39
CA ALA D 94 0.21 29.38 6.72
C ALA D 94 -0.38 28.19 7.50
N GLY D 95 -1.61 28.35 7.97
CA GLY D 95 -2.28 27.33 8.75
C GLY D 95 -2.57 26.06 7.95
N HIS D 96 -2.88 26.24 6.68
CA HIS D 96 -3.16 25.11 5.79
C HIS D 96 -1.91 24.24 5.60
N GLU D 97 -2.08 22.93 5.49
CA GLU D 97 -3.40 22.30 5.53
C GLU D 97 -3.44 21.16 6.55
N THR D 98 -3.67 21.51 7.80
CA THR D 98 -3.69 20.53 8.88
C THR D 98 -5.04 19.83 9.00
N ASN D 99 -6.09 20.46 8.49
CA ASN D 99 -7.45 19.97 8.69
C ASN D 99 -8.29 19.92 7.40
N PRO D 100 -9.29 19.03 7.37
CA PRO D 100 -10.14 18.84 6.18
C PRO D 100 -11.05 20.01 5.82
N TRP D 101 -11.02 21.11 6.58
CA TRP D 101 -11.73 22.31 6.14
C TRP D 101 -11.06 22.72 4.84
N HIS D 102 -9.73 22.73 4.86
CA HIS D 102 -8.89 22.56 3.69
C HIS D 102 -9.23 23.41 2.48
N ASP D 103 -9.15 24.74 2.64
CA ASP D 103 -9.26 25.65 1.51
C ASP D 103 -7.90 25.74 0.83
N GLU D 104 -7.79 25.22 -0.38
CA GLU D 104 -6.47 25.15 -1.02
C GLU D 104 -6.46 25.60 -2.48
N PHE D 105 -5.37 26.24 -2.87
CA PHE D 105 -5.16 26.69 -4.23
C PHE D 105 -3.96 25.99 -4.87
N ASP D 106 -4.17 25.43 -6.06
CA ASP D 106 -3.07 24.95 -6.89
C ASP D 106 -3.06 25.78 -8.17
N LEU D 107 -2.25 26.83 -8.17
CA LEU D 107 -2.22 27.79 -9.27
C LEU D 107 -1.34 27.31 -10.41
N ASP D 108 -0.60 26.24 -10.16
CA ASP D 108 0.29 25.66 -11.16
C ASP D 108 -0.50 24.88 -12.21
N HIS D 109 -1.42 24.05 -11.75
CA HIS D 109 -2.24 23.24 -12.65
C HIS D 109 -3.59 23.90 -12.89
N GLY D 110 -3.87 24.97 -12.15
CA GLY D 110 -5.09 25.73 -12.34
C GLY D 110 -6.32 25.12 -11.72
N HIS D 111 -6.17 24.55 -10.52
CA HIS D 111 -7.30 23.98 -9.79
C HIS D 111 -7.42 24.59 -8.41
N VAL D 112 -8.65 24.92 -8.00
CA VAL D 112 -8.87 25.57 -6.72
C VAL D 112 -10.04 24.95 -5.96
N ARG D 113 -9.84 24.65 -4.67
CA ARG D 113 -10.93 24.14 -3.85
C ARG D 113 -11.23 25.09 -2.69
N TYR D 114 -12.46 25.61 -2.66
CA TYR D 114 -12.87 26.57 -1.64
C TYR D 114 -14.12 26.06 -0.93
N PHE D 115 -14.39 26.60 0.27
CA PHE D 115 -15.53 26.16 1.06
C PHE D 115 -16.38 27.33 1.53
N GLY D 116 -17.68 27.07 1.71
CA GLY D 116 -18.63 28.10 2.10
C GLY D 116 -18.34 28.73 3.45
N ASP D 117 -18.98 29.86 3.71
CA ASP D 117 -18.76 30.61 4.94
C ASP D 117 -19.75 30.21 6.03
N HIS D 118 -20.48 29.12 5.79
CA HIS D 118 -21.49 28.65 6.74
C HIS D 118 -20.83 28.23 8.05
N LYS D 119 -21.51 28.53 9.16
CA LYS D 119 -20.97 28.26 10.48
C LYS D 119 -22.04 27.71 11.42
N PRO D 120 -21.62 26.94 12.44
CA PRO D 120 -22.55 26.32 13.41
C PRO D 120 -23.47 27.32 14.10
N SER D 121 -23.05 28.57 14.19
CA SER D 121 -23.87 29.61 14.82
C SER D 121 -25.12 29.91 14.01
N THR D 122 -25.07 29.64 12.72
CA THR D 122 -26.20 29.87 11.83
C THR D 122 -27.30 28.85 12.07
N VAL D 123 -28.52 29.34 12.27
CA VAL D 123 -29.67 28.48 12.51
C VAL D 123 -30.24 27.95 11.20
N GLY D 124 -30.36 28.83 10.21
CA GLY D 124 -30.94 28.48 8.93
C GLY D 124 -30.11 27.50 8.11
N LEU D 125 -30.74 26.91 7.11
CA LEU D 125 -30.09 25.96 6.21
C LEU D 125 -28.98 26.65 5.40
N PRO D 126 -28.00 25.86 4.93
CA PRO D 126 -26.96 26.40 4.03
C PRO D 126 -27.56 27.12 2.84
N GLY D 127 -27.19 28.38 2.66
CA GLY D 127 -27.77 29.22 1.62
C GLY D 127 -28.49 30.40 2.24
N GLU D 128 -28.66 30.35 3.56
CA GLU D 128 -29.25 31.46 4.29
C GLU D 128 -28.26 32.61 4.39
N THR D 129 -26.99 32.27 4.58
CA THR D 129 -25.93 33.27 4.59
C THR D 129 -25.81 33.92 3.22
N LYS D 130 -25.46 35.19 3.20
CA LYS D 130 -25.36 35.94 1.95
C LYS D 130 -24.37 35.30 0.98
N GLY D 131 -23.19 34.97 1.50
CA GLY D 131 -22.14 34.38 0.68
C GLY D 131 -22.56 33.10 -0.01
N ASN D 132 -23.04 32.14 0.77
CA ASN D 132 -23.46 30.84 0.23
C ASN D 132 -24.65 30.97 -0.73
N ARG D 133 -25.50 31.96 -0.51
CA ARG D 133 -26.63 32.21 -1.38
C ARG D 133 -26.15 32.75 -2.72
N LEU D 134 -25.18 33.64 -2.67
CA LEU D 134 -24.56 34.16 -3.89
C LEU D 134 -23.86 33.05 -4.64
N LEU D 135 -23.28 32.11 -3.89
CA LEU D 135 -22.66 30.92 -4.47
C LEU D 135 -23.73 30.04 -5.12
N LEU D 136 -24.93 30.04 -4.54
CA LEU D 136 -26.05 29.29 -5.10
C LEU D 136 -26.51 29.89 -6.42
N GLU D 137 -26.66 31.21 -6.43
CA GLU D 137 -27.05 31.92 -7.66
C GLU D 137 -26.01 31.70 -8.75
N ALA D 138 -24.75 31.81 -8.37
CA ALA D 138 -23.64 31.59 -9.31
C ALA D 138 -23.63 30.16 -9.83
N ALA D 139 -24.01 29.21 -8.96
CA ALA D 139 -24.06 27.81 -9.34
C ALA D 139 -25.19 27.56 -10.34
N ARG D 140 -26.34 28.17 -10.09
CA ARG D 140 -27.49 28.03 -10.97
C ARG D 140 -27.23 28.71 -12.31
N LEU D 141 -26.40 29.75 -12.29
CA LEU D 141 -26.07 30.49 -13.50
C LEU D 141 -24.97 29.81 -14.31
N HIS D 142 -24.13 29.02 -13.62
CA HIS D 142 -23.05 28.31 -14.29
C HIS D 142 -23.54 27.00 -14.90
N ALA D 143 -24.77 26.62 -14.58
CA ALA D 143 -25.35 25.39 -15.12
C ALA D 143 -26.77 25.64 -15.63
N GLY D 144 -26.92 25.65 -16.95
CA GLY D 144 -28.22 25.88 -17.56
C GLY D 144 -28.26 25.56 -19.05
N THR D 145 -29.45 25.68 -19.64
CA THR D 145 -29.64 25.36 -21.05
C THR D 145 -29.26 26.52 -21.96
N THR D 146 -29.80 27.71 -21.65
CA THR D 146 -29.55 28.90 -22.46
C THR D 146 -28.08 29.29 -22.45
N ARG D 147 -27.67 30.04 -23.47
CA ARG D 147 -26.28 30.48 -23.60
C ARG D 147 -26.10 31.91 -23.12
N GLU D 148 -27.21 32.54 -22.73
CA GLU D 148 -27.18 33.92 -22.28
C GLU D 148 -26.97 34.01 -20.77
N GLU D 149 -27.47 32.99 -20.07
CA GLU D 149 -27.33 32.92 -18.62
C GLU D 149 -25.86 32.81 -18.20
N ARG D 150 -25.04 32.26 -19.10
CA ARG D 150 -23.61 32.16 -18.84
C ARG D 150 -22.97 33.53 -18.96
N LEU D 151 -23.58 34.40 -19.76
CA LEU D 151 -23.14 35.79 -19.87
C LEU D 151 -23.62 36.54 -18.63
N LEU D 152 -24.77 36.13 -18.12
CA LEU D 152 -25.29 36.70 -16.88
C LEU D 152 -24.47 36.22 -15.68
N ALA D 153 -23.84 35.05 -15.82
CA ALA D 153 -23.04 34.47 -14.74
C ALA D 153 -21.83 35.33 -14.39
N PRO D 154 -21.74 35.76 -13.13
CA PRO D 154 -20.63 36.60 -12.66
C PRO D 154 -19.33 35.83 -12.50
N PRO D 155 -18.20 36.46 -12.86
CA PRO D 155 -16.88 35.84 -12.73
C PRO D 155 -16.42 35.77 -11.27
N LEU D 156 -15.56 34.81 -10.97
CA LEU D 156 -15.06 34.62 -9.61
C LEU D 156 -13.60 34.98 -9.49
N PHE D 157 -13.31 36.05 -8.75
CA PHE D 157 -11.94 36.51 -8.56
C PHE D 157 -11.39 36.01 -7.23
N LEU D 158 -10.26 35.30 -7.30
CA LEU D 158 -9.69 34.64 -6.13
C LEU D 158 -8.65 35.51 -5.43
N PHE D 159 -8.77 35.62 -4.12
CA PHE D 159 -7.84 36.39 -3.31
C PHE D 159 -7.45 35.63 -2.04
N ARG D 160 -6.15 35.48 -1.80
CA ARG D 160 -5.66 34.75 -0.65
C ARG D 160 -4.81 35.63 0.25
N ALA D 161 -5.07 35.60 1.55
CA ALA D 161 -4.32 36.41 2.51
C ALA D 161 -2.84 36.01 2.52
N VAL D 162 -1.96 37.01 2.72
CA VAL D 162 -0.53 36.75 2.69
C VAL D 162 0.24 37.72 3.59
N THR D 163 1.26 37.21 4.28
CA THR D 163 2.15 38.04 5.09
C THR D 163 3.46 38.26 4.35
N VAL D 164 3.85 39.53 4.20
CA VAL D 164 4.99 39.90 3.39
C VAL D 164 6.34 39.74 4.11
N HIS D 165 6.44 40.25 5.33
CA HIS D 165 7.72 40.32 6.05
C HIS D 165 8.76 41.03 5.17
N ARG D 166 8.43 42.25 4.77
CA ARG D 166 9.26 42.99 3.83
C ARG D 166 9.57 44.40 4.31
N ALA D 167 10.45 45.09 3.59
CA ALA D 167 10.86 46.45 3.90
C ALA D 167 11.49 46.57 5.29
N GLY D 168 11.90 45.45 5.86
CA GLY D 168 12.50 45.43 7.18
C GLY D 168 11.49 45.33 8.30
N ARG D 169 10.20 45.39 7.95
CA ARG D 169 9.14 45.31 8.95
C ARG D 169 8.23 44.10 8.71
N ALA D 170 8.17 43.20 9.69
CA ALA D 170 7.34 42.01 9.58
C ALA D 170 5.90 42.32 9.99
N VAL D 171 4.97 42.09 9.06
CA VAL D 171 3.57 42.37 9.31
C VAL D 171 2.70 41.22 8.83
N VAL D 172 1.56 41.03 9.46
CA VAL D 172 0.62 40.00 9.06
C VAL D 172 -0.72 40.63 8.71
N LYS D 173 -1.33 40.13 7.64
CA LYS D 173 -2.62 40.60 7.20
C LYS D 173 -2.41 41.89 6.45
N GLY D 174 -3.50 42.47 5.97
CA GLY D 174 -3.46 43.77 5.34
C GLY D 174 -2.95 43.64 3.93
N HIS D 175 -2.71 42.41 3.50
CA HIS D 175 -2.23 42.14 2.16
C HIS D 175 -3.00 41.00 1.55
N VAL D 176 -3.19 41.06 0.25
CA VAL D 176 -3.88 39.98 -0.47
C VAL D 176 -3.06 39.48 -1.65
N GLU D 177 -3.51 38.38 -2.25
CA GLU D 177 -2.84 37.80 -3.40
C GLU D 177 -3.87 37.31 -4.42
N PHE D 178 -3.79 37.85 -5.63
CA PHE D 178 -4.69 37.47 -6.71
C PHE D 178 -4.31 36.11 -7.27
N CYS D 179 -5.22 35.15 -7.16
CA CYS D 179 -4.95 33.79 -7.60
C CYS D 179 -5.56 33.50 -8.98
N GLY D 180 -6.14 34.52 -9.60
CA GLY D 180 -6.72 34.38 -10.92
C GLY D 180 -8.23 34.39 -10.94
N ALA D 181 -8.81 34.32 -12.13
CA ALA D 181 -10.26 34.23 -12.28
C ALA D 181 -10.68 32.77 -12.30
N ALA D 182 -11.82 32.47 -11.67
CA ALA D 182 -12.27 31.09 -11.55
C ALA D 182 -13.71 30.90 -12.03
N ILE D 183 -14.00 29.69 -12.48
CA ILE D 183 -15.36 29.30 -12.87
C ILE D 183 -15.80 28.11 -12.02
N ILE D 184 -17.09 28.01 -11.75
CA ILE D 184 -17.59 26.93 -10.90
C ILE D 184 -17.71 25.61 -11.64
N GLU D 185 -16.82 24.68 -11.32
CA GLU D 185 -16.88 23.33 -11.89
C GLU D 185 -17.84 22.47 -11.09
N ARG D 186 -17.75 22.54 -9.77
CA ARG D 186 -18.59 21.71 -8.90
C ARG D 186 -19.09 22.45 -7.67
N LEU D 187 -20.29 22.07 -7.23
CA LEU D 187 -20.84 22.53 -5.96
C LEU D 187 -21.51 21.36 -5.26
N GLU D 188 -20.94 20.94 -4.13
CA GLU D 188 -21.48 19.79 -3.40
C GLU D 188 -21.63 20.08 -1.91
N HIS D 189 -22.77 19.70 -1.36
CA HIS D 189 -23.04 19.90 0.06
C HIS D 189 -22.27 18.88 0.90
N VAL D 190 -21.37 19.37 1.74
CA VAL D 190 -20.57 18.52 2.61
C VAL D 190 -20.82 18.83 4.07
N VAL D 191 -20.36 17.96 4.96
CA VAL D 191 -20.54 18.17 6.39
C VAL D 191 -19.21 18.33 7.10
N GLN D 192 -18.99 19.50 7.70
CA GLN D 192 -17.78 19.75 8.46
C GLN D 192 -18.07 19.59 9.96
N ARG D 193 -17.05 19.78 10.78
CA ARG D 193 -17.19 19.58 12.22
C ARG D 193 -16.60 20.74 13.02
N ASP D 194 -17.41 21.26 13.96
CA ASP D 194 -16.95 22.26 14.90
C ASP D 194 -16.45 21.58 16.17
N PRO D 195 -15.15 21.73 16.46
CA PRO D 195 -14.47 21.09 17.58
C PRO D 195 -14.88 21.66 18.94
N GLU D 196 -15.19 22.94 18.98
CA GLU D 196 -15.54 23.61 20.24
C GLU D 196 -16.80 23.00 20.87
N THR D 197 -17.85 22.86 20.06
CA THR D 197 -19.10 22.28 20.54
C THR D 197 -19.18 20.79 20.20
N GLY D 198 -18.22 20.32 19.41
CA GLY D 198 -18.21 18.93 18.98
C GLY D 198 -19.42 18.62 18.13
N ARG D 199 -19.78 19.54 17.25
CA ARG D 199 -21.01 19.40 16.47
C ARG D 199 -20.79 19.60 14.98
N SER D 200 -21.36 18.70 14.18
CA SER D 200 -21.20 18.74 12.73
C SER D 200 -22.23 19.65 12.06
N PHE D 201 -21.79 20.38 11.04
CA PHE D 201 -22.67 21.32 10.34
C PHE D 201 -22.54 21.18 8.82
N PRO D 202 -23.66 21.36 8.09
CA PRO D 202 -23.66 21.32 6.63
C PRO D 202 -23.13 22.62 6.01
N ASN D 203 -22.47 22.51 4.86
CA ASN D 203 -21.91 23.67 4.18
C ASN D 203 -21.65 23.38 2.70
N LEU D 204 -21.56 24.42 1.89
CA LEU D 204 -21.34 24.29 0.46
C LEU D 204 -19.85 24.19 0.13
N SER D 205 -19.49 23.17 -0.65
CA SER D 205 -18.12 22.98 -1.11
C SER D 205 -18.02 23.30 -2.60
N LEU D 206 -17.07 24.16 -2.94
CA LEU D 206 -16.92 24.64 -4.30
C LEU D 206 -15.60 24.22 -4.95
N ASP D 207 -15.73 23.51 -6.07
CA ASP D 207 -14.58 23.17 -6.91
C ASP D 207 -14.51 24.11 -8.10
N LEU D 208 -13.49 24.97 -8.11
CA LEU D 208 -13.34 26.00 -9.13
C LEU D 208 -12.11 25.77 -9.99
N ALA D 209 -12.18 26.21 -11.25
CA ALA D 209 -11.06 26.07 -12.17
C ALA D 209 -10.56 27.44 -12.63
N VAL D 210 -9.26 27.65 -12.56
CA VAL D 210 -8.64 28.90 -13.00
C VAL D 210 -8.28 28.82 -14.47
N VAL D 211 -8.71 29.82 -15.25
CA VAL D 211 -8.45 29.84 -16.69
C VAL D 211 -7.09 30.43 -17.02
N SER D 212 -6.67 30.30 -18.27
CA SER D 212 -5.39 30.83 -18.72
C SER D 212 -5.44 32.34 -18.86
N GLY D 213 -4.35 33.01 -18.48
CA GLY D 213 -4.30 34.46 -18.52
C GLY D 213 -3.65 35.01 -19.77
N GLY D 214 -3.34 34.12 -20.71
CA GLY D 214 -2.69 34.52 -21.94
C GLY D 214 -1.18 34.37 -21.86
N GLU D 215 -0.48 34.99 -22.80
CA GLU D 215 0.97 34.93 -22.83
C GLU D 215 1.56 35.58 -21.58
N ILE D 216 0.93 36.64 -21.09
CA ILE D 216 1.46 37.38 -19.95
C ILE D 216 1.30 36.63 -18.64
N ASP D 217 0.26 35.80 -18.57
CA ASP D 217 -0.13 35.07 -17.36
C ASP D 217 -0.69 36.04 -16.30
N GLY D 218 -0.70 37.33 -16.63
CA GLY D 218 -1.26 38.35 -15.78
C GLY D 218 -2.31 39.13 -16.53
N VAL D 219 -3.40 39.48 -15.86
CA VAL D 219 -4.52 40.13 -16.52
C VAL D 219 -4.73 41.55 -16.04
N ASP D 220 -5.19 42.42 -16.92
CA ASP D 220 -5.62 43.75 -16.55
C ASP D 220 -7.12 43.87 -16.72
N PHE D 221 -7.80 44.44 -15.73
CA PHE D 221 -9.25 44.47 -15.73
C PHE D 221 -9.81 45.86 -15.97
N ARG D 222 -10.30 46.08 -17.19
CA ARG D 222 -11.12 47.23 -17.49
C ARG D 222 -12.56 46.77 -17.58
N TRP D 223 -12.74 45.45 -17.58
CA TRP D 223 -14.06 44.85 -17.76
C TRP D 223 -14.75 44.56 -16.43
N ILE D 224 -14.04 44.75 -15.32
CA ILE D 224 -14.67 44.67 -14.01
C ILE D 224 -15.53 45.91 -13.79
N ASP D 225 -15.17 46.98 -14.49
CA ASP D 225 -15.96 48.21 -14.50
C ASP D 225 -17.12 48.05 -15.49
N ASP D 226 -16.90 47.23 -16.51
CA ASP D 226 -17.91 46.94 -17.52
C ASP D 226 -19.05 46.14 -16.89
N ARG D 227 -18.71 45.22 -16.00
CA ARG D 227 -19.70 44.44 -15.28
C ARG D 227 -20.48 45.34 -14.32
N ARG D 228 -19.83 46.43 -13.90
CA ARG D 228 -20.46 47.39 -12.99
C ARG D 228 -21.09 48.54 -13.76
N ASN D 229 -20.86 48.59 -15.07
CA ASN D 229 -21.38 49.65 -15.91
C ASN D 229 -22.89 49.52 -16.11
N ALA D 230 -23.62 50.59 -15.82
CA ALA D 230 -25.08 50.57 -15.92
C ALA D 230 -25.55 50.76 -17.35
N ALA D 231 -24.65 51.22 -18.22
CA ALA D 231 -24.99 51.51 -19.60
C ALA D 231 -24.43 50.44 -20.55
N LEU D 232 -24.01 49.32 -19.99
CA LEU D 232 -23.47 48.23 -20.79
C LEU D 232 -24.31 46.97 -20.69
N ALA D 233 -24.58 46.35 -21.83
CA ALA D 233 -25.33 45.10 -21.87
C ALA D 233 -24.49 43.96 -21.35
N ALA D 234 -25.14 42.83 -21.08
CA ALA D 234 -24.47 41.66 -20.54
C ALA D 234 -23.41 41.12 -21.52
N GLY D 235 -23.75 41.11 -22.80
CA GLY D 235 -22.84 40.61 -23.81
C GLY D 235 -21.84 41.66 -24.26
N GLU D 236 -21.94 42.85 -23.69
CA GLU D 236 -21.08 43.96 -24.05
C GLU D 236 -19.87 44.05 -23.12
N THR D 237 -19.88 43.24 -22.05
CA THR D 237 -18.85 43.31 -21.03
C THR D 237 -17.63 42.43 -21.34
N LEU D 238 -17.74 41.62 -22.38
CA LEU D 238 -16.69 40.65 -22.69
C LEU D 238 -15.58 41.21 -23.57
N ARG D 239 -15.60 42.54 -23.75
CA ARG D 239 -14.63 43.20 -24.63
C ARG D 239 -13.21 43.13 -24.09
N HIS D 240 -13.06 43.36 -22.79
CA HIS D 240 -11.74 43.35 -22.16
C HIS D 240 -11.44 42.01 -21.50
N ALA D 241 -12.36 41.06 -21.67
CA ALA D 241 -12.21 39.72 -21.09
C ALA D 241 -11.07 38.96 -21.77
N PRO D 242 -10.41 38.06 -21.02
CA PRO D 242 -9.36 37.22 -21.61
C PRO D 242 -9.91 36.27 -22.66
N GLU D 243 -9.06 35.85 -23.60
CA GLU D 243 -9.47 34.99 -24.70
C GLU D 243 -10.02 33.65 -24.19
N SER D 244 -9.45 33.17 -23.09
CA SER D 244 -9.86 31.90 -22.49
C SER D 244 -11.34 31.90 -22.12
N TRP D 245 -11.77 32.97 -21.44
CA TRP D 245 -13.14 33.06 -20.96
C TRP D 245 -14.15 33.17 -22.10
N ILE D 246 -13.86 34.00 -23.08
CA ILE D 246 -14.79 34.22 -24.19
C ILE D 246 -14.84 32.99 -25.09
N ARG D 247 -13.71 32.31 -25.26
CA ARG D 247 -13.68 31.09 -26.05
C ARG D 247 -14.37 29.97 -25.28
N TRP D 248 -14.41 30.11 -23.97
CA TRP D 248 -15.19 29.21 -23.13
C TRP D 248 -16.68 29.48 -23.29
N VAL D 249 -17.03 30.75 -23.46
CA VAL D 249 -18.40 31.14 -23.72
C VAL D 249 -18.85 30.56 -25.06
N ARG D 250 -17.96 30.60 -26.04
CA ARG D 250 -18.25 30.07 -27.36
C ARG D 250 -18.38 28.55 -27.37
N GLN D 251 -17.35 27.87 -26.87
CA GLN D 251 -17.31 26.41 -26.93
C GLN D 251 -18.15 25.74 -25.84
N GLY D 252 -17.99 26.20 -24.60
CA GLY D 252 -18.71 25.62 -23.48
C GLY D 252 -17.77 24.99 -22.47
N ARG D 253 -18.31 24.12 -21.62
CA ARG D 253 -17.53 23.48 -20.56
C ARG D 253 -16.57 22.43 -21.12
N LEU D 254 -16.62 22.20 -22.42
CA LEU D 254 -15.75 21.23 -23.07
C LEU D 254 -14.38 21.84 -23.34
N ALA D 255 -14.29 23.17 -23.24
CA ALA D 255 -13.05 23.88 -23.52
C ALA D 255 -12.27 24.18 -22.25
N ILE D 256 -12.82 23.77 -21.10
CA ILE D 256 -12.19 24.01 -19.81
C ILE D 256 -10.77 23.41 -19.68
N PRO D 257 -10.57 22.15 -20.12
CA PRO D 257 -9.19 21.63 -20.01
C PRO D 257 -8.18 22.40 -20.85
N GLY D 258 -8.63 23.02 -21.93
CA GLY D 258 -7.76 23.76 -22.81
C GLY D 258 -7.47 25.16 -22.32
N ILE D 259 -8.44 25.75 -21.62
CA ILE D 259 -8.30 27.13 -21.14
C ILE D 259 -7.75 27.21 -19.72
N ARG D 260 -7.67 26.07 -19.04
CA ARG D 260 -7.20 26.04 -17.66
C ARG D 260 -5.74 26.50 -17.56
N ARG D 261 -5.44 27.30 -16.55
CA ARG D 261 -4.11 27.86 -16.36
C ARG D 261 -3.07 26.77 -16.09
N ARG D 262 -1.93 26.88 -16.75
CA ARG D 262 -0.86 25.90 -16.58
C ARG D 262 0.49 26.58 -16.36
N VAL D 263 1.09 26.33 -15.20
CA VAL D 263 2.39 26.92 -14.88
C VAL D 263 3.42 25.83 -14.62
N LEU D 264 4.51 25.87 -15.39
CA LEU D 264 5.57 24.88 -15.25
C LEU D 264 6.73 25.44 -14.44
N ALA D 265 7.31 24.60 -13.59
CA ALA D 265 8.43 25.00 -12.74
C ALA D 265 9.67 25.31 -13.57
N SER D 266 9.85 24.57 -14.66
CA SER D 266 10.98 24.77 -15.55
C SER D 266 10.51 24.99 -16.98
N ALA D 267 11.35 25.65 -17.78
CA ALA D 267 11.01 25.91 -19.18
C ALA D 267 11.17 24.65 -20.00
N VAL D 268 10.35 24.52 -21.04
CA VAL D 268 10.44 23.41 -21.97
C VAL D 268 11.04 23.87 -23.29
N GLN D 269 11.78 22.97 -23.95
CA GLN D 269 12.44 23.30 -25.21
C GLN D 269 11.78 22.64 -26.41
N SER D 270 11.60 23.43 -27.46
CA SER D 270 11.09 22.93 -28.72
C SER D 270 12.10 21.98 -29.37
N SER D 271 11.65 21.22 -30.35
CA SER D 271 12.52 20.28 -31.05
C SER D 271 13.71 20.96 -31.73
N LYS D 272 13.44 22.12 -32.33
CA LYS D 272 14.45 22.89 -33.07
C LYS D 272 15.65 23.29 -32.24
N GLU D 273 15.40 23.67 -30.99
CA GLU D 273 16.44 24.23 -30.13
C GLU D 273 17.37 23.17 -29.58
N GLN D 274 16.83 21.97 -29.35
CA GLN D 274 17.62 20.87 -28.82
C GLN D 274 18.62 20.38 -29.84
N GLN D 275 18.15 20.19 -31.07
CA GLN D 275 18.98 19.70 -32.17
C GLN D 275 19.94 20.77 -32.67
N PRO D 276 21.07 20.34 -33.26
CA PRO D 276 21.93 21.29 -33.98
C PRO D 276 21.24 21.83 -35.23
N ALA D 277 21.75 22.93 -35.79
CA ALA D 277 21.16 23.52 -36.99
C ALA D 277 21.11 22.49 -38.11
N SER D 278 20.09 22.59 -38.96
CA SER D 278 19.89 21.63 -40.04
C SER D 278 21.04 21.67 -41.05
N GLY D 279 21.47 22.88 -41.39
CA GLY D 279 22.55 23.05 -42.34
C GLY D 279 23.92 22.82 -41.72
N SER D 280 23.93 22.60 -40.41
CA SER D 280 25.19 22.40 -39.69
C SER D 280 25.74 20.99 -39.92
N ALA D 281 27.06 20.87 -39.84
CA ALA D 281 27.72 19.58 -39.99
C ALA D 281 27.61 18.77 -38.70
N GLU D 282 27.19 19.43 -37.63
CA GLU D 282 26.94 18.77 -36.36
C GLU D 282 25.74 17.85 -36.46
N ALA D 283 24.71 18.30 -37.19
CA ALA D 283 23.53 17.50 -37.44
C ALA D 283 23.87 16.34 -38.37
N ALA D 284 24.72 16.61 -39.35
CA ALA D 284 25.21 15.58 -40.25
C ALA D 284 26.00 14.54 -39.48
N THR D 285 26.81 15.00 -38.54
CA THR D 285 27.57 14.12 -37.65
C THR D 285 26.61 13.26 -36.83
N LEU D 286 25.54 13.88 -36.36
CA LEU D 286 24.51 13.19 -35.60
C LEU D 286 23.87 12.09 -36.44
N GLN D 287 23.68 12.37 -37.73
CA GLN D 287 23.10 11.40 -38.64
C GLN D 287 24.08 10.28 -38.96
N THR D 288 25.37 10.59 -38.95
CA THR D 288 26.40 9.56 -39.11
C THR D 288 26.39 8.66 -37.88
N LEU D 289 26.11 9.25 -36.73
CA LEU D 289 25.95 8.48 -35.50
C LEU D 289 24.72 7.59 -35.60
N TYR D 290 23.68 8.11 -36.27
CA TYR D 290 22.46 7.34 -36.50
C TYR D 290 22.73 6.14 -37.39
N LYS D 291 23.51 6.35 -38.45
CA LYS D 291 23.84 5.28 -39.39
C LYS D 291 24.76 4.24 -38.76
N PHE D 292 25.70 4.70 -37.94
CA PHE D 292 26.71 3.83 -37.36
C PHE D 292 26.16 2.96 -36.23
N TYR D 293 25.31 3.55 -35.39
CA TYR D 293 24.84 2.87 -34.19
C TYR D 293 23.44 2.27 -34.35
N ASP D 294 22.93 2.26 -35.58
CA ASP D 294 21.63 1.68 -35.85
C ASP D 294 21.66 0.16 -35.70
N GLY D 295 22.71 -0.46 -36.22
CA GLY D 295 22.86 -1.90 -36.12
C GLY D 295 23.28 -2.34 -34.73
N ARG D 296 24.25 -1.64 -34.16
CA ARG D 296 24.77 -1.97 -32.84
C ARG D 296 24.23 -1.00 -31.79
N LYS D 297 23.23 -1.47 -31.03
CA LYS D 297 22.64 -0.66 -29.97
C LYS D 297 23.54 -0.64 -28.74
N HIS D 298 24.41 -1.64 -28.64
CA HIS D 298 25.25 -1.84 -27.48
C HIS D 298 26.34 -0.76 -27.43
N ALA D 299 26.95 -0.52 -28.59
CA ALA D 299 27.94 0.54 -28.73
C ALA D 299 27.30 1.86 -28.35
N PHE D 300 26.18 2.15 -28.99
CA PHE D 300 25.36 3.32 -28.67
C PHE D 300 25.11 3.47 -27.17
N GLU D 301 24.90 2.34 -26.49
CA GLU D 301 24.74 2.35 -25.04
C GLU D 301 26.04 2.77 -24.33
N LEU D 302 27.17 2.20 -24.73
CA LEU D 302 28.46 2.53 -24.12
C LEU D 302 28.78 4.02 -24.31
N LEU D 303 28.55 4.51 -25.52
CA LEU D 303 28.73 5.91 -25.84
C LEU D 303 27.80 6.78 -25.00
N ALA D 304 26.57 6.30 -24.80
CA ALA D 304 25.61 7.01 -23.96
C ALA D 304 26.16 7.14 -22.54
N SER D 305 26.84 6.09 -22.09
CA SER D 305 27.47 6.12 -20.77
C SER D 305 28.58 7.17 -20.71
N ARG D 306 29.43 7.20 -21.73
CA ARG D 306 30.49 8.19 -21.83
C ARG D 306 29.96 9.62 -21.81
N VAL D 307 28.95 9.86 -22.64
CA VAL D 307 28.32 11.18 -22.77
C VAL D 307 27.68 11.61 -21.46
N ALA D 308 26.89 10.73 -20.86
CA ALA D 308 26.24 11.01 -19.59
C ALA D 308 27.28 11.35 -18.52
N ALA D 309 28.39 10.62 -18.55
CA ALA D 309 29.50 10.89 -17.66
C ALA D 309 30.04 12.30 -17.87
N GLU D 310 30.23 12.67 -19.13
CA GLU D 310 30.75 13.99 -19.49
C GLU D 310 29.79 15.10 -19.06
N VAL D 311 28.50 14.82 -19.09
CA VAL D 311 27.49 15.79 -18.68
C VAL D 311 27.51 15.98 -17.17
N PHE D 312 27.49 14.86 -16.44
CA PHE D 312 27.51 14.90 -14.98
C PHE D 312 28.79 15.54 -14.47
N ARG D 313 29.88 15.38 -15.21
CA ARG D 313 31.15 16.01 -14.85
C ARG D 313 31.18 17.47 -15.32
N GLU D 314 30.36 17.79 -16.30
CA GLU D 314 30.24 19.16 -16.79
C GLU D 314 29.43 19.99 -15.79
N SER D 315 28.55 19.33 -15.04
CA SER D 315 27.76 20.00 -14.02
C SER D 315 28.61 20.39 -12.83
N GLY D 316 29.83 19.85 -12.77
CA GLY D 316 30.74 20.12 -11.67
C GLY D 316 30.56 19.12 -10.54
N ALA D 317 29.93 18.00 -10.86
CA ALA D 317 29.66 16.96 -9.87
C ALA D 317 30.52 15.72 -10.14
N ARG D 318 30.77 14.96 -9.09
CA ARG D 318 31.59 13.75 -9.18
C ARG D 318 30.77 12.58 -9.71
N TYR D 319 31.25 11.94 -10.77
CA TYR D 319 30.54 10.81 -11.35
C TYR D 319 31.46 9.66 -11.73
N LYS D 320 31.00 8.44 -11.43
CA LYS D 320 31.66 7.24 -11.87
C LYS D 320 30.64 6.33 -12.55
N GLU D 321 31.02 5.74 -13.68
CA GLU D 321 30.14 4.83 -14.38
C GLU D 321 30.35 3.40 -13.92
N GLY D 322 29.33 2.82 -13.30
CA GLY D 322 29.41 1.46 -12.80
C GLY D 322 29.63 0.45 -13.90
N TRP D 323 28.65 0.30 -14.78
CA TRP D 323 28.73 -0.67 -15.86
C TRP D 323 27.56 -0.55 -16.82
N LEU D 324 27.27 -1.63 -17.54
CA LEU D 324 26.06 -1.72 -18.34
C LEU D 324 25.23 -2.89 -17.84
N SER D 325 23.95 -2.63 -17.58
CA SER D 325 23.07 -3.64 -16.99
C SER D 325 23.11 -4.93 -17.80
N ARG D 326 22.65 -4.86 -19.03
CA ARG D 326 22.65 -6.04 -19.89
C ARG D 326 23.01 -5.67 -21.33
N SER D 327 23.58 -6.63 -22.05
CA SER D 327 23.74 -6.49 -23.50
C SER D 327 22.60 -7.24 -24.19
N SER D 328 21.86 -8.02 -23.40
CA SER D 328 20.74 -8.81 -23.91
C SER D 328 19.60 -8.89 -22.91
N GLY D 329 18.44 -9.34 -23.37
CA GLY D 329 17.28 -9.49 -22.51
C GLY D 329 16.51 -8.21 -22.33
N ASP D 330 16.91 -7.17 -23.06
CA ASP D 330 16.20 -5.89 -23.09
C ASP D 330 16.06 -5.28 -21.69
N GLY D 331 14.84 -4.90 -21.32
CA GLY D 331 14.58 -4.33 -20.02
C GLY D 331 14.69 -2.82 -19.98
N GLY D 332 14.42 -2.24 -18.82
CA GLY D 332 14.42 -0.80 -18.66
C GLY D 332 15.79 -0.18 -18.44
N VAL D 333 16.74 -0.97 -17.97
CA VAL D 333 18.08 -0.44 -17.71
C VAL D 333 19.09 -0.89 -18.77
N ASP D 334 19.84 0.07 -19.29
CA ASP D 334 20.92 -0.24 -20.22
C ASP D 334 22.26 -0.24 -19.49
N PHE D 335 22.51 0.81 -18.71
CA PHE D 335 23.75 0.91 -17.95
C PHE D 335 23.54 1.65 -16.62
N ILE D 336 24.61 1.80 -15.85
CA ILE D 336 24.52 2.41 -14.53
C ILE D 336 25.83 3.08 -14.09
N GLY D 337 25.69 4.15 -13.32
CA GLY D 337 26.81 4.87 -12.75
C GLY D 337 26.48 5.42 -11.38
N ARG D 338 27.40 6.19 -10.79
CA ARG D 338 27.20 6.72 -9.44
C ARG D 338 27.56 8.20 -9.35
N ILE D 339 26.66 8.98 -8.75
CA ILE D 339 26.90 10.40 -8.50
C ILE D 339 27.15 10.64 -7.02
N ASP D 340 28.23 11.34 -6.70
CA ASP D 340 28.53 11.68 -5.30
C ASP D 340 28.14 13.13 -5.00
N MET D 341 27.17 13.30 -4.11
CA MET D 341 26.68 14.64 -3.78
C MET D 341 27.40 15.23 -2.58
N GLY D 342 28.19 16.27 -2.83
CA GLY D 342 28.89 16.98 -1.76
C GLY D 342 30.34 17.27 -2.07
N SER D 343 31.10 17.63 -1.03
CA SER D 343 32.52 17.91 -1.15
C SER D 343 33.35 16.87 -0.41
N LEU D 344 34.66 17.09 -0.39
CA LEU D 344 35.59 16.18 0.28
C LEU D 344 35.20 15.97 1.75
N LYS D 345 35.20 14.70 2.17
CA LYS D 345 34.85 14.30 3.53
C LYS D 345 33.40 14.64 3.90
N ALA D 346 32.59 14.97 2.90
CA ALA D 346 31.18 15.27 3.14
C ALA D 346 30.34 15.00 1.89
N SER D 347 29.84 13.77 1.77
CA SER D 347 29.10 13.39 0.57
C SER D 347 27.98 12.39 0.84
N THR D 348 27.16 12.15 -0.18
CA THR D 348 26.19 11.06 -0.13
C THR D 348 26.12 10.37 -1.49
N PRO D 349 26.00 9.03 -1.48
CA PRO D 349 25.94 8.22 -2.70
C PRO D 349 24.59 8.32 -3.40
N VAL D 350 24.60 8.42 -4.73
CA VAL D 350 23.38 8.47 -5.52
C VAL D 350 23.48 7.53 -6.72
N VAL D 351 22.64 6.50 -6.73
CA VAL D 351 22.63 5.54 -7.82
C VAL D 351 22.00 6.15 -9.08
N VAL D 352 22.76 6.15 -10.17
CA VAL D 352 22.29 6.75 -11.41
C VAL D 352 22.04 5.71 -12.49
N LEU D 353 20.77 5.52 -12.84
CA LEU D 353 20.38 4.55 -13.86
C LEU D 353 20.44 5.16 -15.26
N GLY D 354 21.41 4.74 -16.05
CA GLY D 354 21.56 5.23 -17.40
C GLY D 354 20.78 4.44 -18.42
N GLN D 355 20.02 5.15 -19.25
CA GLN D 355 19.23 4.52 -20.30
C GLN D 355 19.58 5.11 -21.67
N ALA D 356 19.54 4.26 -22.69
CA ALA D 356 19.90 4.69 -24.05
C ALA D 356 18.96 4.10 -25.10
N LYS D 357 18.40 4.97 -25.93
CA LYS D 357 17.52 4.53 -27.00
C LYS D 357 17.85 5.20 -28.33
N CYS D 358 18.08 4.37 -29.35
CA CYS D 358 18.40 4.88 -30.68
C CYS D 358 17.19 4.86 -31.58
N ILE D 359 16.77 6.03 -32.04
CA ILE D 359 15.58 6.15 -32.88
C ILE D 359 15.74 7.22 -33.97
N GLN D 360 14.83 7.20 -34.93
CA GLN D 360 14.84 8.17 -36.02
C GLN D 360 14.48 9.56 -35.52
N PRO D 361 15.13 10.60 -36.10
CA PRO D 361 14.92 12.00 -35.70
C PRO D 361 13.46 12.46 -35.86
N THR D 362 12.79 11.98 -36.89
CA THR D 362 11.40 12.37 -37.15
C THR D 362 10.50 11.94 -35.99
N SER D 363 10.63 10.69 -35.58
CA SER D 363 9.90 10.17 -34.44
C SER D 363 10.50 10.69 -33.14
N SER D 364 9.70 10.73 -32.09
CA SER D 364 10.19 11.22 -30.80
C SER D 364 9.88 10.23 -29.68
N VAL D 365 10.62 10.33 -28.58
CA VAL D 365 10.47 9.42 -27.46
C VAL D 365 9.13 9.63 -26.74
N SER D 366 8.39 8.54 -26.57
CA SER D 366 7.11 8.58 -25.89
C SER D 366 7.30 8.60 -24.38
N PRO D 367 6.38 9.25 -23.64
CA PRO D 367 6.49 9.40 -22.19
C PRO D 367 6.54 8.08 -21.43
N GLU D 368 5.89 7.05 -21.94
CA GLU D 368 5.88 5.76 -21.28
C GLU D 368 7.26 5.09 -21.30
N GLN D 369 8.02 5.37 -22.35
CA GLN D 369 9.37 4.81 -22.49
C GLN D 369 10.31 5.41 -21.45
N VAL D 370 10.12 6.69 -21.13
CA VAL D 370 10.90 7.35 -20.10
C VAL D 370 10.43 6.92 -18.72
N ALA D 371 9.12 6.83 -18.56
CA ALA D 371 8.51 6.41 -17.30
C ALA D 371 8.86 4.96 -16.98
N ARG D 372 9.26 4.21 -18.00
CA ARG D 372 9.74 2.85 -17.80
C ARG D 372 11.04 2.88 -17.02
N VAL D 373 11.83 3.91 -17.25
CA VAL D 373 13.08 4.12 -16.55
C VAL D 373 12.82 4.74 -15.18
N VAL D 374 11.85 5.65 -15.13
CA VAL D 374 11.47 6.32 -13.89
C VAL D 374 10.96 5.32 -12.85
N ALA D 375 10.20 4.34 -13.32
CA ALA D 375 9.62 3.34 -12.43
C ALA D 375 10.68 2.50 -11.72
N ARG D 376 11.84 2.35 -12.36
CA ARG D 376 12.94 1.59 -11.77
C ARG D 376 13.52 2.32 -10.58
N LEU D 377 13.50 3.66 -10.64
CA LEU D 377 14.15 4.50 -9.64
C LEU D 377 13.56 4.34 -8.24
N ARG D 378 14.42 4.04 -7.28
CA ARG D 378 14.03 4.02 -5.88
C ARG D 378 14.35 5.37 -5.25
N ARG D 379 14.14 5.50 -3.94
CA ARG D 379 14.40 6.76 -3.26
C ARG D 379 15.89 7.04 -3.20
N GLY D 380 16.29 8.22 -3.71
CA GLY D 380 17.68 8.61 -3.72
C GLY D 380 18.39 8.23 -5.01
N TRP D 381 17.61 7.92 -6.04
CA TRP D 381 18.17 7.53 -7.33
C TRP D 381 17.83 8.56 -8.41
N ILE D 382 18.67 8.65 -9.43
CA ILE D 382 18.47 9.60 -10.53
C ILE D 382 18.61 8.91 -11.89
N GLY D 383 17.62 9.10 -12.74
CA GLY D 383 17.66 8.51 -14.08
C GLY D 383 18.23 9.46 -15.10
N VAL D 384 18.72 8.90 -16.21
CA VAL D 384 19.24 9.72 -17.30
C VAL D 384 18.94 9.05 -18.64
N TYR D 385 18.32 9.79 -19.55
CA TYR D 385 17.88 9.26 -20.82
C TYR D 385 18.65 9.88 -21.99
N VAL D 386 19.34 9.05 -22.76
CA VAL D 386 20.09 9.52 -23.92
C VAL D 386 19.45 9.01 -25.22
N THR D 387 19.07 9.95 -26.08
CA THR D 387 18.44 9.61 -27.35
C THR D 387 19.03 10.40 -28.51
N THR D 388 18.90 9.86 -29.72
CA THR D 388 19.41 10.51 -30.92
C THR D 388 18.46 11.63 -31.36
N GLY D 389 17.16 11.42 -31.14
CA GLY D 389 16.17 12.39 -31.53
C GLY D 389 15.83 13.36 -30.40
N SER D 390 14.57 13.80 -30.36
CA SER D 390 14.12 14.72 -29.33
C SER D 390 13.11 14.06 -28.40
N PHE D 391 12.62 14.83 -27.43
CA PHE D 391 11.64 14.33 -26.47
C PHE D 391 10.26 14.90 -26.75
N SER D 392 9.23 14.06 -26.61
CA SER D 392 7.86 14.50 -26.82
C SER D 392 7.44 15.49 -25.74
N ARG D 393 6.41 16.28 -26.04
CA ARG D 393 5.91 17.28 -25.10
C ARG D 393 5.33 16.63 -23.84
N GLN D 394 4.60 15.53 -24.04
CA GLN D 394 3.96 14.83 -22.92
C GLN D 394 5.01 14.19 -22.01
N ALA D 395 6.15 13.83 -22.60
CA ALA D 395 7.26 13.27 -21.82
C ALA D 395 7.81 14.31 -20.85
N GLN D 396 8.16 15.47 -21.39
CA GLN D 396 8.68 16.57 -20.57
C GLN D 396 7.64 17.05 -19.55
N VAL D 397 6.37 16.98 -19.94
CA VAL D 397 5.28 17.33 -19.03
C VAL D 397 5.26 16.36 -17.84
N GLU D 398 5.30 15.07 -18.13
CA GLU D 398 5.26 14.05 -17.09
C GLU D 398 6.49 14.10 -16.20
N ILE D 399 7.63 14.49 -16.78
CA ILE D 399 8.86 14.58 -16.01
C ILE D 399 8.87 15.80 -15.09
N ILE D 400 8.57 16.97 -15.64
CA ILE D 400 8.62 18.22 -14.89
C ILE D 400 7.48 18.35 -13.88
N ASP D 401 6.25 18.15 -14.34
CA ASP D 401 5.07 18.37 -13.51
C ASP D 401 4.99 17.37 -12.34
N ASP D 402 5.37 16.13 -12.61
CA ASP D 402 5.35 15.09 -11.58
C ASP D 402 6.69 14.97 -10.88
N GLN D 403 7.60 15.88 -11.22
CA GLN D 403 8.88 16.03 -10.52
C GLN D 403 9.79 14.80 -10.55
N TYR D 404 9.77 14.06 -11.66
CA TYR D 404 10.69 12.93 -11.81
C TYR D 404 12.10 13.46 -12.08
N PRO D 405 13.09 12.97 -11.31
CA PRO D 405 14.49 13.38 -11.48
C PRO D 405 15.19 12.67 -12.63
N VAL D 406 15.02 13.18 -13.85
CA VAL D 406 15.64 12.58 -15.03
C VAL D 406 16.46 13.59 -15.83
N VAL D 407 17.71 13.25 -16.11
CA VAL D 407 18.57 14.08 -16.94
C VAL D 407 18.38 13.74 -18.42
N LEU D 408 17.90 14.70 -19.20
CA LEU D 408 17.60 14.47 -20.61
C LEU D 408 18.78 14.83 -21.52
N ILE D 409 19.17 13.91 -22.38
CA ILE D 409 20.25 14.13 -23.32
C ILE D 409 19.72 14.10 -24.76
N ALA D 410 19.67 15.27 -25.38
CA ALA D 410 19.15 15.39 -26.75
C ALA D 410 20.28 15.33 -27.77
N GLY D 411 19.92 15.50 -29.04
CA GLY D 411 20.88 15.40 -30.13
C GLY D 411 22.01 16.41 -30.07
N GLY D 412 21.66 17.68 -29.90
CA GLY D 412 22.65 18.74 -29.85
C GLY D 412 23.60 18.64 -28.67
N THR D 413 23.07 18.20 -27.54
CA THR D 413 23.87 18.04 -26.33
C THR D 413 24.95 16.98 -26.52
N LEU D 414 24.53 15.79 -26.98
CA LEU D 414 25.45 14.69 -27.21
C LEU D 414 26.40 15.01 -28.36
N ALA D 415 25.93 15.85 -29.29
CA ALA D 415 26.76 16.28 -30.41
C ALA D 415 27.89 17.18 -29.92
N ALA D 416 27.55 18.09 -29.02
CA ALA D 416 28.54 19.00 -28.41
C ALA D 416 29.53 18.20 -27.55
N THR D 417 29.00 17.25 -26.79
CA THR D 417 29.83 16.36 -25.98
C THR D 417 30.83 15.60 -26.84
N VAL D 418 30.33 15.05 -27.95
CA VAL D 418 31.18 14.36 -28.92
C VAL D 418 32.24 15.32 -29.44
N ARG D 419 31.84 16.55 -29.76
CA ARG D 419 32.77 17.57 -30.22
C ARG D 419 33.88 17.84 -29.20
N ARG D 420 33.54 17.74 -27.93
CA ARG D 420 34.53 17.86 -26.87
C ARG D 420 35.50 16.68 -26.90
N MET D 421 34.94 15.48 -26.88
CA MET D 421 35.73 14.26 -26.75
C MET D 421 36.64 13.97 -27.94
N VAL D 422 36.22 14.38 -29.14
CA VAL D 422 36.97 14.08 -30.34
C VAL D 422 38.25 14.91 -30.46
N GLN D 423 38.25 16.08 -29.85
CA GLN D 423 39.45 16.91 -29.85
C GLN D 423 40.21 16.73 -28.55
N ALA D 424 39.52 16.22 -27.53
CA ALA D 424 40.20 15.79 -26.30
C ALA D 424 41.12 14.63 -26.63
N ASN D 425 40.56 13.64 -27.32
CA ASN D 425 41.33 12.51 -27.85
C ASN D 425 41.00 12.33 -29.34
N TYR D 426 41.93 12.71 -30.20
CA TYR D 426 41.69 12.72 -31.64
C TYR D 426 42.31 11.52 -32.33
N GLY D 427 42.73 10.52 -31.55
CA GLY D 427 43.33 9.32 -32.11
C GLY D 427 42.37 8.60 -33.02
N GLY D 428 42.79 8.40 -34.27
CA GLY D 428 41.95 7.73 -35.25
C GLY D 428 40.82 8.60 -35.74
N ASP D 429 40.98 9.91 -35.58
CA ASP D 429 39.98 10.89 -36.03
C ASP D 429 38.67 10.75 -35.25
N LEU D 430 37.60 11.35 -35.79
CA LEU D 430 36.28 11.26 -35.17
C LEU D 430 35.74 9.84 -35.17
N ASP D 431 35.95 9.12 -36.28
CA ASP D 431 35.32 7.83 -36.48
C ASP D 431 35.82 6.73 -35.55
N ALA D 432 37.11 6.76 -35.21
CA ALA D 432 37.70 5.69 -34.40
C ALA D 432 37.35 5.84 -32.92
N LEU D 433 36.63 6.89 -32.59
CA LEU D 433 36.03 7.05 -31.28
C LEU D 433 34.77 6.18 -31.23
N LEU D 434 34.05 6.21 -32.35
CA LEU D 434 32.89 5.34 -32.55
C LEU D 434 33.39 3.90 -32.62
N ALA D 435 34.53 3.72 -33.29
CA ALA D 435 35.18 2.43 -33.30
C ALA D 435 35.57 2.06 -31.88
N SER D 436 36.02 3.04 -31.12
CA SER D 436 36.39 2.80 -29.73
C SER D 436 35.16 2.40 -28.90
N THR D 437 33.99 2.78 -29.41
CA THR D 437 32.73 2.44 -28.79
C THR D 437 32.42 0.98 -29.04
N VAL D 438 32.68 0.53 -30.27
CA VAL D 438 32.43 -0.86 -30.64
C VAL D 438 33.47 -1.82 -30.04
N ASP D 439 34.73 -1.40 -30.03
CA ASP D 439 35.85 -2.22 -29.59
C ASP D 439 35.82 -2.44 -28.09
N GLU D 440 35.47 -1.39 -27.35
CA GLU D 440 35.37 -1.48 -25.90
C GLU D 440 33.92 -1.68 -25.47
N TYR D 441 33.10 -2.12 -26.43
CA TYR D 441 31.67 -2.29 -26.18
C TYR D 441 31.38 -3.38 -25.17
N GLY D 442 32.25 -4.39 -25.13
CA GLY D 442 32.13 -5.47 -24.16
C GLY D 442 32.04 -4.87 -22.77
N ALA D 443 33.02 -4.02 -22.47
CA ALA D 443 32.98 -3.11 -21.33
C ALA D 443 32.56 -3.77 -20.03
N ALA D 444 32.90 -5.04 -19.88
CA ALA D 444 32.48 -5.85 -18.73
C ALA D 444 30.95 -5.96 -18.68
N VAL D 445 30.44 -6.77 -17.76
CA VAL D 445 29.00 -6.92 -17.61
C VAL D 445 28.61 -7.26 -16.18
N THR D 446 27.31 -7.20 -15.90
CA THR D 446 26.83 -7.49 -14.55
C THR D 446 25.37 -7.89 -14.52
N HIS D 447 25.06 -8.91 -13.74
CA HIS D 447 23.68 -9.26 -13.42
C HIS D 447 23.32 -8.58 -12.10
N ARG D 448 24.25 -7.76 -11.64
CA ARG D 448 24.17 -7.11 -10.33
C ARG D 448 23.05 -6.08 -10.25
N ARG D 449 22.42 -6.00 -9.07
CA ARG D 449 21.43 -4.96 -8.79
C ARG D 449 22.12 -3.60 -8.69
N PRO D 450 21.36 -2.52 -8.95
CA PRO D 450 21.92 -1.16 -8.88
C PRO D 450 22.55 -0.82 -7.54
N GLU D 451 22.05 -1.42 -6.46
CA GLU D 451 22.54 -1.12 -5.12
C GLU D 451 23.96 -1.63 -4.89
N GLU D 452 24.43 -2.50 -5.78
CA GLU D 452 25.78 -3.07 -5.65
C GLU D 452 26.85 -2.09 -6.16
N VAL D 453 26.42 -0.98 -6.74
CA VAL D 453 27.34 0.00 -7.29
C VAL D 453 27.97 0.84 -6.17
N ILE D 454 27.38 0.77 -4.98
CA ILE D 454 27.86 1.54 -3.84
C ILE D 454 29.21 1.01 -3.34
N SER D 455 29.32 -0.31 -3.26
CA SER D 455 30.53 -0.95 -2.77
C SER D 455 31.69 -0.80 -3.74
N LEU D 456 31.37 -0.61 -5.01
CA LEU D 456 32.38 -0.47 -6.06
C LEU D 456 33.18 0.83 -5.89
N1 5CM E 5 21.41 -26.22 -8.23
C2 5CM E 5 21.39 -24.86 -7.83
N3 5CM E 5 20.95 -24.49 -6.61
C4 5CM E 5 20.50 -25.42 -5.74
C5 5CM E 5 20.51 -26.84 -6.14
C5A 5CM E 5 20.02 -27.91 -5.19
C6 5CM E 5 20.96 -27.18 -7.40
O2 5CM E 5 21.80 -23.97 -8.61
N4 5CM E 5 20.05 -25.05 -4.51
C1' 5CM E 5 21.87 -26.61 -9.56
C2' 5CM E 5 23.39 -26.47 -9.71
C3' 5CM E 5 23.88 -27.81 -10.22
C4' 5CM E 5 22.66 -28.71 -10.27
O4' 5CM E 5 21.55 -27.98 -9.74
O3' 5CM E 5 24.42 -27.68 -11.53
C5' 5CM E 5 22.88 -29.99 -9.47
O5' 5CM E 5 21.71 -30.78 -9.46
P 5CM E 5 21.79 -32.30 -8.93
OP1 5CM E 5 22.40 -32.27 -7.55
OP2 5CM E 5 20.45 -32.95 -9.14
#